data_1U2F
# 
_entry.id   1U2F 
# 
_audit_conform.dict_name       mmcif_pdbx.dic 
_audit_conform.dict_version    5.383 
_audit_conform.dict_location   http://mmcif.pdb.org/dictionaries/ascii/mmcif_pdbx.dic 
# 
loop_
_database_2.database_id 
_database_2.database_code 
_database_2.pdbx_database_accession 
_database_2.pdbx_DOI 
PDB   1U2F         pdb_00001u2f 10.2210/pdb1u2f/pdb 
RCSB  RCSB001115   ?            ?                   
WWPDB D_1000001115 ?            ?                   
# 
loop_
_pdbx_audit_revision_history.ordinal 
_pdbx_audit_revision_history.data_content_type 
_pdbx_audit_revision_history.major_revision 
_pdbx_audit_revision_history.minor_revision 
_pdbx_audit_revision_history.revision_date 
1 'Structure model' 1 0 1999-08-20 
2 'Structure model' 1 1 2008-04-26 
3 'Structure model' 1 2 2011-07-13 
4 'Structure model' 1 3 2022-03-02 
5 'Structure model' 1 4 2023-12-27 
# 
_pdbx_audit_revision_details.ordinal             1 
_pdbx_audit_revision_details.revision_ordinal    1 
_pdbx_audit_revision_details.data_content_type   'Structure model' 
_pdbx_audit_revision_details.provider            repository 
_pdbx_audit_revision_details.type                'Initial release' 
_pdbx_audit_revision_details.description         ? 
_pdbx_audit_revision_details.details             ? 
# 
loop_
_pdbx_audit_revision_group.ordinal 
_pdbx_audit_revision_group.revision_ordinal 
_pdbx_audit_revision_group.data_content_type 
_pdbx_audit_revision_group.group 
1 2 'Structure model' 'Version format compliance' 
2 3 'Structure model' 'Version format compliance' 
3 4 'Structure model' 'Database references'       
4 4 'Structure model' 'Derived calculations'      
5 4 'Structure model' 'Structure summary'         
6 5 'Structure model' 'Data collection'           
# 
loop_
_pdbx_audit_revision_category.ordinal 
_pdbx_audit_revision_category.revision_ordinal 
_pdbx_audit_revision_category.data_content_type 
_pdbx_audit_revision_category.category 
1 4 'Structure model' database_2            
2 4 'Structure model' pdbx_struct_assembly  
3 4 'Structure model' pdbx_struct_oper_list 
4 4 'Structure model' struct_keywords       
5 5 'Structure model' chem_comp_atom        
6 5 'Structure model' chem_comp_bond        
# 
loop_
_pdbx_audit_revision_item.ordinal 
_pdbx_audit_revision_item.revision_ordinal 
_pdbx_audit_revision_item.data_content_type 
_pdbx_audit_revision_item.item 
1 4 'Structure model' '_database_2.pdbx_DOI'                
2 4 'Structure model' '_database_2.pdbx_database_accession' 
3 4 'Structure model' '_struct_keywords.text'               
# 
_pdbx_database_status.status_code                     REL 
_pdbx_database_status.entry_id                        1U2F 
_pdbx_database_status.recvd_initial_deposition_date   1999-05-26 
_pdbx_database_status.deposit_site                    BNL 
_pdbx_database_status.process_site                    RCSB 
_pdbx_database_status.status_code_mr                  REL 
_pdbx_database_status.SG_entry                        Y 
_pdbx_database_status.status_code_sf                  ? 
_pdbx_database_status.pdb_format_compatible           Y 
_pdbx_database_status.status_code_cs                  ? 
_pdbx_database_status.status_code_nmr_data            ? 
_pdbx_database_status.methods_development_category    ? 
# 
loop_
_pdbx_database_related.db_name 
_pdbx_database_related.db_id 
_pdbx_database_related.details 
_pdbx_database_related.content_type 
PDB      2U2F           . unspecified 
TargetDB ar_001000503.1 . unspecified 
# 
loop_
_audit_author.name 
_audit_author.pdbx_ordinal 
'Ito, T.'                                                1 
'Muto, Y.'                                               2 
'Green, M.R.'                                            3 
'Yokoyama, S.'                                           4 
'RIKEN Structural Genomics/Proteomics Initiative (RSGI)' 5 
# 
_citation.id                        primary 
_citation.title                     
;Solution structures of the first and second RNA-binding domains of human U2 small nuclear ribonucleoprotein particle auxiliary factor (U2AF(65)).
;
_citation.journal_abbrev            'EMBO J.' 
_citation.journal_volume            18 
_citation.page_first                4523 
_citation.page_last                 4534 
_citation.year                      1999 
_citation.journal_id_ASTM           EMJODG 
_citation.country                   UK 
_citation.journal_id_ISSN           0261-4189 
_citation.journal_id_CSD            0897 
_citation.book_publisher            ? 
_citation.pdbx_database_id_PubMed   10449418 
_citation.pdbx_database_id_DOI      10.1093/emboj/18.16.4523 
# 
loop_
_citation_author.citation_id 
_citation_author.name 
_citation_author.ordinal 
_citation_author.identifier_ORCID 
primary 'Ito, T.'      1 ? 
primary 'Muto, Y.'     2 ? 
primary 'Green, M.R.'  3 ? 
primary 'Yokoyama, S.' 4 ? 
# 
_entity.id                         1 
_entity.type                       polymer 
_entity.src_method                 man 
_entity.pdbx_description           'PROTEIN (SPLICING FACTOR U2AF 65 KD SUBUNIT)' 
_entity.formula_weight             10127.513 
_entity.pdbx_number_of_molecules   1 
_entity.pdbx_ec                    ? 
_entity.pdbx_mutation              ? 
_entity.pdbx_fragment              'FIRST RNA-BINDING DOMAIN' 
_entity.details                    ? 
# 
_entity_poly.entity_id                      1 
_entity_poly.type                           'polypeptide(L)' 
_entity_poly.nstd_linkage                   no 
_entity_poly.nstd_monomer                   no 
_entity_poly.pdbx_seq_one_letter_code       
;ARRLYVGNIPFGITEEAMMDFFNAQMRLGGLTQAPGNPVLAVQINQDKNFAFLEFRSVDETTQAMAFDGIIFQGQSLKIR
RPHDYQPLPG
;
_entity_poly.pdbx_seq_one_letter_code_can   
;ARRLYVGNIPFGITEEAMMDFFNAQMRLGGLTQAPGNPVLAVQINQDKNFAFLEFRSVDETTQAMAFDGIIFQGQSLKIR
RPHDYQPLPG
;
_entity_poly.pdbx_strand_id                 A 
_entity_poly.pdbx_target_identifier         ar_001000503.1 
# 
loop_
_entity_poly_seq.entity_id 
_entity_poly_seq.num 
_entity_poly_seq.mon_id 
_entity_poly_seq.hetero 
1 1  ALA n 
1 2  ARG n 
1 3  ARG n 
1 4  LEU n 
1 5  TYR n 
1 6  VAL n 
1 7  GLY n 
1 8  ASN n 
1 9  ILE n 
1 10 PRO n 
1 11 PHE n 
1 12 GLY n 
1 13 ILE n 
1 14 THR n 
1 15 GLU n 
1 16 GLU n 
1 17 ALA n 
1 18 MET n 
1 19 MET n 
1 20 ASP n 
1 21 PHE n 
1 22 PHE n 
1 23 ASN n 
1 24 ALA n 
1 25 GLN n 
1 26 MET n 
1 27 ARG n 
1 28 LEU n 
1 29 GLY n 
1 30 GLY n 
1 31 LEU n 
1 32 THR n 
1 33 GLN n 
1 34 ALA n 
1 35 PRO n 
1 36 GLY n 
1 37 ASN n 
1 38 PRO n 
1 39 VAL n 
1 40 LEU n 
1 41 ALA n 
1 42 VAL n 
1 43 GLN n 
1 44 ILE n 
1 45 ASN n 
1 46 GLN n 
1 47 ASP n 
1 48 LYS n 
1 49 ASN n 
1 50 PHE n 
1 51 ALA n 
1 52 PHE n 
1 53 LEU n 
1 54 GLU n 
1 55 PHE n 
1 56 ARG n 
1 57 SER n 
1 58 VAL n 
1 59 ASP n 
1 60 GLU n 
1 61 THR n 
1 62 THR n 
1 63 GLN n 
1 64 ALA n 
1 65 MET n 
1 66 ALA n 
1 67 PHE n 
1 68 ASP n 
1 69 GLY n 
1 70 ILE n 
1 71 ILE n 
1 72 PHE n 
1 73 GLN n 
1 74 GLY n 
1 75 GLN n 
1 76 SER n 
1 77 LEU n 
1 78 LYS n 
1 79 ILE n 
1 80 ARG n 
1 81 ARG n 
1 82 PRO n 
1 83 HIS n 
1 84 ASP n 
1 85 TYR n 
1 86 GLN n 
1 87 PRO n 
1 88 LEU n 
1 89 PRO n 
1 90 GLY n 
# 
_entity_src_gen.entity_id                          1 
_entity_src_gen.pdbx_src_id                        1 
_entity_src_gen.pdbx_alt_source_flag               sample 
_entity_src_gen.pdbx_seq_type                      ? 
_entity_src_gen.pdbx_beg_seq_num                   ? 
_entity_src_gen.pdbx_end_seq_num                   ? 
_entity_src_gen.gene_src_common_name               human 
_entity_src_gen.gene_src_genus                     Homo 
_entity_src_gen.pdbx_gene_src_gene                 ? 
_entity_src_gen.gene_src_species                   ? 
_entity_src_gen.gene_src_strain                    ? 
_entity_src_gen.gene_src_tissue                    ? 
_entity_src_gen.gene_src_tissue_fraction           ? 
_entity_src_gen.gene_src_details                   ? 
_entity_src_gen.pdbx_gene_src_fragment             ? 
_entity_src_gen.pdbx_gene_src_scientific_name      'Homo sapiens' 
_entity_src_gen.pdbx_gene_src_ncbi_taxonomy_id     9606 
_entity_src_gen.pdbx_gene_src_variant              ? 
_entity_src_gen.pdbx_gene_src_cell_line            ? 
_entity_src_gen.pdbx_gene_src_atcc                 ? 
_entity_src_gen.pdbx_gene_src_organ                ? 
_entity_src_gen.pdbx_gene_src_organelle            ? 
_entity_src_gen.pdbx_gene_src_cell                 ? 
_entity_src_gen.pdbx_gene_src_cellular_location    ? 
_entity_src_gen.host_org_common_name               ? 
_entity_src_gen.pdbx_host_org_scientific_name      'Escherichia coli' 
_entity_src_gen.pdbx_host_org_ncbi_taxonomy_id     562 
_entity_src_gen.host_org_genus                     Escherichia 
_entity_src_gen.pdbx_host_org_gene                 ? 
_entity_src_gen.pdbx_host_org_organ                ? 
_entity_src_gen.host_org_species                   ? 
_entity_src_gen.pdbx_host_org_tissue               ? 
_entity_src_gen.pdbx_host_org_tissue_fraction      ? 
_entity_src_gen.pdbx_host_org_strain               ? 
_entity_src_gen.pdbx_host_org_variant              ? 
_entity_src_gen.pdbx_host_org_cell_line            'BL21 (DE3)' 
_entity_src_gen.pdbx_host_org_atcc                 ? 
_entity_src_gen.pdbx_host_org_culture_collection   ? 
_entity_src_gen.pdbx_host_org_cell                 ? 
_entity_src_gen.pdbx_host_org_organelle            ? 
_entity_src_gen.pdbx_host_org_cellular_location    ? 
_entity_src_gen.pdbx_host_org_vector_type          PLASMID 
_entity_src_gen.pdbx_host_org_vector               ? 
_entity_src_gen.host_org_details                   ? 
_entity_src_gen.expression_system_id               ? 
_entity_src_gen.plasmid_name                       PK7 
_entity_src_gen.plasmid_details                    ? 
_entity_src_gen.pdbx_description                   ? 
# 
loop_
_chem_comp.id 
_chem_comp.type 
_chem_comp.mon_nstd_flag 
_chem_comp.name 
_chem_comp.pdbx_synonyms 
_chem_comp.formula 
_chem_comp.formula_weight 
ALA 'L-peptide linking' y ALANINE         ? 'C3 H7 N O2'     89.093  
ARG 'L-peptide linking' y ARGININE        ? 'C6 H15 N4 O2 1' 175.209 
ASN 'L-peptide linking' y ASPARAGINE      ? 'C4 H8 N2 O3'    132.118 
ASP 'L-peptide linking' y 'ASPARTIC ACID' ? 'C4 H7 N O4'     133.103 
GLN 'L-peptide linking' y GLUTAMINE       ? 'C5 H10 N2 O3'   146.144 
GLU 'L-peptide linking' y 'GLUTAMIC ACID' ? 'C5 H9 N O4'     147.129 
GLY 'peptide linking'   y GLYCINE         ? 'C2 H5 N O2'     75.067  
HIS 'L-peptide linking' y HISTIDINE       ? 'C6 H10 N3 O2 1' 156.162 
ILE 'L-peptide linking' y ISOLEUCINE      ? 'C6 H13 N O2'    131.173 
LEU 'L-peptide linking' y LEUCINE         ? 'C6 H13 N O2'    131.173 
LYS 'L-peptide linking' y LYSINE          ? 'C6 H15 N2 O2 1' 147.195 
MET 'L-peptide linking' y METHIONINE      ? 'C5 H11 N O2 S'  149.211 
PHE 'L-peptide linking' y PHENYLALANINE   ? 'C9 H11 N O2'    165.189 
PRO 'L-peptide linking' y PROLINE         ? 'C5 H9 N O2'     115.130 
SER 'L-peptide linking' y SERINE          ? 'C3 H7 N O3'     105.093 
THR 'L-peptide linking' y THREONINE       ? 'C4 H9 N O3'     119.119 
TYR 'L-peptide linking' y TYROSINE        ? 'C9 H11 N O3'    181.189 
VAL 'L-peptide linking' y VALINE          ? 'C5 H11 N O2'    117.146 
# 
loop_
_pdbx_poly_seq_scheme.asym_id 
_pdbx_poly_seq_scheme.entity_id 
_pdbx_poly_seq_scheme.seq_id 
_pdbx_poly_seq_scheme.mon_id 
_pdbx_poly_seq_scheme.ndb_seq_num 
_pdbx_poly_seq_scheme.pdb_seq_num 
_pdbx_poly_seq_scheme.auth_seq_num 
_pdbx_poly_seq_scheme.pdb_mon_id 
_pdbx_poly_seq_scheme.auth_mon_id 
_pdbx_poly_seq_scheme.pdb_strand_id 
_pdbx_poly_seq_scheme.pdb_ins_code 
_pdbx_poly_seq_scheme.hetero 
A 1 1  ALA 1  1  1  ALA ALA A . n 
A 1 2  ARG 2  2  2  ARG ARG A . n 
A 1 3  ARG 3  3  3  ARG ARG A . n 
A 1 4  LEU 4  4  4  LEU LEU A . n 
A 1 5  TYR 5  5  5  TYR TYR A . n 
A 1 6  VAL 6  6  6  VAL VAL A . n 
A 1 7  GLY 7  7  7  GLY GLY A . n 
A 1 8  ASN 8  8  8  ASN ASN A . n 
A 1 9  ILE 9  9  9  ILE ILE A . n 
A 1 10 PRO 10 10 10 PRO PRO A . n 
A 1 11 PHE 11 11 11 PHE PHE A . n 
A 1 12 GLY 12 12 12 GLY GLY A . n 
A 1 13 ILE 13 13 13 ILE ILE A . n 
A 1 14 THR 14 14 14 THR THR A . n 
A 1 15 GLU 15 15 15 GLU GLU A . n 
A 1 16 GLU 16 16 16 GLU GLU A . n 
A 1 17 ALA 17 17 17 ALA ALA A . n 
A 1 18 MET 18 18 18 MET MET A . n 
A 1 19 MET 19 19 19 MET MET A . n 
A 1 20 ASP 20 20 20 ASP ASP A . n 
A 1 21 PHE 21 21 21 PHE PHE A . n 
A 1 22 PHE 22 22 22 PHE PHE A . n 
A 1 23 ASN 23 23 23 ASN ASN A . n 
A 1 24 ALA 24 24 24 ALA ALA A . n 
A 1 25 GLN 25 25 25 GLN GLN A . n 
A 1 26 MET 26 26 26 MET MET A . n 
A 1 27 ARG 27 27 27 ARG ARG A . n 
A 1 28 LEU 28 28 28 LEU LEU A . n 
A 1 29 GLY 29 29 29 GLY GLY A . n 
A 1 30 GLY 30 30 30 GLY GLY A . n 
A 1 31 LEU 31 31 31 LEU LEU A . n 
A 1 32 THR 32 32 32 THR THR A . n 
A 1 33 GLN 33 33 33 GLN GLN A . n 
A 1 34 ALA 34 34 34 ALA ALA A . n 
A 1 35 PRO 35 35 35 PRO PRO A . n 
A 1 36 GLY 36 36 36 GLY GLY A . n 
A 1 37 ASN 37 37 37 ASN ASN A . n 
A 1 38 PRO 38 38 38 PRO PRO A . n 
A 1 39 VAL 39 39 39 VAL VAL A . n 
A 1 40 LEU 40 40 40 LEU LEU A . n 
A 1 41 ALA 41 41 41 ALA ALA A . n 
A 1 42 VAL 42 42 42 VAL VAL A . n 
A 1 43 GLN 43 43 43 GLN GLN A . n 
A 1 44 ILE 44 44 44 ILE ILE A . n 
A 1 45 ASN 45 45 45 ASN ASN A . n 
A 1 46 GLN 46 46 46 GLN GLN A . n 
A 1 47 ASP 47 47 47 ASP ASP A . n 
A 1 48 LYS 48 48 48 LYS LYS A . n 
A 1 49 ASN 49 49 49 ASN ASN A . n 
A 1 50 PHE 50 50 50 PHE PHE A . n 
A 1 51 ALA 51 51 51 ALA ALA A . n 
A 1 52 PHE 52 52 52 PHE PHE A . n 
A 1 53 LEU 53 53 53 LEU LEU A . n 
A 1 54 GLU 54 54 54 GLU GLU A . n 
A 1 55 PHE 55 55 55 PHE PHE A . n 
A 1 56 ARG 56 56 56 ARG ARG A . n 
A 1 57 SER 57 57 57 SER SER A . n 
A 1 58 VAL 58 58 58 VAL VAL A . n 
A 1 59 ASP 59 59 59 ASP ASP A . n 
A 1 60 GLU 60 60 60 GLU GLU A . n 
A 1 61 THR 61 61 61 THR THR A . n 
A 1 62 THR 62 62 62 THR THR A . n 
A 1 63 GLN 63 63 63 GLN GLN A . n 
A 1 64 ALA 64 64 64 ALA ALA A . n 
A 1 65 MET 65 65 65 MET MET A . n 
A 1 66 ALA 66 66 66 ALA ALA A . n 
A 1 67 PHE 67 67 67 PHE PHE A . n 
A 1 68 ASP 68 68 68 ASP ASP A . n 
A 1 69 GLY 69 69 69 GLY GLY A . n 
A 1 70 ILE 70 70 70 ILE ILE A . n 
A 1 71 ILE 71 71 71 ILE ILE A . n 
A 1 72 PHE 72 72 72 PHE PHE A . n 
A 1 73 GLN 73 73 73 GLN GLN A . n 
A 1 74 GLY 74 74 74 GLY GLY A . n 
A 1 75 GLN 75 75 75 GLN GLN A . n 
A 1 76 SER 76 76 76 SER SER A . n 
A 1 77 LEU 77 77 77 LEU LEU A . n 
A 1 78 LYS 78 78 78 LYS LYS A . n 
A 1 79 ILE 79 79 79 ILE ILE A . n 
A 1 80 ARG 80 80 80 ARG ARG A . n 
A 1 81 ARG 81 81 81 ARG ARG A . n 
A 1 82 PRO 82 82 82 PRO PRO A . n 
A 1 83 HIS 83 83 83 HIS HIS A . n 
A 1 84 ASP 84 84 84 ASP ASP A . n 
A 1 85 TYR 85 85 85 TYR TYR A . n 
A 1 86 GLN 86 86 86 GLN GLN A . n 
A 1 87 PRO 87 87 87 PRO PRO A . n 
A 1 88 LEU 88 88 88 LEU LEU A . n 
A 1 89 PRO 89 89 89 PRO PRO A . n 
A 1 90 GLY 90 90 90 GLY GLY A . n 
# 
_cell.entry_id           1U2F 
_cell.length_a           1.000 
_cell.length_b           1.000 
_cell.length_c           1.000 
_cell.angle_alpha        90.00 
_cell.angle_beta         90.00 
_cell.angle_gamma        90.00 
_cell.Z_PDB              1 
_cell.pdbx_unique_axis   ? 
# 
_symmetry.entry_id                         1U2F 
_symmetry.space_group_name_H-M             'P 1' 
_symmetry.pdbx_full_space_group_name_H-M   ? 
_symmetry.cell_setting                     ? 
_symmetry.Int_Tables_number                1 
# 
_exptl.entry_id          1U2F 
_exptl.method            'SOLUTION NMR' 
_exptl.crystals_number   ? 
# 
_struct.entry_id                  1U2F 
_struct.title                     'SOLUTION STRUCTURE OF THE FIRST RNA-BINDING DOMAIN OF HU2AF65' 
_struct.pdbx_model_details        ? 
_struct.pdbx_CASP_flag            ? 
_struct.pdbx_model_type_details   ? 
# 
_struct_keywords.entry_id        1U2F 
_struct_keywords.pdbx_keywords   'RNA BINDING PROTEIN' 
_struct_keywords.text            
;SPLICING, U2 SNRNP, RBD, RIKEN Structural Genomics/Proteomics Initiative, RSGI, Structural Genomics, RNA-BINDING PROTEIN, RNA BINDING PROTEIN
;
# 
_struct_asym.id                            A 
_struct_asym.pdbx_blank_PDB_chainid_flag   N 
_struct_asym.pdbx_modified                 N 
_struct_asym.entity_id                     1 
_struct_asym.details                       ? 
# 
_struct_ref.id                         1 
_struct_ref.db_name                    UNP 
_struct_ref.db_code                    U2AF2_HUMAN 
_struct_ref.entity_id                  1 
_struct_ref.pdbx_db_accession          P26368 
_struct_ref.pdbx_align_begin           ? 
_struct_ref.pdbx_seq_one_letter_code   ? 
_struct_ref.pdbx_db_isoform            ? 
# 
_struct_ref_seq.align_id                      1 
_struct_ref_seq.ref_id                        1 
_struct_ref_seq.pdbx_PDB_id_code              1U2F 
_struct_ref_seq.pdbx_strand_id                A 
_struct_ref_seq.seq_align_beg                 1 
_struct_ref_seq.pdbx_seq_align_beg_ins_code   ? 
_struct_ref_seq.seq_align_end                 90 
_struct_ref_seq.pdbx_seq_align_end_ins_code   ? 
_struct_ref_seq.pdbx_db_accession             P26368 
_struct_ref_seq.db_align_beg                  148 
_struct_ref_seq.pdbx_db_align_beg_ins_code    ? 
_struct_ref_seq.db_align_end                  237 
_struct_ref_seq.pdbx_db_align_end_ins_code    ? 
_struct_ref_seq.pdbx_auth_seq_align_beg       1 
_struct_ref_seq.pdbx_auth_seq_align_end       90 
# 
_pdbx_struct_assembly.id                   1 
_pdbx_struct_assembly.details              author_defined_assembly 
_pdbx_struct_assembly.method_details       ? 
_pdbx_struct_assembly.oligomeric_details   monomeric 
_pdbx_struct_assembly.oligomeric_count     1 
# 
_pdbx_struct_assembly_gen.assembly_id       1 
_pdbx_struct_assembly_gen.oper_expression   1 
_pdbx_struct_assembly_gen.asym_id_list      A 
# 
_pdbx_struct_oper_list.id                   1 
_pdbx_struct_oper_list.type                 'identity operation' 
_pdbx_struct_oper_list.name                 1_555 
_pdbx_struct_oper_list.symmetry_operation   x,y,z 
_pdbx_struct_oper_list.matrix[1][1]         1.0000000000 
_pdbx_struct_oper_list.matrix[1][2]         0.0000000000 
_pdbx_struct_oper_list.matrix[1][3]         0.0000000000 
_pdbx_struct_oper_list.vector[1]            0.0000000000 
_pdbx_struct_oper_list.matrix[2][1]         0.0000000000 
_pdbx_struct_oper_list.matrix[2][2]         1.0000000000 
_pdbx_struct_oper_list.matrix[2][3]         0.0000000000 
_pdbx_struct_oper_list.vector[2]            0.0000000000 
_pdbx_struct_oper_list.matrix[3][1]         0.0000000000 
_pdbx_struct_oper_list.matrix[3][2]         0.0000000000 
_pdbx_struct_oper_list.matrix[3][3]         1.0000000000 
_pdbx_struct_oper_list.vector[3]            0.0000000000 
# 
_struct_biol.id   1 
# 
loop_
_struct_conf.conf_type_id 
_struct_conf.id 
_struct_conf.pdbx_PDB_helix_id 
_struct_conf.beg_label_comp_id 
_struct_conf.beg_label_asym_id 
_struct_conf.beg_label_seq_id 
_struct_conf.pdbx_beg_PDB_ins_code 
_struct_conf.end_label_comp_id 
_struct_conf.end_label_asym_id 
_struct_conf.end_label_seq_id 
_struct_conf.pdbx_end_PDB_ins_code 
_struct_conf.beg_auth_comp_id 
_struct_conf.beg_auth_asym_id 
_struct_conf.beg_auth_seq_id 
_struct_conf.end_auth_comp_id 
_struct_conf.end_auth_asym_id 
_struct_conf.end_auth_seq_id 
_struct_conf.pdbx_PDB_helix_class 
_struct_conf.details 
_struct_conf.pdbx_PDB_helix_length 
HELX_P HELX_P1 H1 GLU A 16 ? LEU A 28 ? GLU A 16 LEU A 28 1 ? 13 
HELX_P HELX_P2 H2 GLU A 60 ? ASP A 68 ? GLU A 60 ASP A 68 1 ? 9  
# 
_struct_conf_type.id          HELX_P 
_struct_conf_type.criteria    ? 
_struct_conf_type.reference   ? 
# 
loop_
_struct_sheet.id 
_struct_sheet.type 
_struct_sheet.number_strands 
_struct_sheet.details 
S1 ? 1 ? 
S2 ? 1 ? 
S3 ? 1 ? 
S4 ? 1 ? 
# 
loop_
_struct_sheet_range.sheet_id 
_struct_sheet_range.id 
_struct_sheet_range.beg_label_comp_id 
_struct_sheet_range.beg_label_asym_id 
_struct_sheet_range.beg_label_seq_id 
_struct_sheet_range.pdbx_beg_PDB_ins_code 
_struct_sheet_range.end_label_comp_id 
_struct_sheet_range.end_label_asym_id 
_struct_sheet_range.end_label_seq_id 
_struct_sheet_range.pdbx_end_PDB_ins_code 
_struct_sheet_range.beg_auth_comp_id 
_struct_sheet_range.beg_auth_asym_id 
_struct_sheet_range.beg_auth_seq_id 
_struct_sheet_range.end_auth_comp_id 
_struct_sheet_range.end_auth_asym_id 
_struct_sheet_range.end_auth_seq_id 
S1 1 ALA A 41 ? ASN A 45 ? ALA A 41 ASN A 45 
S2 1 PHE A 50 ? GLU A 54 ? PHE A 50 GLU A 54 
S3 1 ARG A 3  ? GLY A 7  ? ARG A 3  GLY A 7  
S4 1 LYS A 78 ? ARG A 81 ? LYS A 78 ARG A 81 
# 
loop_
_pdbx_validate_close_contact.id 
_pdbx_validate_close_contact.PDB_model_num 
_pdbx_validate_close_contact.auth_atom_id_1 
_pdbx_validate_close_contact.auth_asym_id_1 
_pdbx_validate_close_contact.auth_comp_id_1 
_pdbx_validate_close_contact.auth_seq_id_1 
_pdbx_validate_close_contact.PDB_ins_code_1 
_pdbx_validate_close_contact.label_alt_id_1 
_pdbx_validate_close_contact.auth_atom_id_2 
_pdbx_validate_close_contact.auth_asym_id_2 
_pdbx_validate_close_contact.auth_comp_id_2 
_pdbx_validate_close_contact.auth_seq_id_2 
_pdbx_validate_close_contact.PDB_ins_code_2 
_pdbx_validate_close_contact.label_alt_id_2 
_pdbx_validate_close_contact.dist 
1 1 O A GLN 63 ? ? H A ALA 66 ? ? 1.48 
2 1 O A GLU 60 ? ? H A ALA 64 ? ? 1.53 
3 1 H A LEU 40 ? ? O A GLU 54 ? ? 1.56 
# 
loop_
_pdbx_validate_torsion.id 
_pdbx_validate_torsion.PDB_model_num 
_pdbx_validate_torsion.auth_comp_id 
_pdbx_validate_torsion.auth_asym_id 
_pdbx_validate_torsion.auth_seq_id 
_pdbx_validate_torsion.PDB_ins_code 
_pdbx_validate_torsion.label_alt_id 
_pdbx_validate_torsion.phi 
_pdbx_validate_torsion.psi 
1  1 PHE A 11 ? ? -48.13  167.53  
2  1 ILE A 13 ? ? -47.79  155.64  
3  1 ALA A 17 ? ? -44.84  -75.56  
4  1 LEU A 28 ? ? -44.72  -85.82  
5  1 PRO A 38 ? ? -77.65  -73.37  
6  1 VAL A 42 ? ? -119.83 72.29   
7  1 GLN A 46 ? ? -88.47  -149.82 
8  1 ASP A 47 ? ? 61.60   -125.64 
9  1 ASN A 49 ? ? 80.62   97.33   
10 1 SER A 57 ? ? -161.00 -35.02  
11 1 ASP A 59 ? ? -96.51  43.28   
12 1 ASP A 68 ? ? -39.82  102.35  
13 1 ILE A 70 ? ? 39.18   -132.02 
14 1 LYS A 78 ? ? -160.14 95.91   
15 1 PRO A 82 ? ? -77.23  49.91   
16 1 GLN A 86 ? ? 45.49   91.48   
17 1 LEU A 88 ? ? -42.35  102.57  
# 
loop_
_pdbx_validate_planes.id 
_pdbx_validate_planes.PDB_model_num 
_pdbx_validate_planes.auth_comp_id 
_pdbx_validate_planes.auth_asym_id 
_pdbx_validate_planes.auth_seq_id 
_pdbx_validate_planes.PDB_ins_code 
_pdbx_validate_planes.label_alt_id 
_pdbx_validate_planes.rmsd 
_pdbx_validate_planes.type 
1 1 ARG A 2  ? ? 0.306 'SIDE CHAIN' 
2 1 ARG A 3  ? ? 0.318 'SIDE CHAIN' 
3 1 ARG A 27 ? ? 0.312 'SIDE CHAIN' 
4 1 ARG A 56 ? ? 0.245 'SIDE CHAIN' 
5 1 ARG A 80 ? ? 0.097 'SIDE CHAIN' 
6 1 ARG A 81 ? ? 0.269 'SIDE CHAIN' 
# 
_pdbx_SG_project.id                    1 
_pdbx_SG_project.project_name          ? 
_pdbx_SG_project.full_name_of_center   'RIKEN Structural Genomics/Proteomics Initiative' 
_pdbx_SG_project.initial_of_center     RSGI 
# 
_pdbx_nmr_ensemble.entry_id                             1U2F 
_pdbx_nmr_ensemble.conformers_calculated_total_number   ? 
_pdbx_nmr_ensemble.conformers_submitted_total_number    1 
_pdbx_nmr_ensemble.conformer_selection_criteria         ? 
# 
_pdbx_nmr_exptl_sample_conditions.conditions_id       1 
_pdbx_nmr_exptl_sample_conditions.temperature         298 
_pdbx_nmr_exptl_sample_conditions.pressure            ? 
_pdbx_nmr_exptl_sample_conditions.pH                  7.5 
_pdbx_nmr_exptl_sample_conditions.ionic_strength      ? 
_pdbx_nmr_exptl_sample_conditions.pressure_units      ? 
_pdbx_nmr_exptl_sample_conditions.temperature_units   K 
# 
_pdbx_nmr_refine.entry_id           1U2F 
_pdbx_nmr_refine.method             ? 
_pdbx_nmr_refine.details            'SIMULATED ANNEALING' 
_pdbx_nmr_refine.software_ordinal   1 
# 
_pdbx_nmr_software.classification   refinement 
_pdbx_nmr_software.name             X-PLOR 
_pdbx_nmr_software.version          3.1 
_pdbx_nmr_software.authors          BRUNGER 
_pdbx_nmr_software.ordinal          1 
# 
loop_
_chem_comp_atom.comp_id 
_chem_comp_atom.atom_id 
_chem_comp_atom.type_symbol 
_chem_comp_atom.pdbx_aromatic_flag 
_chem_comp_atom.pdbx_stereo_config 
_chem_comp_atom.pdbx_ordinal 
ALA N    N N N 1   
ALA CA   C N S 2   
ALA C    C N N 3   
ALA O    O N N 4   
ALA CB   C N N 5   
ALA OXT  O N N 6   
ALA H    H N N 7   
ALA H2   H N N 8   
ALA HA   H N N 9   
ALA HB1  H N N 10  
ALA HB2  H N N 11  
ALA HB3  H N N 12  
ALA HXT  H N N 13  
ARG N    N N N 14  
ARG CA   C N S 15  
ARG C    C N N 16  
ARG O    O N N 17  
ARG CB   C N N 18  
ARG CG   C N N 19  
ARG CD   C N N 20  
ARG NE   N N N 21  
ARG CZ   C N N 22  
ARG NH1  N N N 23  
ARG NH2  N N N 24  
ARG OXT  O N N 25  
ARG H    H N N 26  
ARG H2   H N N 27  
ARG HA   H N N 28  
ARG HB2  H N N 29  
ARG HB3  H N N 30  
ARG HG2  H N N 31  
ARG HG3  H N N 32  
ARG HD2  H N N 33  
ARG HD3  H N N 34  
ARG HE   H N N 35  
ARG HH11 H N N 36  
ARG HH12 H N N 37  
ARG HH21 H N N 38  
ARG HH22 H N N 39  
ARG HXT  H N N 40  
ASN N    N N N 41  
ASN CA   C N S 42  
ASN C    C N N 43  
ASN O    O N N 44  
ASN CB   C N N 45  
ASN CG   C N N 46  
ASN OD1  O N N 47  
ASN ND2  N N N 48  
ASN OXT  O N N 49  
ASN H    H N N 50  
ASN H2   H N N 51  
ASN HA   H N N 52  
ASN HB2  H N N 53  
ASN HB3  H N N 54  
ASN HD21 H N N 55  
ASN HD22 H N N 56  
ASN HXT  H N N 57  
ASP N    N N N 58  
ASP CA   C N S 59  
ASP C    C N N 60  
ASP O    O N N 61  
ASP CB   C N N 62  
ASP CG   C N N 63  
ASP OD1  O N N 64  
ASP OD2  O N N 65  
ASP OXT  O N N 66  
ASP H    H N N 67  
ASP H2   H N N 68  
ASP HA   H N N 69  
ASP HB2  H N N 70  
ASP HB3  H N N 71  
ASP HD2  H N N 72  
ASP HXT  H N N 73  
GLN N    N N N 74  
GLN CA   C N S 75  
GLN C    C N N 76  
GLN O    O N N 77  
GLN CB   C N N 78  
GLN CG   C N N 79  
GLN CD   C N N 80  
GLN OE1  O N N 81  
GLN NE2  N N N 82  
GLN OXT  O N N 83  
GLN H    H N N 84  
GLN H2   H N N 85  
GLN HA   H N N 86  
GLN HB2  H N N 87  
GLN HB3  H N N 88  
GLN HG2  H N N 89  
GLN HG3  H N N 90  
GLN HE21 H N N 91  
GLN HE22 H N N 92  
GLN HXT  H N N 93  
GLU N    N N N 94  
GLU CA   C N S 95  
GLU C    C N N 96  
GLU O    O N N 97  
GLU CB   C N N 98  
GLU CG   C N N 99  
GLU CD   C N N 100 
GLU OE1  O N N 101 
GLU OE2  O N N 102 
GLU OXT  O N N 103 
GLU H    H N N 104 
GLU H2   H N N 105 
GLU HA   H N N 106 
GLU HB2  H N N 107 
GLU HB3  H N N 108 
GLU HG2  H N N 109 
GLU HG3  H N N 110 
GLU HE2  H N N 111 
GLU HXT  H N N 112 
GLY N    N N N 113 
GLY CA   C N N 114 
GLY C    C N N 115 
GLY O    O N N 116 
GLY OXT  O N N 117 
GLY H    H N N 118 
GLY H2   H N N 119 
GLY HA2  H N N 120 
GLY HA3  H N N 121 
GLY HXT  H N N 122 
HIS N    N N N 123 
HIS CA   C N S 124 
HIS C    C N N 125 
HIS O    O N N 126 
HIS CB   C N N 127 
HIS CG   C Y N 128 
HIS ND1  N Y N 129 
HIS CD2  C Y N 130 
HIS CE1  C Y N 131 
HIS NE2  N Y N 132 
HIS OXT  O N N 133 
HIS H    H N N 134 
HIS H2   H N N 135 
HIS HA   H N N 136 
HIS HB2  H N N 137 
HIS HB3  H N N 138 
HIS HD1  H N N 139 
HIS HD2  H N N 140 
HIS HE1  H N N 141 
HIS HE2  H N N 142 
HIS HXT  H N N 143 
ILE N    N N N 144 
ILE CA   C N S 145 
ILE C    C N N 146 
ILE O    O N N 147 
ILE CB   C N S 148 
ILE CG1  C N N 149 
ILE CG2  C N N 150 
ILE CD1  C N N 151 
ILE OXT  O N N 152 
ILE H    H N N 153 
ILE H2   H N N 154 
ILE HA   H N N 155 
ILE HB   H N N 156 
ILE HG12 H N N 157 
ILE HG13 H N N 158 
ILE HG21 H N N 159 
ILE HG22 H N N 160 
ILE HG23 H N N 161 
ILE HD11 H N N 162 
ILE HD12 H N N 163 
ILE HD13 H N N 164 
ILE HXT  H N N 165 
LEU N    N N N 166 
LEU CA   C N S 167 
LEU C    C N N 168 
LEU O    O N N 169 
LEU CB   C N N 170 
LEU CG   C N N 171 
LEU CD1  C N N 172 
LEU CD2  C N N 173 
LEU OXT  O N N 174 
LEU H    H N N 175 
LEU H2   H N N 176 
LEU HA   H N N 177 
LEU HB2  H N N 178 
LEU HB3  H N N 179 
LEU HG   H N N 180 
LEU HD11 H N N 181 
LEU HD12 H N N 182 
LEU HD13 H N N 183 
LEU HD21 H N N 184 
LEU HD22 H N N 185 
LEU HD23 H N N 186 
LEU HXT  H N N 187 
LYS N    N N N 188 
LYS CA   C N S 189 
LYS C    C N N 190 
LYS O    O N N 191 
LYS CB   C N N 192 
LYS CG   C N N 193 
LYS CD   C N N 194 
LYS CE   C N N 195 
LYS NZ   N N N 196 
LYS OXT  O N N 197 
LYS H    H N N 198 
LYS H2   H N N 199 
LYS HA   H N N 200 
LYS HB2  H N N 201 
LYS HB3  H N N 202 
LYS HG2  H N N 203 
LYS HG3  H N N 204 
LYS HD2  H N N 205 
LYS HD3  H N N 206 
LYS HE2  H N N 207 
LYS HE3  H N N 208 
LYS HZ1  H N N 209 
LYS HZ2  H N N 210 
LYS HZ3  H N N 211 
LYS HXT  H N N 212 
MET N    N N N 213 
MET CA   C N S 214 
MET C    C N N 215 
MET O    O N N 216 
MET CB   C N N 217 
MET CG   C N N 218 
MET SD   S N N 219 
MET CE   C N N 220 
MET OXT  O N N 221 
MET H    H N N 222 
MET H2   H N N 223 
MET HA   H N N 224 
MET HB2  H N N 225 
MET HB3  H N N 226 
MET HG2  H N N 227 
MET HG3  H N N 228 
MET HE1  H N N 229 
MET HE2  H N N 230 
MET HE3  H N N 231 
MET HXT  H N N 232 
PHE N    N N N 233 
PHE CA   C N S 234 
PHE C    C N N 235 
PHE O    O N N 236 
PHE CB   C N N 237 
PHE CG   C Y N 238 
PHE CD1  C Y N 239 
PHE CD2  C Y N 240 
PHE CE1  C Y N 241 
PHE CE2  C Y N 242 
PHE CZ   C Y N 243 
PHE OXT  O N N 244 
PHE H    H N N 245 
PHE H2   H N N 246 
PHE HA   H N N 247 
PHE HB2  H N N 248 
PHE HB3  H N N 249 
PHE HD1  H N N 250 
PHE HD2  H N N 251 
PHE HE1  H N N 252 
PHE HE2  H N N 253 
PHE HZ   H N N 254 
PHE HXT  H N N 255 
PRO N    N N N 256 
PRO CA   C N S 257 
PRO C    C N N 258 
PRO O    O N N 259 
PRO CB   C N N 260 
PRO CG   C N N 261 
PRO CD   C N N 262 
PRO OXT  O N N 263 
PRO H    H N N 264 
PRO HA   H N N 265 
PRO HB2  H N N 266 
PRO HB3  H N N 267 
PRO HG2  H N N 268 
PRO HG3  H N N 269 
PRO HD2  H N N 270 
PRO HD3  H N N 271 
PRO HXT  H N N 272 
SER N    N N N 273 
SER CA   C N S 274 
SER C    C N N 275 
SER O    O N N 276 
SER CB   C N N 277 
SER OG   O N N 278 
SER OXT  O N N 279 
SER H    H N N 280 
SER H2   H N N 281 
SER HA   H N N 282 
SER HB2  H N N 283 
SER HB3  H N N 284 
SER HG   H N N 285 
SER HXT  H N N 286 
THR N    N N N 287 
THR CA   C N S 288 
THR C    C N N 289 
THR O    O N N 290 
THR CB   C N R 291 
THR OG1  O N N 292 
THR CG2  C N N 293 
THR OXT  O N N 294 
THR H    H N N 295 
THR H2   H N N 296 
THR HA   H N N 297 
THR HB   H N N 298 
THR HG1  H N N 299 
THR HG21 H N N 300 
THR HG22 H N N 301 
THR HG23 H N N 302 
THR HXT  H N N 303 
TYR N    N N N 304 
TYR CA   C N S 305 
TYR C    C N N 306 
TYR O    O N N 307 
TYR CB   C N N 308 
TYR CG   C Y N 309 
TYR CD1  C Y N 310 
TYR CD2  C Y N 311 
TYR CE1  C Y N 312 
TYR CE2  C Y N 313 
TYR CZ   C Y N 314 
TYR OH   O N N 315 
TYR OXT  O N N 316 
TYR H    H N N 317 
TYR H2   H N N 318 
TYR HA   H N N 319 
TYR HB2  H N N 320 
TYR HB3  H N N 321 
TYR HD1  H N N 322 
TYR HD2  H N N 323 
TYR HE1  H N N 324 
TYR HE2  H N N 325 
TYR HH   H N N 326 
TYR HXT  H N N 327 
VAL N    N N N 328 
VAL CA   C N S 329 
VAL C    C N N 330 
VAL O    O N N 331 
VAL CB   C N N 332 
VAL CG1  C N N 333 
VAL CG2  C N N 334 
VAL OXT  O N N 335 
VAL H    H N N 336 
VAL H2   H N N 337 
VAL HA   H N N 338 
VAL HB   H N N 339 
VAL HG11 H N N 340 
VAL HG12 H N N 341 
VAL HG13 H N N 342 
VAL HG21 H N N 343 
VAL HG22 H N N 344 
VAL HG23 H N N 345 
VAL HXT  H N N 346 
# 
loop_
_chem_comp_bond.comp_id 
_chem_comp_bond.atom_id_1 
_chem_comp_bond.atom_id_2 
_chem_comp_bond.value_order 
_chem_comp_bond.pdbx_aromatic_flag 
_chem_comp_bond.pdbx_stereo_config 
_chem_comp_bond.pdbx_ordinal 
ALA N   CA   sing N N 1   
ALA N   H    sing N N 2   
ALA N   H2   sing N N 3   
ALA CA  C    sing N N 4   
ALA CA  CB   sing N N 5   
ALA CA  HA   sing N N 6   
ALA C   O    doub N N 7   
ALA C   OXT  sing N N 8   
ALA CB  HB1  sing N N 9   
ALA CB  HB2  sing N N 10  
ALA CB  HB3  sing N N 11  
ALA OXT HXT  sing N N 12  
ARG N   CA   sing N N 13  
ARG N   H    sing N N 14  
ARG N   H2   sing N N 15  
ARG CA  C    sing N N 16  
ARG CA  CB   sing N N 17  
ARG CA  HA   sing N N 18  
ARG C   O    doub N N 19  
ARG C   OXT  sing N N 20  
ARG CB  CG   sing N N 21  
ARG CB  HB2  sing N N 22  
ARG CB  HB3  sing N N 23  
ARG CG  CD   sing N N 24  
ARG CG  HG2  sing N N 25  
ARG CG  HG3  sing N N 26  
ARG CD  NE   sing N N 27  
ARG CD  HD2  sing N N 28  
ARG CD  HD3  sing N N 29  
ARG NE  CZ   sing N N 30  
ARG NE  HE   sing N N 31  
ARG CZ  NH1  sing N N 32  
ARG CZ  NH2  doub N N 33  
ARG NH1 HH11 sing N N 34  
ARG NH1 HH12 sing N N 35  
ARG NH2 HH21 sing N N 36  
ARG NH2 HH22 sing N N 37  
ARG OXT HXT  sing N N 38  
ASN N   CA   sing N N 39  
ASN N   H    sing N N 40  
ASN N   H2   sing N N 41  
ASN CA  C    sing N N 42  
ASN CA  CB   sing N N 43  
ASN CA  HA   sing N N 44  
ASN C   O    doub N N 45  
ASN C   OXT  sing N N 46  
ASN CB  CG   sing N N 47  
ASN CB  HB2  sing N N 48  
ASN CB  HB3  sing N N 49  
ASN CG  OD1  doub N N 50  
ASN CG  ND2  sing N N 51  
ASN ND2 HD21 sing N N 52  
ASN ND2 HD22 sing N N 53  
ASN OXT HXT  sing N N 54  
ASP N   CA   sing N N 55  
ASP N   H    sing N N 56  
ASP N   H2   sing N N 57  
ASP CA  C    sing N N 58  
ASP CA  CB   sing N N 59  
ASP CA  HA   sing N N 60  
ASP C   O    doub N N 61  
ASP C   OXT  sing N N 62  
ASP CB  CG   sing N N 63  
ASP CB  HB2  sing N N 64  
ASP CB  HB3  sing N N 65  
ASP CG  OD1  doub N N 66  
ASP CG  OD2  sing N N 67  
ASP OD2 HD2  sing N N 68  
ASP OXT HXT  sing N N 69  
GLN N   CA   sing N N 70  
GLN N   H    sing N N 71  
GLN N   H2   sing N N 72  
GLN CA  C    sing N N 73  
GLN CA  CB   sing N N 74  
GLN CA  HA   sing N N 75  
GLN C   O    doub N N 76  
GLN C   OXT  sing N N 77  
GLN CB  CG   sing N N 78  
GLN CB  HB2  sing N N 79  
GLN CB  HB3  sing N N 80  
GLN CG  CD   sing N N 81  
GLN CG  HG2  sing N N 82  
GLN CG  HG3  sing N N 83  
GLN CD  OE1  doub N N 84  
GLN CD  NE2  sing N N 85  
GLN NE2 HE21 sing N N 86  
GLN NE2 HE22 sing N N 87  
GLN OXT HXT  sing N N 88  
GLU N   CA   sing N N 89  
GLU N   H    sing N N 90  
GLU N   H2   sing N N 91  
GLU CA  C    sing N N 92  
GLU CA  CB   sing N N 93  
GLU CA  HA   sing N N 94  
GLU C   O    doub N N 95  
GLU C   OXT  sing N N 96  
GLU CB  CG   sing N N 97  
GLU CB  HB2  sing N N 98  
GLU CB  HB3  sing N N 99  
GLU CG  CD   sing N N 100 
GLU CG  HG2  sing N N 101 
GLU CG  HG3  sing N N 102 
GLU CD  OE1  doub N N 103 
GLU CD  OE2  sing N N 104 
GLU OE2 HE2  sing N N 105 
GLU OXT HXT  sing N N 106 
GLY N   CA   sing N N 107 
GLY N   H    sing N N 108 
GLY N   H2   sing N N 109 
GLY CA  C    sing N N 110 
GLY CA  HA2  sing N N 111 
GLY CA  HA3  sing N N 112 
GLY C   O    doub N N 113 
GLY C   OXT  sing N N 114 
GLY OXT HXT  sing N N 115 
HIS N   CA   sing N N 116 
HIS N   H    sing N N 117 
HIS N   H2   sing N N 118 
HIS CA  C    sing N N 119 
HIS CA  CB   sing N N 120 
HIS CA  HA   sing N N 121 
HIS C   O    doub N N 122 
HIS C   OXT  sing N N 123 
HIS CB  CG   sing N N 124 
HIS CB  HB2  sing N N 125 
HIS CB  HB3  sing N N 126 
HIS CG  ND1  sing Y N 127 
HIS CG  CD2  doub Y N 128 
HIS ND1 CE1  doub Y N 129 
HIS ND1 HD1  sing N N 130 
HIS CD2 NE2  sing Y N 131 
HIS CD2 HD2  sing N N 132 
HIS CE1 NE2  sing Y N 133 
HIS CE1 HE1  sing N N 134 
HIS NE2 HE2  sing N N 135 
HIS OXT HXT  sing N N 136 
ILE N   CA   sing N N 137 
ILE N   H    sing N N 138 
ILE N   H2   sing N N 139 
ILE CA  C    sing N N 140 
ILE CA  CB   sing N N 141 
ILE CA  HA   sing N N 142 
ILE C   O    doub N N 143 
ILE C   OXT  sing N N 144 
ILE CB  CG1  sing N N 145 
ILE CB  CG2  sing N N 146 
ILE CB  HB   sing N N 147 
ILE CG1 CD1  sing N N 148 
ILE CG1 HG12 sing N N 149 
ILE CG1 HG13 sing N N 150 
ILE CG2 HG21 sing N N 151 
ILE CG2 HG22 sing N N 152 
ILE CG2 HG23 sing N N 153 
ILE CD1 HD11 sing N N 154 
ILE CD1 HD12 sing N N 155 
ILE CD1 HD13 sing N N 156 
ILE OXT HXT  sing N N 157 
LEU N   CA   sing N N 158 
LEU N   H    sing N N 159 
LEU N   H2   sing N N 160 
LEU CA  C    sing N N 161 
LEU CA  CB   sing N N 162 
LEU CA  HA   sing N N 163 
LEU C   O    doub N N 164 
LEU C   OXT  sing N N 165 
LEU CB  CG   sing N N 166 
LEU CB  HB2  sing N N 167 
LEU CB  HB3  sing N N 168 
LEU CG  CD1  sing N N 169 
LEU CG  CD2  sing N N 170 
LEU CG  HG   sing N N 171 
LEU CD1 HD11 sing N N 172 
LEU CD1 HD12 sing N N 173 
LEU CD1 HD13 sing N N 174 
LEU CD2 HD21 sing N N 175 
LEU CD2 HD22 sing N N 176 
LEU CD2 HD23 sing N N 177 
LEU OXT HXT  sing N N 178 
LYS N   CA   sing N N 179 
LYS N   H    sing N N 180 
LYS N   H2   sing N N 181 
LYS CA  C    sing N N 182 
LYS CA  CB   sing N N 183 
LYS CA  HA   sing N N 184 
LYS C   O    doub N N 185 
LYS C   OXT  sing N N 186 
LYS CB  CG   sing N N 187 
LYS CB  HB2  sing N N 188 
LYS CB  HB3  sing N N 189 
LYS CG  CD   sing N N 190 
LYS CG  HG2  sing N N 191 
LYS CG  HG3  sing N N 192 
LYS CD  CE   sing N N 193 
LYS CD  HD2  sing N N 194 
LYS CD  HD3  sing N N 195 
LYS CE  NZ   sing N N 196 
LYS CE  HE2  sing N N 197 
LYS CE  HE3  sing N N 198 
LYS NZ  HZ1  sing N N 199 
LYS NZ  HZ2  sing N N 200 
LYS NZ  HZ3  sing N N 201 
LYS OXT HXT  sing N N 202 
MET N   CA   sing N N 203 
MET N   H    sing N N 204 
MET N   H2   sing N N 205 
MET CA  C    sing N N 206 
MET CA  CB   sing N N 207 
MET CA  HA   sing N N 208 
MET C   O    doub N N 209 
MET C   OXT  sing N N 210 
MET CB  CG   sing N N 211 
MET CB  HB2  sing N N 212 
MET CB  HB3  sing N N 213 
MET CG  SD   sing N N 214 
MET CG  HG2  sing N N 215 
MET CG  HG3  sing N N 216 
MET SD  CE   sing N N 217 
MET CE  HE1  sing N N 218 
MET CE  HE2  sing N N 219 
MET CE  HE3  sing N N 220 
MET OXT HXT  sing N N 221 
PHE N   CA   sing N N 222 
PHE N   H    sing N N 223 
PHE N   H2   sing N N 224 
PHE CA  C    sing N N 225 
PHE CA  CB   sing N N 226 
PHE CA  HA   sing N N 227 
PHE C   O    doub N N 228 
PHE C   OXT  sing N N 229 
PHE CB  CG   sing N N 230 
PHE CB  HB2  sing N N 231 
PHE CB  HB3  sing N N 232 
PHE CG  CD1  doub Y N 233 
PHE CG  CD2  sing Y N 234 
PHE CD1 CE1  sing Y N 235 
PHE CD1 HD1  sing N N 236 
PHE CD2 CE2  doub Y N 237 
PHE CD2 HD2  sing N N 238 
PHE CE1 CZ   doub Y N 239 
PHE CE1 HE1  sing N N 240 
PHE CE2 CZ   sing Y N 241 
PHE CE2 HE2  sing N N 242 
PHE CZ  HZ   sing N N 243 
PHE OXT HXT  sing N N 244 
PRO N   CA   sing N N 245 
PRO N   CD   sing N N 246 
PRO N   H    sing N N 247 
PRO CA  C    sing N N 248 
PRO CA  CB   sing N N 249 
PRO CA  HA   sing N N 250 
PRO C   O    doub N N 251 
PRO C   OXT  sing N N 252 
PRO CB  CG   sing N N 253 
PRO CB  HB2  sing N N 254 
PRO CB  HB3  sing N N 255 
PRO CG  CD   sing N N 256 
PRO CG  HG2  sing N N 257 
PRO CG  HG3  sing N N 258 
PRO CD  HD2  sing N N 259 
PRO CD  HD3  sing N N 260 
PRO OXT HXT  sing N N 261 
SER N   CA   sing N N 262 
SER N   H    sing N N 263 
SER N   H2   sing N N 264 
SER CA  C    sing N N 265 
SER CA  CB   sing N N 266 
SER CA  HA   sing N N 267 
SER C   O    doub N N 268 
SER C   OXT  sing N N 269 
SER CB  OG   sing N N 270 
SER CB  HB2  sing N N 271 
SER CB  HB3  sing N N 272 
SER OG  HG   sing N N 273 
SER OXT HXT  sing N N 274 
THR N   CA   sing N N 275 
THR N   H    sing N N 276 
THR N   H2   sing N N 277 
THR CA  C    sing N N 278 
THR CA  CB   sing N N 279 
THR CA  HA   sing N N 280 
THR C   O    doub N N 281 
THR C   OXT  sing N N 282 
THR CB  OG1  sing N N 283 
THR CB  CG2  sing N N 284 
THR CB  HB   sing N N 285 
THR OG1 HG1  sing N N 286 
THR CG2 HG21 sing N N 287 
THR CG2 HG22 sing N N 288 
THR CG2 HG23 sing N N 289 
THR OXT HXT  sing N N 290 
TYR N   CA   sing N N 291 
TYR N   H    sing N N 292 
TYR N   H2   sing N N 293 
TYR CA  C    sing N N 294 
TYR CA  CB   sing N N 295 
TYR CA  HA   sing N N 296 
TYR C   O    doub N N 297 
TYR C   OXT  sing N N 298 
TYR CB  CG   sing N N 299 
TYR CB  HB2  sing N N 300 
TYR CB  HB3  sing N N 301 
TYR CG  CD1  doub Y N 302 
TYR CG  CD2  sing Y N 303 
TYR CD1 CE1  sing Y N 304 
TYR CD1 HD1  sing N N 305 
TYR CD2 CE2  doub Y N 306 
TYR CD2 HD2  sing N N 307 
TYR CE1 CZ   doub Y N 308 
TYR CE1 HE1  sing N N 309 
TYR CE2 CZ   sing Y N 310 
TYR CE2 HE2  sing N N 311 
TYR CZ  OH   sing N N 312 
TYR OH  HH   sing N N 313 
TYR OXT HXT  sing N N 314 
VAL N   CA   sing N N 315 
VAL N   H    sing N N 316 
VAL N   H2   sing N N 317 
VAL CA  C    sing N N 318 
VAL CA  CB   sing N N 319 
VAL CA  HA   sing N N 320 
VAL C   O    doub N N 321 
VAL C   OXT  sing N N 322 
VAL CB  CG1  sing N N 323 
VAL CB  CG2  sing N N 324 
VAL CB  HB   sing N N 325 
VAL CG1 HG11 sing N N 326 
VAL CG1 HG12 sing N N 327 
VAL CG1 HG13 sing N N 328 
VAL CG2 HG21 sing N N 329 
VAL CG2 HG22 sing N N 330 
VAL CG2 HG23 sing N N 331 
VAL OXT HXT  sing N N 332 
# 
loop_
_pdbx_nmr_spectrometer.spectrometer_id 
_pdbx_nmr_spectrometer.model 
_pdbx_nmr_spectrometer.manufacturer 
_pdbx_nmr_spectrometer.field_strength 
_pdbx_nmr_spectrometer.type 
1 DMX Bruker 500 ? 
2 DMX Bruker 600 ? 
# 
_atom_sites.entry_id                    1U2F 
_atom_sites.fract_transf_matrix[1][1]   1.000000 
_atom_sites.fract_transf_matrix[1][2]   0.000000 
_atom_sites.fract_transf_matrix[1][3]   0.000000 
_atom_sites.fract_transf_matrix[2][1]   0.000000 
_atom_sites.fract_transf_matrix[2][2]   1.000000 
_atom_sites.fract_transf_matrix[2][3]   0.000000 
_atom_sites.fract_transf_matrix[3][1]   0.000000 
_atom_sites.fract_transf_matrix[3][2]   0.000000 
_atom_sites.fract_transf_matrix[3][3]   1.000000 
_atom_sites.fract_transf_vector[1]      0.00000 
_atom_sites.fract_transf_vector[2]      0.00000 
_atom_sites.fract_transf_vector[3]      0.00000 
# 
loop_
_atom_type.symbol 
C 
H 
N 
O 
S 
# 
loop_
_atom_site.group_PDB 
_atom_site.id 
_atom_site.type_symbol 
_atom_site.label_atom_id 
_atom_site.label_alt_id 
_atom_site.label_comp_id 
_atom_site.label_asym_id 
_atom_site.label_entity_id 
_atom_site.label_seq_id 
_atom_site.pdbx_PDB_ins_code 
_atom_site.Cartn_x 
_atom_site.Cartn_y 
_atom_site.Cartn_z 
_atom_site.occupancy 
_atom_site.B_iso_or_equiv 
_atom_site.pdbx_formal_charge 
_atom_site.auth_seq_id 
_atom_site.auth_comp_id 
_atom_site.auth_asym_id 
_atom_site.auth_atom_id 
_atom_site.pdbx_PDB_model_num 
ATOM 1    N N    . ALA A 1 1  ? -6.846  -8.634  -7.294  1.00 3.75 ? 1  ALA A N    1 
ATOM 2    C CA   . ALA A 1 1  ? -6.383  -8.719  -5.880  1.00 3.23 ? 1  ALA A CA   1 
ATOM 3    C C    . ALA A 1 1  ? -6.452  -7.332  -5.235  1.00 2.15 ? 1  ALA A C    1 
ATOM 4    O O    . ALA A 1 1  ? -6.968  -7.170  -4.148  1.00 2.48 ? 1  ALA A O    1 
ATOM 5    C CB   . ALA A 1 1  ? -4.940  -9.226  -5.845  1.00 3.86 ? 1  ALA A CB   1 
ATOM 6    H H1   . ALA A 1 1  ? -6.819  -7.644  -7.610  1.00 3.96 ? 1  ALA A H1   1 
ATOM 7    H H2   . ALA A 1 1  ? -6.222  -9.209  -7.897  1.00 3.99 ? 1  ALA A H2   1 
ATOM 8    H H3   . ALA A 1 1  ? -7.820  -8.991  -7.362  1.00 4.18 ? 1  ALA A H3   1 
ATOM 9    H HA   . ALA A 1 1  ? -7.016  -9.402  -5.335  1.00 3.74 ? 1  ALA A HA   1 
ATOM 10   H HB1  . ALA A 1 1  ? -4.457  -9.003  -6.786  1.00 4.08 ? 1  ALA A HB1  1 
ATOM 11   H HB2  . ALA A 1 1  ? -4.406  -8.738  -5.043  1.00 4.15 ? 1  ALA A HB2  1 
ATOM 12   H HB3  . ALA A 1 1  ? -4.937  -10.293 -5.684  1.00 4.35 ? 1  ALA A HB3  1 
ATOM 13   N N    . ARG A 1 2  ? -5.940  -6.333  -5.899  1.00 1.46 ? 2  ARG A N    1 
ATOM 14   C CA   . ARG A 1 2  ? -5.979  -4.957  -5.328  1.00 0.68 ? 2  ARG A CA   1 
ATOM 15   C C    . ARG A 1 2  ? -5.121  -4.899  -4.061  1.00 0.53 ? 2  ARG A C    1 
ATOM 16   O O    . ARG A 1 2  ? -5.139  -3.927  -3.333  1.00 0.66 ? 2  ARG A O    1 
ATOM 17   C CB   . ARG A 1 2  ? -7.424  -4.587  -4.984  1.00 1.47 ? 2  ARG A CB   1 
ATOM 18   C CG   . ARG A 1 2  ? -8.301  -4.749  -6.227  1.00 2.01 ? 2  ARG A CG   1 
ATOM 19   C CD   . ARG A 1 2  ? -9.151  -6.012  -6.090  1.00 2.41 ? 2  ARG A CD   1 
ATOM 20   N NE   . ARG A 1 2  ? -9.160  -6.748  -7.385  1.00 2.94 ? 2  ARG A NE   1 
ATOM 21   C CZ   . ARG A 1 2  ? -10.183 -7.493  -7.704  1.00 3.56 ? 2  ARG A CZ   1 
ATOM 22   N NH1  . ARG A 1 2  ? -10.354 -8.649  -7.124  1.00 4.09 ? 2  ARG A NH1  1 
ATOM 23   N NH2  . ARG A 1 2  ? -11.036 -7.081  -8.602  1.00 4.12 ? 2  ARG A NH2  1 
ATOM 24   H H    . ARG A 1 2  ? -5.530  -6.487  -6.776  1.00 2.05 ? 2  ARG A H    1 
ATOM 25   H HA   . ARG A 1 2  ? -5.594  -4.256  -6.055  1.00 1.08 ? 2  ARG A HA   1 
ATOM 26   H HB2  . ARG A 1 2  ? -7.785  -5.237  -4.201  1.00 1.90 ? 2  ARG A HB2  1 
ATOM 27   H HB3  . ARG A 1 2  ? -7.464  -3.561  -4.650  1.00 2.02 ? 2  ARG A HB3  1 
ATOM 28   H HG2  . ARG A 1 2  ? -8.947  -3.888  -6.327  1.00 2.58 ? 2  ARG A HG2  1 
ATOM 29   H HG3  . ARG A 1 2  ? -7.674  -4.833  -7.102  1.00 2.22 ? 2  ARG A HG3  1 
ATOM 30   H HD2  . ARG A 1 2  ? -8.735  -6.645  -5.320  1.00 2.68 ? 2  ARG A HD2  1 
ATOM 31   H HD3  . ARG A 1 2  ? -10.161 -5.740  -5.824  1.00 2.78 ? 2  ARG A HD3  1 
ATOM 32   H HE   . ARG A 1 2  ? -8.399  -6.673  -7.997  1.00 3.22 ? 2  ARG A HE   1 
ATOM 33   H HH11 . ARG A 1 2  ? -9.701  -8.964  -6.435  1.00 4.12 ? 2  ARG A HH11 1 
ATOM 34   H HH12 . ARG A 1 2  ? -11.137 -9.221  -7.368  1.00 4.74 ? 2  ARG A HH12 1 
ATOM 35   H HH21 . ARG A 1 2  ? -10.905 -6.195  -9.046  1.00 4.18 ? 2  ARG A HH21 1 
ATOM 36   H HH22 . ARG A 1 2  ? -11.819 -7.653  -8.846  1.00 4.75 ? 2  ARG A HH22 1 
ATOM 37   N N    . ARG A 1 3  ? -4.365  -5.930  -3.795  1.00 0.43 ? 3  ARG A N    1 
ATOM 38   C CA   . ARG A 1 3  ? -3.505  -5.926  -2.577  1.00 0.33 ? 3  ARG A CA   1 
ATOM 39   C C    . ARG A 1 3  ? -2.059  -5.637  -2.981  1.00 0.31 ? 3  ARG A C    1 
ATOM 40   O O    . ARG A 1 3  ? -1.532  -6.231  -3.900  1.00 0.39 ? 3  ARG A O    1 
ATOM 41   C CB   . ARG A 1 3  ? -3.580  -7.293  -1.894  1.00 0.41 ? 3  ARG A CB   1 
ATOM 42   C CG   . ARG A 1 3  ? -2.576  -7.341  -0.739  1.00 0.50 ? 3  ARG A CG   1 
ATOM 43   C CD   . ARG A 1 3  ? -3.327  -7.523  0.581   1.00 0.99 ? 3  ARG A CD   1 
ATOM 44   N NE   . ARG A 1 3  ? -4.110  -8.790  0.536   1.00 1.12 ? 3  ARG A NE   1 
ATOM 45   C CZ   . ARG A 1 3  ? -3.491  -9.938  0.536   1.00 1.45 ? 3  ARG A CZ   1 
ATOM 46   N NH1  . ARG A 1 3  ? -3.200  -10.522 1.665   1.00 2.11 ? 3  ARG A NH1  1 
ATOM 47   N NH2  . ARG A 1 3  ? -3.165  -10.505 -0.595  1.00 2.09 ? 3  ARG A NH2  1 
ATOM 48   H H    . ARG A 1 3  ? -4.360  -6.703  -4.396  1.00 0.55 ? 3  ARG A H    1 
ATOM 49   H HA   . ARG A 1 3  ? -3.848  -5.162  -1.896  1.00 0.31 ? 3  ARG A HA   1 
ATOM 50   H HB2  . ARG A 1 3  ? -4.578  -7.451  -1.513  1.00 0.41 ? 3  ARG A HB2  1 
ATOM 51   H HB3  . ARG A 1 3  ? -3.339  -8.066  -2.609  1.00 0.54 ? 3  ARG A HB3  1 
ATOM 52   H HG2  . ARG A 1 3  ? -1.897  -8.169  -0.886  1.00 0.73 ? 3  ARG A HG2  1 
ATOM 53   H HG3  . ARG A 1 3  ? -2.018  -6.418  -0.709  1.00 0.53 ? 3  ARG A HG3  1 
ATOM 54   H HD2  . ARG A 1 3  ? -2.619  -7.565  1.394   1.00 1.60 ? 3  ARG A HD2  1 
ATOM 55   H HD3  . ARG A 1 3  ? -3.998  -6.690  0.730   1.00 1.52 ? 3  ARG A HD3  1 
ATOM 56   H HE   . ARG A 1 3  ? -5.089  -8.760  0.505   1.00 1.74 ? 3  ARG A HE   1 
ATOM 57   H HH11 . ARG A 1 3  ? -3.449  -10.089 2.531   1.00 2.47 ? 3  ARG A HH11 1 
ATOM 58   H HH12 . ARG A 1 3  ? -2.725  -11.403 1.666   1.00 2.65 ? 3  ARG A HH12 1 
ATOM 59   H HH21 . ARG A 1 3  ? -3.389  -10.057 -1.461  1.00 2.51 ? 3  ARG A HH21 1 
ATOM 60   H HH22 . ARG A 1 3  ? -2.691  -11.385 -0.595  1.00 2.58 ? 3  ARG A HH22 1 
ATOM 61   N N    . LEU A 1 4  ? -1.413  -4.725  -2.308  1.00 0.26 ? 4  LEU A N    1 
ATOM 62   C CA   . LEU A 1 4  ? -0.010  -4.396  -2.660  1.00 0.29 ? 4  LEU A CA   1 
ATOM 63   C C    . LEU A 1 4  ? 0.910   -4.711  -1.481  1.00 0.27 ? 4  LEU A C    1 
ATOM 64   O O    . LEU A 1 4  ? 0.484   -4.762  -0.344  1.00 0.40 ? 4  LEU A O    1 
ATOM 65   C CB   . LEU A 1 4  ? 0.082   -2.912  -2.993  1.00 0.34 ? 4  LEU A CB   1 
ATOM 66   C CG   . LEU A 1 4  ? -0.384  -2.680  -4.430  1.00 0.43 ? 4  LEU A CG   1 
ATOM 67   C CD1  . LEU A 1 4  ? -0.514  -1.180  -4.687  1.00 1.10 ? 4  LEU A CD1  1 
ATOM 68   C CD2  . LEU A 1 4  ? 0.641   -3.276  -5.400  1.00 1.20 ? 4  LEU A CD2  1 
ATOM 69   H H    . LEU A 1 4  ? -1.852  -4.248  -1.574  1.00 0.26 ? 4  LEU A H    1 
ATOM 70   H HA   . LEU A 1 4  ? 0.292   -4.977  -3.519  1.00 0.35 ? 4  LEU A HA   1 
ATOM 71   H HB2  . LEU A 1 4  ? -0.550  -2.354  -2.316  1.00 0.32 ? 4  LEU A HB2  1 
ATOM 72   H HB3  . LEU A 1 4  ? 1.098   -2.584  -2.887  1.00 0.37 ? 4  LEU A HB3  1 
ATOM 73   H HG   . LEU A 1 4  ? -1.343  -3.155  -4.580  1.00 1.12 ? 4  LEU A HG   1 
ATOM 74   H HD11 . LEU A 1 4  ? -0.480  -0.651  -3.747  1.00 1.64 ? 4  LEU A HD11 1 
ATOM 75   H HD12 . LEU A 1 4  ? 0.300   -0.850  -5.315  1.00 1.64 ? 4  LEU A HD12 1 
ATOM 76   H HD13 . LEU A 1 4  ? -1.453  -0.979  -5.181  1.00 1.78 ? 4  LEU A HD13 1 
ATOM 77   H HD21 . LEU A 1 4  ? 1.600   -3.349  -4.910  1.00 1.67 ? 4  LEU A HD21 1 
ATOM 78   H HD22 . LEU A 1 4  ? 0.317   -4.259  -5.707  1.00 1.82 ? 4  LEU A HD22 1 
ATOM 79   H HD23 . LEU A 1 4  ? 0.728   -2.638  -6.267  1.00 1.69 ? 4  LEU A HD23 1 
ATOM 80   N N    . TYR A 1 5  ? 2.170   -4.920  -1.744  1.00 0.21 ? 5  TYR A N    1 
ATOM 81   C CA   . TYR A 1 5  ? 3.122   -5.228  -0.643  1.00 0.20 ? 5  TYR A CA   1 
ATOM 82   C C    . TYR A 1 5  ? 4.040   -4.029  -0.415  1.00 0.18 ? 5  TYR A C    1 
ATOM 83   O O    . TYR A 1 5  ? 4.382   -3.314  -1.336  1.00 0.20 ? 5  TYR A O    1 
ATOM 84   C CB   . TYR A 1 5  ? 3.967   -6.445  -1.024  1.00 0.25 ? 5  TYR A CB   1 
ATOM 85   C CG   . TYR A 1 5  ? 5.190   -6.510  -0.139  1.00 0.29 ? 5  TYR A CG   1 
ATOM 86   C CD1  . TYR A 1 5  ? 6.294   -5.690  -0.406  1.00 1.30 ? 5  TYR A CD1  1 
ATOM 87   C CD2  . TYR A 1 5  ? 5.221   -7.392  0.947   1.00 1.20 ? 5  TYR A CD2  1 
ATOM 88   C CE1  . TYR A 1 5  ? 7.427   -5.752  0.415   1.00 1.37 ? 5  TYR A CE1  1 
ATOM 89   C CE2  . TYR A 1 5  ? 6.354   -7.455  1.767   1.00 1.20 ? 5  TYR A CE2  1 
ATOM 90   C CZ   . TYR A 1 5  ? 7.457   -6.636  1.500   1.00 0.52 ? 5  TYR A CZ   1 
ATOM 91   O OH   . TYR A 1 5  ? 8.574   -6.698  2.309   1.00 0.66 ? 5  TYR A OH   1 
ATOM 92   H H    . TYR A 1 5  ? 2.490   -4.871  -2.669  1.00 0.29 ? 5  TYR A H    1 
ATOM 93   H HA   . TYR A 1 5  ? 2.573   -5.439  0.263   1.00 0.20 ? 5  TYR A HA   1 
ATOM 94   H HB2  . TYR A 1 5  ? 3.382   -7.343  -0.897  1.00 0.32 ? 5  TYR A HB2  1 
ATOM 95   H HB3  . TYR A 1 5  ? 4.276   -6.359  -2.055  1.00 0.27 ? 5  TYR A HB3  1 
ATOM 96   H HD1  . TYR A 1 5  ? 6.272   -5.007  -1.242  1.00 2.19 ? 5  TYR A HD1  1 
ATOM 97   H HD2  . TYR A 1 5  ? 4.371   -8.025  1.152   1.00 2.12 ? 5  TYR A HD2  1 
ATOM 98   H HE1  . TYR A 1 5  ? 8.278   -5.120  0.210   1.00 2.29 ? 5  TYR A HE1  1 
ATOM 99   H HE2  . TYR A 1 5  ? 6.377   -8.137  2.605   1.00 2.09 ? 5  TYR A HE2  1 
ATOM 100  H HH   . TYR A 1 5  ? 9.307   -7.016  1.777   1.00 1.11 ? 5  TYR A HH   1 
ATOM 101  N N    . VAL A 1 6  ? 4.452   -3.809  0.802   1.00 0.18 ? 6  VAL A N    1 
ATOM 102  C CA   . VAL A 1 6  ? 5.360   -2.664  1.085   1.00 0.16 ? 6  VAL A CA   1 
ATOM 103  C C    . VAL A 1 6  ? 6.598   -3.185  1.814   1.00 0.18 ? 6  VAL A C    1 
ATOM 104  O O    . VAL A 1 6  ? 6.554   -4.193  2.492   1.00 0.22 ? 6  VAL A O    1 
ATOM 105  C CB   . VAL A 1 6  ? 4.647   -1.641  1.969   1.00 0.17 ? 6  VAL A CB   1 
ATOM 106  C CG1  . VAL A 1 6  ? 5.340   -0.284  1.840   1.00 0.17 ? 6  VAL A CG1  1 
ATOM 107  C CG2  . VAL A 1 6  ? 3.187   -1.514  1.529   1.00 0.20 ? 6  VAL A CG2  1 
ATOM 108  H H    . VAL A 1 6  ? 4.172   -4.403  1.529   1.00 0.20 ? 6  VAL A H    1 
ATOM 109  H HA   . VAL A 1 6  ? 5.653   -2.198  0.155   1.00 0.17 ? 6  VAL A HA   1 
ATOM 110  H HB   . VAL A 1 6  ? 4.690   -1.968  2.996   1.00 0.19 ? 6  VAL A HB   1 
ATOM 111  H HG11 . VAL A 1 6  ? 6.404   -0.432  1.722   1.00 1.05 ? 6  VAL A HG11 1 
ATOM 112  H HG12 . VAL A 1 6  ? 4.952   0.239   0.979   1.00 1.04 ? 6  VAL A HG12 1 
ATOM 113  H HG13 . VAL A 1 6  ? 5.155   0.301   2.730   1.00 0.99 ? 6  VAL A HG13 1 
ATOM 114  H HG21 . VAL A 1 6  ? 3.066   -1.949  0.548   1.00 1.01 ? 6  VAL A HG21 1 
ATOM 115  H HG22 . VAL A 1 6  ? 2.551   -2.033  2.233   1.00 0.96 ? 6  VAL A HG22 1 
ATOM 116  H HG23 . VAL A 1 6  ? 2.909   -0.470  1.496   1.00 0.95 ? 6  VAL A HG23 1 
ATOM 117  N N    . GLY A 1 7  ? 7.701   -2.506  1.678   1.00 0.17 ? 7  GLY A N    1 
ATOM 118  C CA   . GLY A 1 7  ? 8.946   -2.962  2.358   1.00 0.20 ? 7  GLY A CA   1 
ATOM 119  C C    . GLY A 1 7  ? 9.641   -1.766  3.008   1.00 0.18 ? 7  GLY A C    1 
ATOM 120  O O    . GLY A 1 7  ? 9.267   -0.630  2.796   1.00 0.18 ? 7  GLY A O    1 
ATOM 121  H H    . GLY A 1 7  ? 7.711   -1.697  1.128   1.00 0.18 ? 7  GLY A H    1 
ATOM 122  H HA2  . GLY A 1 7  ? 8.697   -3.692  3.114   1.00 0.22 ? 7  GLY A HA2  1 
ATOM 123  H HA3  . GLY A 1 7  ? 9.609   -3.407  1.632   1.00 0.25 ? 7  GLY A HA3  1 
ATOM 124  N N    . ASN A 1 8  ? 10.640  -2.015  3.811   1.00 0.19 ? 8  ASN A N    1 
ATOM 125  C CA   . ASN A 1 8  ? 11.350  -0.894  4.487   1.00 0.19 ? 8  ASN A CA   1 
ATOM 126  C C    . ASN A 1 8  ? 10.359  -0.177  5.395   1.00 0.17 ? 8  ASN A C    1 
ATOM 127  O O    . ASN A 1 8  ? 10.499  0.992   5.697   1.00 0.22 ? 8  ASN A O    1 
ATOM 128  C CB   . ASN A 1 8  ? 11.900  0.080   3.443   1.00 0.22 ? 8  ASN A CB   1 
ATOM 129  C CG   . ASN A 1 8  ? 13.090  -0.558  2.724   1.00 0.29 ? 8  ASN A CG   1 
ATOM 130  O OD1  . ASN A 1 8  ? 14.223  -0.183  2.951   1.00 0.68 ? 8  ASN A OD1  1 
ATOM 131  N ND2  . ASN A 1 8  ? 12.879  -1.512  1.861   1.00 0.73 ? 8  ASN A ND2  1 
ATOM 132  H H    . ASN A 1 8  ? 10.913  -2.938  3.977   1.00 0.21 ? 8  ASN A H    1 
ATOM 133  H HA   . ASN A 1 8  ? 12.164  -1.285  5.078   1.00 0.21 ? 8  ASN A HA   1 
ATOM 134  H HB2  . ASN A 1 8  ? 11.128  0.313   2.724   1.00 0.20 ? 8  ASN A HB2  1 
ATOM 135  H HB3  . ASN A 1 8  ? 12.221  0.985   3.933   1.00 0.26 ? 8  ASN A HB3  1 
ATOM 136  H HD21 . ASN A 1 8  ? 11.965  -1.813  1.678   1.00 1.16 ? 8  ASN A HD21 1 
ATOM 137  H HD22 . ASN A 1 8  ? 13.635  -1.928  1.395   1.00 0.78 ? 8  ASN A HD22 1 
ATOM 138  N N    . ILE A 1 9  ? 9.350   -0.880  5.826   1.00 0.16 ? 9  ILE A N    1 
ATOM 139  C CA   . ILE A 1 9  ? 8.327   -0.264  6.711   1.00 0.17 ? 9  ILE A CA   1 
ATOM 140  C C    . ILE A 1 9  ? 8.637   -0.624  8.168   1.00 0.17 ? 9  ILE A C    1 
ATOM 141  O O    . ILE A 1 9  ? 9.057   -1.726  8.455   1.00 0.19 ? 9  ILE A O    1 
ATOM 142  C CB   . ILE A 1 9  ? 6.949   -0.798  6.319   1.00 0.20 ? 9  ILE A CB   1 
ATOM 143  C CG1  . ILE A 1 9  ? 6.735   -2.172  6.949   1.00 0.24 ? 9  ILE A CG1  1 
ATOM 144  C CG2  . ILE A 1 9  ? 6.873   -0.925  4.796   1.00 0.21 ? 9  ILE A CG2  1 
ATOM 145  C CD1  . ILE A 1 9  ? 6.222   -1.993  8.375   1.00 0.29 ? 9  ILE A CD1  1 
ATOM 146  H H    . ILE A 1 9  ? 9.264   -1.821  5.559   1.00 0.19 ? 9  ILE A H    1 
ATOM 147  H HA   . ILE A 1 9  ? 8.342   0.805   6.592   1.00 0.20 ? 9  ILE A HA   1 
ATOM 148  H HB   . ILE A 1 9  ? 6.185   -0.116  6.665   1.00 0.23 ? 9  ILE A HB   1 
ATOM 149  H HG12 . ILE A 1 9  ? 6.011   -2.726  6.369   1.00 0.29 ? 9  ILE A HG12 1 
ATOM 150  H HG13 . ILE A 1 9  ? 7.671   -2.711  6.970   1.00 0.25 ? 9  ILE A HG13 1 
ATOM 151  H HG21 . ILE A 1 9  ? 7.106   0.028   4.343   1.00 0.99 ? 9  ILE A HG21 1 
ATOM 152  H HG22 . ILE A 1 9  ? 7.585   -1.666  4.462   1.00 1.06 ? 9  ILE A HG22 1 
ATOM 153  H HG23 . ILE A 1 9  ? 5.878   -1.227  4.509   1.00 1.05 ? 9  ILE A HG23 1 
ATOM 154  H HD11 . ILE A 1 9  ? 5.968   -0.955  8.535   1.00 1.03 ? 9  ILE A HD11 1 
ATOM 155  H HD12 . ILE A 1 9  ? 5.349   -2.606  8.523   1.00 1.03 ? 9  ILE A HD12 1 
ATOM 156  H HD13 . ILE A 1 9  ? 6.993   -2.285  9.071   1.00 1.07 ? 9  ILE A HD13 1 
ATOM 157  N N    . PRO A 1 10 ? 8.422   0.323   9.045   1.00 0.19 ? 10 PRO A N    1 
ATOM 158  C CA   . PRO A 1 10 ? 8.672   0.143   10.484  1.00 0.23 ? 10 PRO A CA   1 
ATOM 159  C C    . PRO A 1 10 ? 7.527   -0.639  11.133  1.00 0.23 ? 10 PRO A C    1 
ATOM 160  O O    . PRO A 1 10 ? 6.570   -0.068  11.620  1.00 0.26 ? 10 PRO A O    1 
ATOM 161  C CB   . PRO A 1 10 ? 8.724   1.575   11.020  1.00 0.28 ? 10 PRO A CB   1 
ATOM 162  C CG   . PRO A 1 10 ? 7.951   2.450   10.004  1.00 0.27 ? 10 PRO A CG   1 
ATOM 163  C CD   . PRO A 1 10 ? 7.912   1.660   8.682   1.00 0.21 ? 10 PRO A CD   1 
ATOM 164  H HA   . PRO A 1 10 ? 9.616   -0.349  10.651  1.00 0.26 ? 10 PRO A HA   1 
ATOM 165  H HB2  . PRO A 1 10 ? 8.253   1.624   11.994  1.00 0.30 ? 10 PRO A HB2  1 
ATOM 166  H HB3  . PRO A 1 10 ? 9.748   1.913   11.084  1.00 0.32 ? 10 PRO A HB3  1 
ATOM 167  H HG2  . PRO A 1 10 ? 6.945   2.629   10.362  1.00 0.28 ? 10 PRO A HG2  1 
ATOM 168  H HG3  . PRO A 1 10 ? 8.464   3.387   9.854   1.00 0.32 ? 10 PRO A HG3  1 
ATOM 169  H HD2  . PRO A 1 10 ? 6.897   1.593   8.312   1.00 0.20 ? 10 PRO A HD2  1 
ATOM 170  H HD3  . PRO A 1 10 ? 8.555   2.118   7.948   1.00 0.22 ? 10 PRO A HD3  1 
ATOM 171  N N    . PHE A 1 11 ? 7.612   -1.941  11.144  1.00 0.27 ? 11 PHE A N    1 
ATOM 172  C CA   . PHE A 1 11 ? 6.526   -2.750  11.763  1.00 0.32 ? 11 PHE A CA   1 
ATOM 173  C C    . PHE A 1 11 ? 6.189   -2.174  13.140  1.00 0.34 ? 11 PHE A C    1 
ATOM 174  O O    . PHE A 1 11 ? 6.902   -1.341  13.665  1.00 0.39 ? 11 PHE A O    1 
ATOM 175  C CB   . PHE A 1 11 ? 6.983   -4.205  11.895  1.00 0.41 ? 11 PHE A CB   1 
ATOM 176  C CG   . PHE A 1 11 ? 6.148   -4.909  12.938  1.00 0.48 ? 11 PHE A CG   1 
ATOM 177  C CD1  . PHE A 1 11 ? 4.964   -5.558  12.566  1.00 1.30 ? 11 PHE A CD1  1 
ATOM 178  C CD2  . PHE A 1 11 ? 6.558   -4.913  14.277  1.00 1.26 ? 11 PHE A CD2  1 
ATOM 179  C CE1  . PHE A 1 11 ? 4.190   -6.210  13.533  1.00 1.34 ? 11 PHE A CE1  1 
ATOM 180  C CE2  . PHE A 1 11 ? 5.783   -5.566  15.244  1.00 1.30 ? 11 PHE A CE2  1 
ATOM 181  C CZ   . PHE A 1 11 ? 4.600   -6.214  14.871  1.00 0.66 ? 11 PHE A CZ   1 
ATOM 182  H H    . PHE A 1 11 ? 8.390   -2.385  10.747  1.00 0.31 ? 11 PHE A H    1 
ATOM 183  H HA   . PHE A 1 11 ? 5.648   -2.707  11.135  1.00 0.33 ? 11 PHE A HA   1 
ATOM 184  H HB2  . PHE A 1 11 ? 6.861   -4.701  10.944  1.00 0.44 ? 11 PHE A HB2  1 
ATOM 185  H HB3  . PHE A 1 11 ? 8.022   -4.233  12.185  1.00 0.43 ? 11 PHE A HB3  1 
ATOM 186  H HD1  . PHE A 1 11 ? 4.649   -5.556  11.533  1.00 2.15 ? 11 PHE A HD1  1 
ATOM 187  H HD2  . PHE A 1 11 ? 7.471   -4.413  14.564  1.00 2.11 ? 11 PHE A HD2  1 
ATOM 188  H HE1  . PHE A 1 11 ? 3.277   -6.710  13.246  1.00 2.19 ? 11 PHE A HE1  1 
ATOM 189  H HE2  . PHE A 1 11 ? 6.099   -5.569  16.276  1.00 2.14 ? 11 PHE A HE2  1 
ATOM 190  H HZ   . PHE A 1 11 ? 4.002   -6.718  15.618  1.00 0.73 ? 11 PHE A HZ   1 
ATOM 191  N N    . GLY A 1 12 ? 5.101   -2.595  13.721  1.00 0.40 ? 12 GLY A N    1 
ATOM 192  C CA   . GLY A 1 12 ? 4.709   -2.055  15.054  1.00 0.43 ? 12 GLY A CA   1 
ATOM 193  C C    . GLY A 1 12 ? 3.604   -1.021  14.847  1.00 0.39 ? 12 GLY A C    1 
ATOM 194  O O    . GLY A 1 12 ? 2.579   -1.046  15.499  1.00 0.45 ? 12 GLY A O    1 
ATOM 195  H H    . GLY A 1 12 ? 4.531   -3.255  13.275  1.00 0.48 ? 12 GLY A H    1 
ATOM 196  H HA2  . GLY A 1 12 ? 4.347   -2.858  15.679  1.00 0.47 ? 12 GLY A HA2  1 
ATOM 197  H HA3  . GLY A 1 12 ? 5.559   -1.583  15.520  1.00 0.45 ? 12 GLY A HA3  1 
ATOM 198  N N    . ILE A 1 13 ? 3.804   -0.121  13.925  1.00 0.32 ? 13 ILE A N    1 
ATOM 199  C CA   . ILE A 1 13 ? 2.775   0.912   13.643  1.00 0.30 ? 13 ILE A CA   1 
ATOM 200  C C    . ILE A 1 13 ? 1.406   0.224   13.509  1.00 0.28 ? 13 ILE A C    1 
ATOM 201  O O    . ILE A 1 13 ? 1.324   -0.955  13.226  1.00 0.30 ? 13 ILE A O    1 
ATOM 202  C CB   . ILE A 1 13 ? 3.171   1.625   12.348  1.00 0.32 ? 13 ILE A CB   1 
ATOM 203  C CG1  . ILE A 1 13 ? 2.046   2.560   11.891  1.00 0.32 ? 13 ILE A CG1  1 
ATOM 204  C CG2  . ILE A 1 13 ? 3.464   0.587   11.261  1.00 0.34 ? 13 ILE A CG2  1 
ATOM 205  C CD1  . ILE A 1 13 ? 1.257   1.904   10.761  1.00 0.34 ? 13 ILE A CD1  1 
ATOM 206  H H    . ILE A 1 13 ? 4.634   -0.130  13.405  1.00 0.33 ? 13 ILE A H    1 
ATOM 207  H HA   . ILE A 1 13 ? 2.745   1.623   14.455  1.00 0.33 ? 13 ILE A HA   1 
ATOM 208  H HB   . ILE A 1 13 ? 4.066   2.202   12.529  1.00 0.37 ? 13 ILE A HB   1 
ATOM 209  H HG12 . ILE A 1 13 ? 1.388   2.763   12.722  1.00 0.33 ? 13 ILE A HG12 1 
ATOM 210  H HG13 . ILE A 1 13 ? 2.473   3.486   11.537  1.00 0.34 ? 13 ILE A HG13 1 
ATOM 211  H HG21 . ILE A 1 13 ? 2.636   -0.103  11.188  1.00 1.00 ? 13 ILE A HG21 1 
ATOM 212  H HG22 . ILE A 1 13 ? 3.602   1.085   10.313  1.00 1.08 ? 13 ILE A HG22 1 
ATOM 213  H HG23 . ILE A 1 13 ? 4.362   0.044   11.517  1.00 1.09 ? 13 ILE A HG23 1 
ATOM 214  H HD11 . ILE A 1 13 ? 1.211   0.839   10.925  1.00 1.12 ? 13 ILE A HD11 1 
ATOM 215  H HD12 . ILE A 1 13 ? 0.257   2.308   10.740  1.00 1.07 ? 13 ILE A HD12 1 
ATOM 216  H HD13 . ILE A 1 13 ? 1.746   2.102   9.820   1.00 1.00 ? 13 ILE A HD13 1 
ATOM 217  N N    . THR A 1 14 ? 0.333   0.935   13.743  1.00 0.27 ? 14 THR A N    1 
ATOM 218  C CA   . THR A 1 14 ? -1.022  0.302   13.664  1.00 0.29 ? 14 THR A CA   1 
ATOM 219  C C    . THR A 1 14 ? -1.510  0.240   12.214  1.00 0.26 ? 14 THR A C    1 
ATOM 220  O O    . THR A 1 14 ? -0.772  0.474   11.286  1.00 0.28 ? 14 THR A O    1 
ATOM 221  C CB   . THR A 1 14 ? -2.013  1.120   14.497  1.00 0.32 ? 14 THR A CB   1 
ATOM 222  O OG1  . THR A 1 14 ? -2.166  2.408   13.916  1.00 0.38 ? 14 THR A OG1  1 
ATOM 223  C CG2  . THR A 1 14 ? -1.487  1.260   15.926  1.00 0.44 ? 14 THR A CG2  1 
ATOM 224  H H    . THR A 1 14 ? 0.416   1.878   13.992  1.00 0.29 ? 14 THR A H    1 
ATOM 225  H HA   . THR A 1 14 ? -0.968  -0.699  14.063  1.00 0.32 ? 14 THR A HA   1 
ATOM 226  H HB   . THR A 1 14 ? -2.967  0.617   14.517  1.00 0.38 ? 14 THR A HB   1 
ATOM 227  H HG1  . THR A 1 14 ? -1.323  2.862   13.976  1.00 0.54 ? 14 THR A HG1  1 
ATOM 228  H HG21 . THR A 1 14 ? -0.867  0.409   16.166  1.00 1.16 ? 14 THR A HG21 1 
ATOM 229  H HG22 . THR A 1 14 ? -0.903  2.165   16.008  1.00 1.00 ? 14 THR A HG22 1 
ATOM 230  H HG23 . THR A 1 14 ? -2.319  1.305   16.613  1.00 1.15 ? 14 THR A HG23 1 
ATOM 231  N N    . GLU A 1 15 ? -2.758  -0.085  12.015  1.00 0.27 ? 15 GLU A N    1 
ATOM 232  C CA   . GLU A 1 15 ? -3.292  -0.168  10.626  1.00 0.27 ? 15 GLU A CA   1 
ATOM 233  C C    . GLU A 1 15 ? -3.855  1.192   10.209  1.00 0.25 ? 15 GLU A C    1 
ATOM 234  O O    . GLU A 1 15 ? -4.427  1.338   9.147   1.00 0.31 ? 15 GLU A O    1 
ATOM 235  C CB   . GLU A 1 15 ? -4.401  -1.221  10.569  1.00 0.33 ? 15 GLU A CB   1 
ATOM 236  C CG   . GLU A 1 15 ? -5.024  -1.231  9.172   1.00 0.35 ? 15 GLU A CG   1 
ATOM 237  C CD   . GLU A 1 15 ? -5.773  -2.548  8.955   1.00 0.58 ? 15 GLU A CD   1 
ATOM 238  O OE1  . GLU A 1 15 ? -5.140  -3.587  9.042   1.00 1.30 ? 15 GLU A OE1  1 
ATOM 239  O OE2  . GLU A 1 15 ? -6.966  -2.493  8.707   1.00 1.30 ? 15 GLU A OE2  1 
ATOM 240  H H    . GLU A 1 15 ? -3.343  -0.278  12.777  1.00 0.30 ? 15 GLU A H    1 
ATOM 241  H HA   . GLU A 1 15 ? -2.496  -0.449  9.951   1.00 0.28 ? 15 GLU A HA   1 
ATOM 242  H HB2  . GLU A 1 15 ? -3.986  -2.194  10.785  1.00 0.36 ? 15 GLU A HB2  1 
ATOM 243  H HB3  . GLU A 1 15 ? -5.162  -0.982  11.298  1.00 0.38 ? 15 GLU A HB3  1 
ATOM 244  H HG2  . GLU A 1 15 ? -5.713  -0.404  9.079   1.00 0.70 ? 15 GLU A HG2  1 
ATOM 245  H HG3  . GLU A 1 15 ? -4.246  -1.137  8.430   1.00 0.64 ? 15 GLU A HG3  1 
ATOM 246  N N    . GLU A 1 16 ? -3.703  2.189   11.037  1.00 0.25 ? 16 GLU A N    1 
ATOM 247  C CA   . GLU A 1 16 ? -4.236  3.536   10.685  1.00 0.24 ? 16 GLU A CA   1 
ATOM 248  C C    . GLU A 1 16 ? -3.166  4.334   9.935   1.00 0.20 ? 16 GLU A C    1 
ATOM 249  O O    . GLU A 1 16 ? -3.374  4.775   8.822   1.00 0.24 ? 16 GLU A O    1 
ATOM 250  C CB   . GLU A 1 16 ? -4.625  4.280   11.964  1.00 0.28 ? 16 GLU A CB   1 
ATOM 251  C CG   . GLU A 1 16 ? -5.896  3.660   12.547  1.00 0.38 ? 16 GLU A CG   1 
ATOM 252  C CD   . GLU A 1 16 ? -6.067  4.112   13.999  1.00 1.03 ? 16 GLU A CD   1 
ATOM 253  O OE1  . GLU A 1 16 ? -5.329  3.625   14.840  1.00 1.67 ? 16 GLU A OE1  1 
ATOM 254  O OE2  . GLU A 1 16 ? -6.931  4.936   14.245  1.00 1.77 ? 16 GLU A OE2  1 
ATOM 255  H H    . GLU A 1 16 ? -3.243  2.053   11.891  1.00 0.31 ? 16 GLU A H    1 
ATOM 256  H HA   . GLU A 1 16 ? -5.107  3.424   10.056  1.00 0.25 ? 16 GLU A HA   1 
ATOM 257  H HB2  . GLU A 1 16 ? -3.822  4.201   12.684  1.00 0.29 ? 16 GLU A HB2  1 
ATOM 258  H HB3  . GLU A 1 16 ? -4.805  5.319   11.737  1.00 0.30 ? 16 GLU A HB3  1 
ATOM 259  H HG2  . GLU A 1 16 ? -6.751  3.980   11.967  1.00 0.73 ? 16 GLU A HG2  1 
ATOM 260  H HG3  . GLU A 1 16 ? -5.820  2.584   12.514  1.00 0.67 ? 16 GLU A HG3  1 
ATOM 261  N N    . ALA A 1 17 ? -2.025  4.526   10.537  1.00 0.23 ? 17 ALA A N    1 
ATOM 262  C CA   . ALA A 1 17 ? -0.945  5.299   9.861   1.00 0.22 ? 17 ALA A CA   1 
ATOM 263  C C    . ALA A 1 17 ? -0.816  4.840   8.405   1.00 0.20 ? 17 ALA A C    1 
ATOM 264  O O    . ALA A 1 17 ? -1.241  5.520   7.492   1.00 0.31 ? 17 ALA A O    1 
ATOM 265  C CB   . ALA A 1 17 ? 0.379   5.071   10.591  1.00 0.26 ? 17 ALA A CB   1 
ATOM 266  H H    . ALA A 1 17 ? -1.879  4.164   11.436  1.00 0.31 ? 17 ALA A H    1 
ATOM 267  H HA   . ALA A 1 17 ? -1.191  6.351   9.884   1.00 0.24 ? 17 ALA A HA   1 
ATOM 268  H HB1  . ALA A 1 17 ? 0.341   4.130   11.119  1.00 1.08 ? 17 ALA A HB1  1 
ATOM 269  H HB2  . ALA A 1 17 ? 1.186   5.049   9.874   1.00 0.99 ? 17 ALA A HB2  1 
ATOM 270  H HB3  . ALA A 1 17 ? 0.545   5.872   11.295  1.00 1.06 ? 17 ALA A HB3  1 
ATOM 271  N N    . MET A 1 18 ? -0.230  3.696   8.181   1.00 0.21 ? 18 MET A N    1 
ATOM 272  C CA   . MET A 1 18 ? -0.073  3.199   6.782   1.00 0.21 ? 18 MET A CA   1 
ATOM 273  C C    . MET A 1 18 ? -1.374  3.424   6.008   1.00 0.20 ? 18 MET A C    1 
ATOM 274  O O    . MET A 1 18 ? -1.390  4.064   4.977   1.00 0.21 ? 18 MET A O    1 
ATOM 275  C CB   . MET A 1 18 ? 0.250   1.702   6.800   1.00 0.24 ? 18 MET A CB   1 
ATOM 276  C CG   . MET A 1 18 ? 1.736   1.500   7.101   1.00 0.27 ? 18 MET A CG   1 
ATOM 277  S SD   . MET A 1 18 ? 2.722   2.055   5.689   1.00 1.11 ? 18 MET A SD   1 
ATOM 278  C CE   . MET A 1 18 ? 3.335   0.428   5.188   1.00 0.69 ? 18 MET A CE   1 
ATOM 279  H H    . MET A 1 18 ? 0.109   3.162   8.930   1.00 0.31 ? 18 MET A H    1 
ATOM 280  H HA   . MET A 1 18 ? 0.731   3.734   6.299   1.00 0.22 ? 18 MET A HA   1 
ATOM 281  H HB2  . MET A 1 18 ? -0.342  1.216   7.563   1.00 0.25 ? 18 MET A HB2  1 
ATOM 282  H HB3  . MET A 1 18 ? 0.019   1.273   5.837   1.00 0.26 ? 18 MET A HB3  1 
ATOM 283  H HG2  . MET A 1 18 ? 2.007   2.072   7.975   1.00 0.79 ? 18 MET A HG2  1 
ATOM 284  H HG3  . MET A 1 18 ? 1.926   0.452   7.282   1.00 0.73 ? 18 MET A HG3  1 
ATOM 285  H HE1  . MET A 1 18 ? 2.924   -0.328  5.841   1.00 1.20 ? 18 MET A HE1  1 
ATOM 286  H HE2  . MET A 1 18 ? 3.039   0.231   4.167   1.00 1.42 ? 18 MET A HE2  1 
ATOM 287  H HE3  . MET A 1 18 ? 4.412   0.411   5.257   1.00 1.26 ? 18 MET A HE3  1 
ATOM 288  N N    . MET A 1 19 ? -2.462  2.897   6.496   1.00 0.23 ? 19 MET A N    1 
ATOM 289  C CA   . MET A 1 19 ? -3.759  3.076   5.787   1.00 0.25 ? 19 MET A CA   1 
ATOM 290  C C    . MET A 1 19 ? -3.897  4.526   5.326   1.00 0.23 ? 19 MET A C    1 
ATOM 291  O O    . MET A 1 19 ? -3.864  4.821   4.148   1.00 0.23 ? 19 MET A O    1 
ATOM 292  C CB   . MET A 1 19 ? -4.912  2.734   6.734   1.00 0.29 ? 19 MET A CB   1 
ATOM 293  C CG   . MET A 1 19 ? -6.240  2.843   5.982   1.00 0.31 ? 19 MET A CG   1 
ATOM 294  S SD   . MET A 1 19 ? -7.587  2.278   7.050   1.00 0.76 ? 19 MET A SD   1 
ATOM 295  C CE   . MET A 1 19 ? -7.308  0.502   6.843   1.00 0.69 ? 19 MET A CE   1 
ATOM 296  H H    . MET A 1 19 ? -2.426  2.381   7.329   1.00 0.28 ? 19 MET A H    1 
ATOM 297  H HA   . MET A 1 19 ? -3.794  2.424   4.930   1.00 0.26 ? 19 MET A HA   1 
ATOM 298  H HB2  . MET A 1 19 ? -4.787  1.727   7.103   1.00 0.32 ? 19 MET A HB2  1 
ATOM 299  H HB3  . MET A 1 19 ? -4.913  3.424   7.564   1.00 0.31 ? 19 MET A HB3  1 
ATOM 300  H HG2  . MET A 1 19 ? -6.412  3.872   5.700   1.00 0.42 ? 19 MET A HG2  1 
ATOM 301  H HG3  . MET A 1 19 ? -6.202  2.229   5.095   1.00 0.43 ? 19 MET A HG3  1 
ATOM 302  H HE1  . MET A 1 19 ? -6.302  0.257   7.142   1.00 1.29 ? 19 MET A HE1  1 
ATOM 303  H HE2  . MET A 1 19 ? -8.009  -0.046  7.458   1.00 1.39 ? 19 MET A HE2  1 
ATOM 304  H HE3  . MET A 1 19 ? -7.448  0.236   5.804   1.00 1.22 ? 19 MET A HE3  1 
ATOM 305  N N    . ASP A 1 20 ? -4.059  5.429   6.248   1.00 0.24 ? 20 ASP A N    1 
ATOM 306  C CA   . ASP A 1 20 ? -4.210  6.862   5.880   1.00 0.25 ? 20 ASP A CA   1 
ATOM 307  C C    . ASP A 1 20 ? -2.941  7.366   5.189   1.00 0.23 ? 20 ASP A C    1 
ATOM 308  O O    . ASP A 1 20 ? -2.912  8.451   4.643   1.00 0.28 ? 20 ASP A O    1 
ATOM 309  C CB   . ASP A 1 20 ? -4.459  7.677   7.148   1.00 0.29 ? 20 ASP A CB   1 
ATOM 310  C CG   . ASP A 1 20 ? -4.629  9.153   6.787   1.00 0.32 ? 20 ASP A CG   1 
ATOM 311  O OD1  . ASP A 1 20 ? -3.626  9.842   6.707   1.00 1.04 ? 20 ASP A OD1  1 
ATOM 312  O OD2  . ASP A 1 20 ? -5.761  9.569   6.596   1.00 1.11 ? 20 ASP A OD2  1 
ATOM 313  H H    . ASP A 1 20 ? -4.089  5.163   7.190   1.00 0.26 ? 20 ASP A H    1 
ATOM 314  H HA   . ASP A 1 20 ? -5.049  6.973   5.214   1.00 0.25 ? 20 ASP A HA   1 
ATOM 315  H HB2  . ASP A 1 20 ? -5.353  7.316   7.635   1.00 0.31 ? 20 ASP A HB2  1 
ATOM 316  H HB3  . ASP A 1 20 ? -3.617  7.566   7.815   1.00 0.30 ? 20 ASP A HB3  1 
ATOM 317  N N    . PHE A 1 21 ? -1.890  6.595   5.210   1.00 0.20 ? 21 PHE A N    1 
ATOM 318  C CA   . PHE A 1 21 ? -0.628  7.039   4.557   1.00 0.20 ? 21 PHE A CA   1 
ATOM 319  C C    . PHE A 1 21 ? -0.691  6.755   3.054   1.00 0.19 ? 21 PHE A C    1 
ATOM 320  O O    . PHE A 1 21 ? -0.089  7.450   2.258   1.00 0.20 ? 21 PHE A O    1 
ATOM 321  C CB   . PHE A 1 21 ? 0.550   6.283   5.178   1.00 0.24 ? 21 PHE A CB   1 
ATOM 322  C CG   . PHE A 1 21 ? 1.820   6.589   4.420   1.00 0.23 ? 21 PHE A CG   1 
ATOM 323  C CD1  . PHE A 1 21 ? 2.215   7.918   4.211   1.00 1.23 ? 21 PHE A CD1  1 
ATOM 324  C CD2  . PHE A 1 21 ? 2.610   5.541   3.933   1.00 1.20 ? 21 PHE A CD2  1 
ATOM 325  C CE1  . PHE A 1 21 ? 3.398   8.193   3.515   1.00 1.26 ? 21 PHE A CE1  1 
ATOM 326  C CE2  . PHE A 1 21 ? 3.792   5.817   3.241   1.00 1.19 ? 21 PHE A CE2  1 
ATOM 327  C CZ   . PHE A 1 21 ? 4.186   7.142   3.030   1.00 0.34 ? 21 PHE A CZ   1 
ATOM 328  H H    . PHE A 1 21 ? -1.929  5.725   5.659   1.00 0.20 ? 21 PHE A H    1 
ATOM 329  H HA   . PHE A 1 21 ? -0.496  8.100   4.717   1.00 0.22 ? 21 PHE A HA   1 
ATOM 330  H HB2  . PHE A 1 21 ? 0.666   6.585   6.208   1.00 0.26 ? 21 PHE A HB2  1 
ATOM 331  H HB3  . PHE A 1 21 ? 0.355   5.222   5.135   1.00 0.31 ? 21 PHE A HB3  1 
ATOM 332  H HD1  . PHE A 1 21 ? 1.608   8.728   4.583   1.00 2.13 ? 21 PHE A HD1  1 
ATOM 333  H HD2  . PHE A 1 21 ? 2.306   4.519   4.094   1.00 2.11 ? 21 PHE A HD2  1 
ATOM 334  H HE1  . PHE A 1 21 ? 3.704   9.215   3.353   1.00 2.17 ? 21 PHE A HE1  1 
ATOM 335  H HE2  . PHE A 1 21 ? 4.400   5.006   2.866   1.00 2.08 ? 21 PHE A HE2  1 
ATOM 336  H HZ   . PHE A 1 21 ? 5.099   7.356   2.497   1.00 0.40 ? 21 PHE A HZ   1 
ATOM 337  N N    . PHE A 1 22 ? -1.406  5.736   2.655   1.00 0.20 ? 22 PHE A N    1 
ATOM 338  C CA   . PHE A 1 22 ? -1.490  5.415   1.200   1.00 0.22 ? 22 PHE A CA   1 
ATOM 339  C C    . PHE A 1 22 ? -2.676  6.130   0.552   1.00 0.21 ? 22 PHE A C    1 
ATOM 340  O O    . PHE A 1 22 ? -2.578  6.635   -0.548  1.00 0.28 ? 22 PHE A O    1 
ATOM 341  C CB   . PHE A 1 22 ? -1.640  3.905   1.010   1.00 0.26 ? 22 PHE A CB   1 
ATOM 342  C CG   . PHE A 1 22 ? -0.282  3.256   1.125   1.00 0.30 ? 22 PHE A CG   1 
ATOM 343  C CD1  . PHE A 1 22 ? 0.443   3.350   2.320   1.00 1.19 ? 22 PHE A CD1  1 
ATOM 344  C CD2  . PHE A 1 22 ? 0.255   2.561   0.035   1.00 1.23 ? 22 PHE A CD2  1 
ATOM 345  C CE1  . PHE A 1 22 ? 1.705   2.751   2.423   1.00 1.21 ? 22 PHE A CE1  1 
ATOM 346  C CE2  . PHE A 1 22 ? 1.515   1.962   0.137   1.00 1.25 ? 22 PHE A CE2  1 
ATOM 347  C CZ   . PHE A 1 22 ? 2.241   2.056   1.331   1.00 0.42 ? 22 PHE A CZ   1 
ATOM 348  H H    . PHE A 1 22 ? -1.880  5.182   3.308   1.00 0.20 ? 22 PHE A H    1 
ATOM 349  H HA   . PHE A 1 22 ? -0.583  5.740   0.718   1.00 0.23 ? 22 PHE A HA   1 
ATOM 350  H HB2  . PHE A 1 22 ? -2.301  3.507   1.766   1.00 0.25 ? 22 PHE A HB2  1 
ATOM 351  H HB3  . PHE A 1 22 ? -2.050  3.705   0.031   1.00 0.28 ? 22 PHE A HB3  1 
ATOM 352  H HD1  . PHE A 1 22 ? 0.029   3.886   3.163   1.00 2.07 ? 22 PHE A HD1  1 
ATOM 353  H HD2  . PHE A 1 22 ? -0.304  2.488   -0.886  1.00 2.10 ? 22 PHE A HD2  1 
ATOM 354  H HE1  . PHE A 1 22 ? 2.264   2.822   3.342   1.00 2.08 ? 22 PHE A HE1  1 
ATOM 355  H HE2  . PHE A 1 22 ? 1.928   1.426   -0.704  1.00 2.13 ? 22 PHE A HE2  1 
ATOM 356  H HZ   . PHE A 1 22 ? 3.213   1.594   1.411   1.00 0.48 ? 22 PHE A HZ   1 
ATOM 357  N N    . ASN A 1 23 ? -3.801  6.177   1.211   1.00 0.18 ? 23 ASN A N    1 
ATOM 358  C CA   . ASN A 1 23 ? -4.976  6.860   0.597   1.00 0.18 ? 23 ASN A CA   1 
ATOM 359  C C    . ASN A 1 23 ? -4.799  8.369   0.708   1.00 0.20 ? 23 ASN A C    1 
ATOM 360  O O    . ASN A 1 23 ? -5.081  9.107   -0.214  1.00 0.21 ? 23 ASN A O    1 
ATOM 361  C CB   . ASN A 1 23 ? -6.263  6.432   1.303   1.00 0.20 ? 23 ASN A CB   1 
ATOM 362  C CG   . ASN A 1 23 ? -6.060  6.462   2.814   1.00 0.19 ? 23 ASN A CG   1 
ATOM 363  O OD1  . ASN A 1 23 ? -5.835  7.509   3.386   1.00 0.26 ? 23 ASN A OD1  1 
ATOM 364  N ND2  . ASN A 1 23 ? -6.140  5.347   3.489   1.00 0.20 ? 23 ASN A ND2  1 
ATOM 365  H H    . ASN A 1 23 ? -3.873  5.764   2.097   1.00 0.20 ? 23 ASN A H    1 
ATOM 366  H HA   . ASN A 1 23 ? -5.033  6.591   -0.444  1.00 0.19 ? 23 ASN A HA   1 
ATOM 367  H HB2  . ASN A 1 23 ? -7.061  7.107   1.034   1.00 0.23 ? 23 ASN A HB2  1 
ATOM 368  H HB3  . ASN A 1 23 ? -6.522  5.429   1.001   1.00 0.21 ? 23 ASN A HB3  1 
ATOM 369  H HD21 . ASN A 1 23 ? -6.327  4.506   3.022   1.00 0.25 ? 23 ASN A HD21 1 
ATOM 370  H HD22 . ASN A 1 23 ? -6.013  5.350   4.459   1.00 0.22 ? 23 ASN A HD22 1 
ATOM 371  N N    . ALA A 1 24 ? -4.319  8.837   1.823   1.00 0.24 ? 24 ALA A N    1 
ATOM 372  C CA   . ALA A 1 24 ? -4.111  10.301  1.975   1.00 0.30 ? 24 ALA A CA   1 
ATOM 373  C C    . ALA A 1 24 ? -3.398  10.820  0.728   1.00 0.30 ? 24 ALA A C    1 
ATOM 374  O O    . ALA A 1 24 ? -3.522  11.971  0.357   1.00 0.34 ? 24 ALA A O    1 
ATOM 375  C CB   . ALA A 1 24 ? -3.249  10.572  3.209   1.00 0.36 ? 24 ALA A CB   1 
ATOM 376  H H    . ALA A 1 24 ? -4.087  8.225   2.552   1.00 0.25 ? 24 ALA A H    1 
ATOM 377  H HA   . ALA A 1 24 ? -5.065  10.796  2.078   1.00 0.31 ? 24 ALA A HA   1 
ATOM 378  H HB1  . ALA A 1 24 ? -2.354  9.969   3.162   1.00 1.08 ? 24 ALA A HB1  1 
ATOM 379  H HB2  . ALA A 1 24 ? -2.977  11.617  3.236   1.00 1.04 ? 24 ALA A HB2  1 
ATOM 380  H HB3  . ALA A 1 24 ? -3.807  10.321  4.099   1.00 1.13 ? 24 ALA A HB3  1 
ATOM 381  N N    . GLN A 1 25 ? -2.661  9.968   0.071   1.00 0.27 ? 25 GLN A N    1 
ATOM 382  C CA   . GLN A 1 25 ? -1.948  10.394  -1.164  1.00 0.30 ? 25 GLN A CA   1 
ATOM 383  C C    . GLN A 1 25 ? -2.895  10.230  -2.351  1.00 0.28 ? 25 GLN A C    1 
ATOM 384  O O    . GLN A 1 25 ? -2.858  10.985  -3.303  1.00 0.34 ? 25 GLN A O    1 
ATOM 385  C CB   . GLN A 1 25 ? -0.708  9.519   -1.372  1.00 0.32 ? 25 GLN A CB   1 
ATOM 386  C CG   . GLN A 1 25 ? 0.268   9.733   -0.214  1.00 0.41 ? 25 GLN A CG   1 
ATOM 387  C CD   . GLN A 1 25 ? 0.607   11.220  -0.097  1.00 0.77 ? 25 GLN A CD   1 
ATOM 388  O OE1  . GLN A 1 25 ? 1.255   11.777  -0.961  1.00 1.44 ? 25 GLN A OE1  1 
ATOM 389  N NE2  . GLN A 1 25 ? 0.193   11.892  0.942   1.00 0.70 ? 25 GLN A NE2  1 
ATOM 390  H H    . GLN A 1 25 ? -2.587  9.041   0.384   1.00 0.25 ? 25 GLN A H    1 
ATOM 391  H HA   . GLN A 1 25 ? -1.653  11.429  -1.075  1.00 0.36 ? 25 GLN A HA   1 
ATOM 392  H HB2  . GLN A 1 25 ? -1.004  8.479   -1.408  1.00 0.32 ? 25 GLN A HB2  1 
ATOM 393  H HB3  . GLN A 1 25 ? -0.227  9.791   -2.301  1.00 0.35 ? 25 GLN A HB3  1 
ATOM 394  H HG2  . GLN A 1 25 ? -0.186  9.393   0.707   1.00 0.54 ? 25 GLN A HG2  1 
ATOM 395  H HG3  . GLN A 1 25 ? 1.172   9.172   -0.397  1.00 0.80 ? 25 GLN A HG3  1 
ATOM 396  H HE21 . GLN A 1 25 ? -0.331  11.443  1.639   1.00 0.67 ? 25 GLN A HE21 1 
ATOM 397  H HE22 . GLN A 1 25 ? 0.405   12.845  1.026   1.00 1.04 ? 25 GLN A HE22 1 
ATOM 398  N N    . MET A 1 26 ? -3.755  9.250   -2.290  1.00 0.23 ? 26 MET A N    1 
ATOM 399  C CA   . MET A 1 26 ? -4.720  9.029   -3.398  1.00 0.27 ? 26 MET A CA   1 
ATOM 400  C C    . MET A 1 26 ? -5.786  10.126  -3.356  1.00 0.33 ? 26 MET A C    1 
ATOM 401  O O    . MET A 1 26 ? -6.407  10.442  -4.352  1.00 0.44 ? 26 MET A O    1 
ATOM 402  C CB   . MET A 1 26 ? -5.390  7.665   -3.215  1.00 0.32 ? 26 MET A CB   1 
ATOM 403  C CG   . MET A 1 26 ? -4.321  6.573   -3.118  1.00 0.42 ? 26 MET A CG   1 
ATOM 404  S SD   . MET A 1 26 ? -4.802  5.166   -4.150  1.00 1.23 ? 26 MET A SD   1 
ATOM 405  C CE   . MET A 1 26 ? -3.262  4.229   -3.986  1.00 2.15 ? 26 MET A CE   1 
ATOM 406  H H    . MET A 1 26 ? -3.769  8.661   -1.509  1.00 0.21 ? 26 MET A H    1 
ATOM 407  H HA   . MET A 1 26 ? -4.203  9.058   -4.345  1.00 0.31 ? 26 MET A HA   1 
ATOM 408  H HB2  . MET A 1 26 ? -5.973  7.674   -2.307  1.00 0.33 ? 26 MET A HB2  1 
ATOM 409  H HB3  . MET A 1 26 ? -6.034  7.464   -4.058  1.00 0.44 ? 26 MET A HB3  1 
ATOM 410  H HG2  . MET A 1 26 ? -3.374  6.963   -3.460  1.00 0.77 ? 26 MET A HG2  1 
ATOM 411  H HG3  . MET A 1 26 ? -4.228  6.250   -2.092  1.00 0.88 ? 26 MET A HG3  1 
ATOM 412  H HE1  . MET A 1 26 ? -2.577  4.774   -3.351  1.00 2.63 ? 26 MET A HE1  1 
ATOM 413  H HE2  . MET A 1 26 ? -3.473  3.263   -3.551  1.00 2.56 ? 26 MET A HE2  1 
ATOM 414  H HE3  . MET A 1 26 ? -2.817  4.094   -4.958  1.00 2.65 ? 26 MET A HE3  1 
ATOM 415  N N    . ARG A 1 27 ? -6.004  10.709  -2.206  1.00 0.33 ? 27 ARG A N    1 
ATOM 416  C CA   . ARG A 1 27 ? -7.031  11.783  -2.095  1.00 0.45 ? 27 ARG A CA   1 
ATOM 417  C C    . ARG A 1 27 ? -6.451  13.104  -2.607  1.00 0.55 ? 27 ARG A C    1 
ATOM 418  O O    . ARG A 1 27 ? -7.168  14.058  -2.836  1.00 0.70 ? 27 ARG A O    1 
ATOM 419  C CB   . ARG A 1 27 ? -7.441  11.942  -0.630  1.00 0.56 ? 27 ARG A CB   1 
ATOM 420  C CG   . ARG A 1 27 ? -8.545  10.937  -0.296  1.00 1.07 ? 27 ARG A CG   1 
ATOM 421  C CD   . ARG A 1 27 ? -9.858  11.392  -0.934  1.00 1.31 ? 27 ARG A CD   1 
ATOM 422  N NE   . ARG A 1 27 ? -10.174 12.778  -0.487  1.00 1.98 ? 27 ARG A NE   1 
ATOM 423  C CZ   . ARG A 1 27 ? -10.608 12.989  0.725   1.00 2.50 ? 27 ARG A CZ   1 
ATOM 424  N NH1  . ARG A 1 27 ? -9.768  13.015  1.724   1.00 3.26 ? 27 ARG A NH1  1 
ATOM 425  N NH2  . ARG A 1 27 ? -11.882 13.175  0.940   1.00 2.82 ? 27 ARG A NH2  1 
ATOM 426  H H    . ARG A 1 27 ? -5.493  10.436  -1.414  1.00 0.30 ? 27 ARG A H    1 
ATOM 427  H HA   . ARG A 1 27 ? -7.896  11.517  -2.684  1.00 0.47 ? 27 ARG A HA   1 
ATOM 428  H HB2  . ARG A 1 27 ? -6.585  11.761  0.005   1.00 0.90 ? 27 ARG A HB2  1 
ATOM 429  H HB3  . ARG A 1 27 ? -7.806  12.943  -0.464  1.00 0.97 ? 27 ARG A HB3  1 
ATOM 430  H HG2  . ARG A 1 27 ? -8.275  9.964   -0.682  1.00 1.65 ? 27 ARG A HG2  1 
ATOM 431  H HG3  . ARG A 1 27 ? -8.669  10.879  0.774   1.00 1.76 ? 27 ARG A HG3  1 
ATOM 432  H HD2  . ARG A 1 27 ? -9.763  11.374  -2.010  1.00 1.80 ? 27 ARG A HD2  1 
ATOM 433  H HD3  . ARG A 1 27 ? -10.655 10.727  -0.634  1.00 1.71 ? 27 ARG A HD3  1 
ATOM 434  H HE   . ARG A 1 27 ? -10.056 13.531  -1.103  1.00 2.51 ? 27 ARG A HE   1 
ATOM 435  H HH11 . ARG A 1 27 ? -8.791  12.873  1.560   1.00 3.49 ? 27 ARG A HH11 1 
ATOM 436  H HH12 . ARG A 1 27 ? -10.100 13.177  2.653   1.00 3.87 ? 27 ARG A HH12 1 
ATOM 437  H HH21 . ARG A 1 27 ? -12.526 13.155  0.175   1.00 2.86 ? 27 ARG A HH21 1 
ATOM 438  H HH22 . ARG A 1 27 ? -12.214 13.337  1.869   1.00 3.39 ? 27 ARG A HH22 1 
ATOM 439  N N    . LEU A 1 28 ? -5.160  13.168  -2.788  1.00 0.54 ? 28 LEU A N    1 
ATOM 440  C CA   . LEU A 1 28 ? -4.541  14.429  -3.283  1.00 0.70 ? 28 LEU A CA   1 
ATOM 441  C C    . LEU A 1 28 ? -5.370  14.987  -4.442  1.00 0.85 ? 28 LEU A C    1 
ATOM 442  O O    . LEU A 1 28 ? -6.235  15.820  -4.255  1.00 1.02 ? 28 LEU A O    1 
ATOM 443  C CB   . LEU A 1 28 ? -3.118  14.142  -3.768  1.00 0.75 ? 28 LEU A CB   1 
ATOM 444  C CG   . LEU A 1 28 ? -2.127  14.429  -2.638  1.00 0.90 ? 28 LEU A CG   1 
ATOM 445  C CD1  . LEU A 1 28 ? -0.993  13.403  -2.680  1.00 1.51 ? 28 LEU A CD1  1 
ATOM 446  C CD2  . LEU A 1 28 ? -1.547  15.835  -2.816  1.00 1.46 ? 28 LEU A CD2  1 
ATOM 447  H H    . LEU A 1 28 ? -4.599  12.388  -2.597  1.00 0.49 ? 28 LEU A H    1 
ATOM 448  H HA   . LEU A 1 28 ? -4.508  15.153  -2.482  1.00 0.80 ? 28 LEU A HA   1 
ATOM 449  H HB2  . LEU A 1 28 ? -3.040  13.105  -4.060  1.00 0.73 ? 28 LEU A HB2  1 
ATOM 450  H HB3  . LEU A 1 28 ? -2.890  14.772  -4.613  1.00 0.91 ? 28 LEU A HB3  1 
ATOM 451  H HG   . LEU A 1 28 ? -2.636  14.365  -1.688  1.00 1.38 ? 28 LEU A HG   1 
ATOM 452  H HD11 . LEU A 1 28 ? -1.411  12.407  -2.717  1.00 1.96 ? 28 LEU A HD11 1 
ATOM 453  H HD12 . LEU A 1 28 ? -0.386  13.572  -3.557  1.00 2.01 ? 28 LEU A HD12 1 
ATOM 454  H HD13 . LEU A 1 28 ? -0.384  13.504  -1.795  1.00 2.03 ? 28 LEU A HD13 1 
ATOM 455  H HD21 . LEU A 1 28 ? -2.353  16.551  -2.882  1.00 2.00 ? 28 LEU A HD21 1 
ATOM 456  H HD22 . LEU A 1 28 ? -0.920  16.075  -1.970  1.00 1.91 ? 28 LEU A HD22 1 
ATOM 457  H HD23 . LEU A 1 28 ? -0.959  15.870  -3.722  1.00 1.97 ? 28 LEU A HD23 1 
ATOM 458  N N    . GLY A 1 29 ? -5.113  14.536  -5.639  1.00 0.92 ? 29 GLY A N    1 
ATOM 459  C CA   . GLY A 1 29 ? -5.887  15.041  -6.810  1.00 1.16 ? 29 GLY A CA   1 
ATOM 460  C C    . GLY A 1 29 ? -7.378  14.781  -6.591  1.00 1.06 ? 29 GLY A C    1 
ATOM 461  O O    . GLY A 1 29 ? -8.222  15.423  -7.184  1.00 1.41 ? 29 GLY A O    1 
ATOM 462  H H    . GLY A 1 29 ? -4.411  13.865  -5.770  1.00 0.92 ? 29 GLY A H    1 
ATOM 463  H HA2  . GLY A 1 29 ? -5.717  16.103  -6.920  1.00 1.47 ? 29 GLY A HA2  1 
ATOM 464  H HA3  . GLY A 1 29 ? -5.562  14.529  -7.703  1.00 1.37 ? 29 GLY A HA3  1 
ATOM 465  N N    . GLY A 1 30 ? -7.710  13.844  -5.746  1.00 1.12 ? 30 GLY A N    1 
ATOM 466  C CA   . GLY A 1 30 ? -9.147  13.544  -5.493  1.00 1.39 ? 30 GLY A CA   1 
ATOM 467  C C    . GLY A 1 30 ? -9.563  12.318  -6.307  1.00 1.32 ? 30 GLY A C    1 
ATOM 468  O O    . GLY A 1 30 ? -10.453 12.381  -7.132  1.00 1.55 ? 30 GLY A O    1 
ATOM 469  H H    . GLY A 1 30 ? -7.013  13.336  -5.279  1.00 1.32 ? 30 GLY A H    1 
ATOM 470  H HA2  . GLY A 1 30 ? -9.294  13.346  -4.441  1.00 1.58 ? 30 GLY A HA2  1 
ATOM 471  H HA3  . GLY A 1 30 ? -9.750  14.389  -5.788  1.00 1.69 ? 30 GLY A HA3  1 
ATOM 472  N N    . LEU A 1 31 ? -8.926  11.202  -6.083  1.00 1.14 ? 31 LEU A N    1 
ATOM 473  C CA   . LEU A 1 31 ? -9.284  9.973   -6.845  1.00 1.27 ? 31 LEU A CA   1 
ATOM 474  C C    . LEU A 1 31 ? -10.512 9.317   -6.211  1.00 1.42 ? 31 LEU A C    1 
ATOM 475  O O    . LEU A 1 31 ? -11.093 8.402   -6.761  1.00 1.76 ? 31 LEU A O    1 
ATOM 476  C CB   . LEU A 1 31 ? -8.109  8.993   -6.811  1.00 1.29 ? 31 LEU A CB   1 
ATOM 477  C CG   . LEU A 1 31 ? -6.833  9.712   -7.251  1.00 1.24 ? 31 LEU A CG   1 
ATOM 478  C CD1  . LEU A 1 31 ? -5.629  8.796   -7.030  1.00 1.33 ? 31 LEU A CD1  1 
ATOM 479  C CD2  . LEU A 1 31 ? -6.936  10.069  -8.735  1.00 1.46 ? 31 LEU A CD2  1 
ATOM 480  H H    . LEU A 1 31 ? -8.211  11.172  -5.413  1.00 1.01 ? 31 LEU A H    1 
ATOM 481  H HA   . LEU A 1 31 ? -9.505  10.235  -7.869  1.00 1.38 ? 31 LEU A HA   1 
ATOM 482  H HB2  . LEU A 1 31 ? -7.984  8.617   -5.806  1.00 1.23 ? 31 LEU A HB2  1 
ATOM 483  H HB3  . LEU A 1 31 ? -8.306  8.171   -7.483  1.00 1.51 ? 31 LEU A HB3  1 
ATOM 484  H HG   . LEU A 1 31 ? -6.710  10.614  -6.668  1.00 1.12 ? 31 LEU A HG   1 
ATOM 485  H HD11 . LEU A 1 31 ? -5.971  7.791   -6.833  1.00 1.68 ? 31 LEU A HD11 1 
ATOM 486  H HD12 . LEU A 1 31 ? -5.008  8.798   -7.913  1.00 1.74 ? 31 LEU A HD12 1 
ATOM 487  H HD13 . LEU A 1 31 ? -5.055  9.151   -6.186  1.00 1.66 ? 31 LEU A HD13 1 
ATOM 488  H HD21 . LEU A 1 31 ? -7.500  9.306   -9.250  1.00 2.05 ? 31 LEU A HD21 1 
ATOM 489  H HD22 . LEU A 1 31 ? -7.436  11.021  -8.843  1.00 1.65 ? 31 LEU A HD22 1 
ATOM 490  H HD23 . LEU A 1 31 ? -5.945  10.133  -9.160  1.00 1.75 ? 31 LEU A HD23 1 
ATOM 491  N N    . THR A 1 32 ? -10.915 9.777   -5.058  1.00 1.36 ? 32 THR A N    1 
ATOM 492  C CA   . THR A 1 32 ? -12.107 9.179   -4.393  1.00 1.61 ? 32 THR A CA   1 
ATOM 493  C C    . THR A 1 32 ? -12.949 10.285  -3.754  1.00 1.96 ? 32 THR A C    1 
ATOM 494  O O    . THR A 1 32 ? -12.442 11.140  -3.055  1.00 2.42 ? 32 THR A O    1 
ATOM 495  C CB   . THR A 1 32 ? -11.651 8.201   -3.308  1.00 1.42 ? 32 THR A CB   1 
ATOM 496  O OG1  . THR A 1 32 ? -10.715 8.844   -2.456  1.00 1.30 ? 32 THR A OG1  1 
ATOM 497  C CG2  . THR A 1 32 ? -11.000 6.980   -3.960  1.00 1.61 ? 32 THR A CG2  1 
ATOM 498  H H    . THR A 1 32 ? -10.435 10.517  -4.630  1.00 1.31 ? 32 THR A H    1 
ATOM 499  H HA   . THR A 1 32 ? -12.701 8.652   -5.124  1.00 1.88 ? 32 THR A HA   1 
ATOM 500  H HB   . THR A 1 32 ? -12.505 7.882   -2.732  1.00 1.60 ? 32 THR A HB   1 
ATOM 501  H HG1  . THR A 1 32 ? -9.912  8.316   -2.445  1.00 1.08 ? 32 THR A HG1  1 
ATOM 502  H HG21 . THR A 1 32 ? -10.765 7.203   -4.990  1.00 2.08 ? 32 THR A HG21 1 
ATOM 503  H HG22 . THR A 1 32 ? -10.091 6.732   -3.430  1.00 1.76 ? 32 THR A HG22 1 
ATOM 504  H HG23 . THR A 1 32 ? -11.681 6.143   -3.918  1.00 2.06 ? 32 THR A HG23 1 
ATOM 505  N N    . GLN A 1 33 ? -14.232 10.272  -3.987  1.00 2.38 ? 33 GLN A N    1 
ATOM 506  C CA   . GLN A 1 33 ? -15.108 11.319  -3.389  1.00 2.81 ? 33 GLN A CA   1 
ATOM 507  C C    . GLN A 1 33 ? -16.342 10.655  -2.780  1.00 2.92 ? 33 GLN A C    1 
ATOM 508  O O    . GLN A 1 33 ? -17.456 10.871  -3.212  1.00 3.33 ? 33 GLN A O    1 
ATOM 509  C CB   . GLN A 1 33 ? -15.538 12.308  -4.473  1.00 3.29 ? 33 GLN A CB   1 
ATOM 510  C CG   . GLN A 1 33 ? -14.641 13.545  -4.420  1.00 3.74 ? 33 GLN A CG   1 
ATOM 511  C CD   . GLN A 1 33 ? -15.414 14.760  -4.936  1.00 4.27 ? 33 GLN A CD   1 
ATOM 512  O OE1  . GLN A 1 33 ? -15.371 15.820  -4.343  1.00 4.51 ? 33 GLN A OE1  1 
ATOM 513  N NE2  . GLN A 1 33 ? -16.125 14.651  -6.025  1.00 4.85 ? 33 GLN A NE2  1 
ATOM 514  H H    . GLN A 1 33 ? -14.621 9.572   -4.551  1.00 2.75 ? 33 GLN A H    1 
ATOM 515  H HA   . GLN A 1 33 ? -14.565 11.842  -2.616  1.00 2.91 ? 33 GLN A HA   1 
ATOM 516  H HB2  . GLN A 1 33 ? -15.452 11.840  -5.443  1.00 3.51 ? 33 GLN A HB2  1 
ATOM 517  H HB3  . GLN A 1 33 ? -16.563 12.602  -4.305  1.00 3.57 ? 33 GLN A HB3  1 
ATOM 518  H HG2  . GLN A 1 33 ? -14.331 13.721  -3.400  1.00 3.88 ? 33 GLN A HG2  1 
ATOM 519  H HG3  . GLN A 1 33 ? -13.770 13.386  -5.038  1.00 4.06 ? 33 GLN A HG3  1 
ATOM 520  H HE21 . GLN A 1 33 ? -16.160 13.797  -6.504  1.00 4.97 ? 33 GLN A HE21 1 
ATOM 521  H HE22 . GLN A 1 33 ? -16.623 15.424  -6.364  1.00 5.37 ? 33 GLN A HE22 1 
ATOM 522  N N    . ALA A 1 34 ? -16.146 9.846   -1.777  1.00 2.75 ? 34 ALA A N    1 
ATOM 523  C CA   . ALA A 1 34 ? -17.301 9.161   -1.132  1.00 3.03 ? 34 ALA A CA   1 
ATOM 524  C C    . ALA A 1 34 ? -17.192 9.307   0.388   1.00 2.80 ? 34 ALA A C    1 
ATOM 525  O O    . ALA A 1 34 ? -16.239 9.870   0.888   1.00 3.02 ? 34 ALA A O    1 
ATOM 526  C CB   . ALA A 1 34 ? -17.279 7.677   -1.508  1.00 3.52 ? 34 ALA A CB   1 
ATOM 527  H H    . ALA A 1 34 ? -15.236 9.689   -1.447  1.00 2.57 ? 34 ALA A H    1 
ATOM 528  H HA   . ALA A 1 34 ? -18.223 9.607   -1.474  1.00 3.43 ? 34 ALA A HA   1 
ATOM 529  H HB1  . ALA A 1 34 ? -16.451 7.487   -2.173  1.00 3.66 ? 34 ALA A HB1  1 
ATOM 530  H HB2  . ALA A 1 34 ? -17.170 7.080   -0.615  1.00 3.79 ? 34 ALA A HB2  1 
ATOM 531  H HB3  . ALA A 1 34 ? -18.204 7.418   -2.003  1.00 3.98 ? 34 ALA A HB3  1 
ATOM 532  N N    . PRO A 1 35 ? -18.177 8.794   1.077   1.00 2.95 ? 35 PRO A N    1 
ATOM 533  C CA   . PRO A 1 35 ? -18.228 8.848   2.548   1.00 3.20 ? 35 PRO A CA   1 
ATOM 534  C C    . PRO A 1 35 ? -17.293 7.797   3.152   1.00 2.52 ? 35 PRO A C    1 
ATOM 535  O O    . PRO A 1 35 ? -17.701 6.960   3.931   1.00 2.83 ? 35 PRO A O    1 
ATOM 536  C CB   . PRO A 1 35 ? -19.692 8.534   2.868   1.00 4.12 ? 35 PRO A CB   1 
ATOM 537  C CG   . PRO A 1 35 ? -20.253 7.775   1.641   1.00 4.25 ? 35 PRO A CG   1 
ATOM 538  C CD   . PRO A 1 35 ? -19.329 8.112   0.455   1.00 3.53 ? 35 PRO A CD   1 
ATOM 539  H HA   . PRO A 1 35 ? -17.977 9.834   2.904   1.00 3.64 ? 35 PRO A HA   1 
ATOM 540  H HB2  . PRO A 1 35 ? -19.753 7.913   3.752   1.00 4.29 ? 35 PRO A HB2  1 
ATOM 541  H HB3  . PRO A 1 35 ? -20.247 9.447   3.015   1.00 4.81 ? 35 PRO A HB3  1 
ATOM 542  H HG2  . PRO A 1 35 ? -20.246 6.711   1.831   1.00 4.35 ? 35 PRO A HG2  1 
ATOM 543  H HG3  . PRO A 1 35 ? -21.257 8.108   1.427   1.00 5.02 ? 35 PRO A HG3  1 
ATOM 544  H HD2  . PRO A 1 35 ? -19.014 7.205   -0.041  1.00 3.47 ? 35 PRO A HD2  1 
ATOM 545  H HD3  . PRO A 1 35 ? -19.826 8.773   -0.237  1.00 3.90 ? 35 PRO A HD3  1 
ATOM 546  N N    . GLY A 1 36 ? -16.038 7.837   2.794   1.00 2.13 ? 36 GLY A N    1 
ATOM 547  C CA   . GLY A 1 36 ? -15.072 6.844   3.343   1.00 1.77 ? 36 GLY A CA   1 
ATOM 548  C C    . GLY A 1 36 ? -13.738 6.973   2.605   1.00 1.58 ? 36 GLY A C    1 
ATOM 549  O O    . GLY A 1 36 ? -13.459 7.975   1.978   1.00 2.31 ? 36 GLY A O    1 
ATOM 550  H H    . GLY A 1 36 ? -15.731 8.522   2.164   1.00 2.53 ? 36 GLY A H    1 
ATOM 551  H HA2  . GLY A 1 36 ? -14.923 7.030   4.397   1.00 2.08 ? 36 GLY A HA2  1 
ATOM 552  H HA3  . GLY A 1 36 ? -15.461 5.847   3.204   1.00 1.73 ? 36 GLY A HA3  1 
ATOM 553  N N    . ASN A 1 37 ? -12.910 5.965   2.674   1.00 1.16 ? 37 ASN A N    1 
ATOM 554  C CA   . ASN A 1 37 ? -11.595 6.033   1.976   1.00 0.90 ? 37 ASN A CA   1 
ATOM 555  C C    . ASN A 1 37 ? -11.481 4.866   0.993   1.00 0.76 ? 37 ASN A C    1 
ATOM 556  O O    . ASN A 1 37 ? -12.322 3.989   0.973   1.00 0.90 ? 37 ASN A O    1 
ATOM 557  C CB   . ASN A 1 37 ? -10.467 5.945   3.005   1.00 0.92 ? 37 ASN A CB   1 
ATOM 558  C CG   . ASN A 1 37 ? -11.062 5.917   4.414   1.00 1.58 ? 37 ASN A CG   1 
ATOM 559  O OD1  . ASN A 1 37 ? -11.292 4.860   4.968   1.00 2.44 ? 37 ASN A OD1  1 
ATOM 560  N ND2  . ASN A 1 37 ? -11.326 7.042   5.021   1.00 2.13 ? 37 ASN A ND2  1 
ATOM 561  H H    . ASN A 1 37 ? -13.154 5.165   3.184   1.00 1.57 ? 37 ASN A H    1 
ATOM 562  H HA   . ASN A 1 37 ? -11.520 6.966   1.437   1.00 0.94 ? 37 ASN A HA   1 
ATOM 563  H HB2  . ASN A 1 37 ? -9.895  5.044   2.837   1.00 1.29 ? 37 ASN A HB2  1 
ATOM 564  H HB3  . ASN A 1 37 ? -9.822  6.805   2.908   1.00 1.32 ? 37 ASN A HB3  1 
ATOM 565  H HD21 . ASN A 1 37 ? -11.142 7.895   4.574   1.00 2.30 ? 37 ASN A HD21 1 
ATOM 566  H HD22 . ASN A 1 37 ? -11.708 7.034   5.923   1.00 2.81 ? 37 ASN A HD22 1 
ATOM 567  N N    . PRO A 1 38 ? -10.438 4.895   0.208   1.00 0.56 ? 38 PRO A N    1 
ATOM 568  C CA   . PRO A 1 38 ? -10.171 3.852   -0.797  1.00 0.56 ? 38 PRO A CA   1 
ATOM 569  C C    . PRO A 1 38 ? -9.595  2.600   -0.130  1.00 0.48 ? 38 PRO A C    1 
ATOM 570  O O    . PRO A 1 38 ? -10.266 1.597   0.005   1.00 0.65 ? 38 PRO A O    1 
ATOM 571  C CB   . PRO A 1 38 ? -9.147  4.507   -1.726  1.00 0.54 ? 38 PRO A CB   1 
ATOM 572  C CG   . PRO A 1 38 ? -8.475  5.637   -0.912  1.00 0.46 ? 38 PRO A CG   1 
ATOM 573  C CD   . PRO A 1 38 ? -9.430  5.971   0.251   1.00 0.50 ? 38 PRO A CD   1 
ATOM 574  H HA   . PRO A 1 38 ? -11.067 3.614   -1.347  1.00 0.73 ? 38 PRO A HA   1 
ATOM 575  H HB2  . PRO A 1 38 ? -8.410  3.776   -2.032  1.00 0.59 ? 38 PRO A HB2  1 
ATOM 576  H HB3  . PRO A 1 38 ? -9.639  4.923   -2.591  1.00 0.67 ? 38 PRO A HB3  1 
ATOM 577  H HG2  . PRO A 1 38 ? -7.523  5.298   -0.531  1.00 0.46 ? 38 PRO A HG2  1 
ATOM 578  H HG3  . PRO A 1 38 ? -8.337  6.508   -1.533  1.00 0.53 ? 38 PRO A HG3  1 
ATOM 579  H HD2  . PRO A 1 38 ? -8.897  5.957   1.192   1.00 0.54 ? 38 PRO A HD2  1 
ATOM 580  H HD3  . PRO A 1 38 ? -9.899  6.929   0.092   1.00 0.58 ? 38 PRO A HD3  1 
ATOM 581  N N    . VAL A 1 39 ? -8.359  2.646   0.292   1.00 0.28 ? 39 VAL A N    1 
ATOM 582  C CA   . VAL A 1 39 ? -7.763  1.450   0.950   1.00 0.25 ? 39 VAL A CA   1 
ATOM 583  C C    . VAL A 1 39 ? -8.715  0.967   2.045   1.00 0.28 ? 39 VAL A C    1 
ATOM 584  O O    . VAL A 1 39 ? -9.430  1.746   2.642   1.00 0.36 ? 39 VAL A O    1 
ATOM 585  C CB   . VAL A 1 39 ? -6.408  1.815   1.561   1.00 0.22 ? 39 VAL A CB   1 
ATOM 586  C CG1  . VAL A 1 39 ? -5.909  0.661   2.425   1.00 0.30 ? 39 VAL A CG1  1 
ATOM 587  C CG2  . VAL A 1 39 ? -5.397  2.068   0.441   1.00 0.25 ? 39 VAL A CG2  1 
ATOM 588  H H    . VAL A 1 39 ? -7.828  3.462   0.180   1.00 0.28 ? 39 VAL A H    1 
ATOM 589  H HA   . VAL A 1 39 ? -7.631  0.666   0.219   1.00 0.30 ? 39 VAL A HA   1 
ATOM 590  H HB   . VAL A 1 39 ? -6.510  2.705   2.166   1.00 0.23 ? 39 VAL A HB   1 
ATOM 591  H HG11 . VAL A 1 39 ? -6.594  -0.168  2.358   1.00 1.07 ? 39 VAL A HG11 1 
ATOM 592  H HG12 . VAL A 1 39 ? -4.938  0.350   2.074   1.00 1.07 ? 39 VAL A HG12 1 
ATOM 593  H HG13 . VAL A 1 39 ? -5.837  0.983   3.453   1.00 1.05 ? 39 VAL A HG13 1 
ATOM 594  H HG21 . VAL A 1 39 ? -5.793  1.697   -0.493  1.00 0.90 ? 39 VAL A HG21 1 
ATOM 595  H HG22 . VAL A 1 39 ? -5.208  3.126   0.356   1.00 1.03 ? 39 VAL A HG22 1 
ATOM 596  H HG23 . VAL A 1 39 ? -4.474  1.554   0.668   1.00 0.91 ? 39 VAL A HG23 1 
ATOM 597  N N    . LEU A 1 40 ? -8.748  -0.311  2.305   1.00 0.36 ? 40 LEU A N    1 
ATOM 598  C CA   . LEU A 1 40 ? -9.679  -0.822  3.350   1.00 0.41 ? 40 LEU A CA   1 
ATOM 599  C C    . LEU A 1 40 ? -8.935  -1.671  4.389   1.00 0.41 ? 40 LEU A C    1 
ATOM 600  O O    . LEU A 1 40 ? -9.242  -1.622  5.564   1.00 0.48 ? 40 LEU A O    1 
ATOM 601  C CB   . LEU A 1 40 ? -10.762 -1.674  2.684   1.00 0.47 ? 40 LEU A CB   1 
ATOM 602  C CG   . LEU A 1 40 ? -11.834 -2.036  3.712   1.00 0.74 ? 40 LEU A CG   1 
ATOM 603  C CD1  . LEU A 1 40 ? -12.729 -0.822  3.966   1.00 1.36 ? 40 LEU A CD1  1 
ATOM 604  C CD2  . LEU A 1 40 ? -12.683 -3.191  3.175   1.00 1.78 ? 40 LEU A CD2  1 
ATOM 605  H H    . LEU A 1 40 ? -8.175  -0.930  1.804   1.00 0.45 ? 40 LEU A H    1 
ATOM 606  H HA   . LEU A 1 40 ? -10.145 0.015   3.845   1.00 0.47 ? 40 LEU A HA   1 
ATOM 607  H HB2  . LEU A 1 40 ? -11.212 -1.116  1.875   1.00 0.61 ? 40 LEU A HB2  1 
ATOM 608  H HB3  . LEU A 1 40 ? -10.319 -2.579  2.295   1.00 0.63 ? 40 LEU A HB3  1 
ATOM 609  H HG   . LEU A 1 40 ? -11.361 -2.334  4.637   1.00 1.38 ? 40 LEU A HG   1 
ATOM 610  H HD11 . LEU A 1 40 ? -12.210 0.077   3.667   1.00 1.86 ? 40 LEU A HD11 1 
ATOM 611  H HD12 . LEU A 1 40 ? -13.640 -0.920  3.395   1.00 1.84 ? 40 LEU A HD12 1 
ATOM 612  H HD13 . LEU A 1 40 ? -12.969 -0.765  5.018   1.00 2.04 ? 40 LEU A HD13 1 
ATOM 613  H HD21 . LEU A 1 40 ? -12.201 -3.621  2.310   1.00 2.33 ? 40 LEU A HD21 1 
ATOM 614  H HD22 . LEU A 1 40 ? -12.789 -3.945  3.941   1.00 2.35 ? 40 LEU A HD22 1 
ATOM 615  H HD23 . LEU A 1 40 ? -13.659 -2.822  2.897   1.00 2.19 ? 40 LEU A HD23 1 
ATOM 616  N N    . ALA A 1 41 ? -7.982  -2.463  3.980   1.00 0.38 ? 41 ALA A N    1 
ATOM 617  C CA   . ALA A 1 41 ? -7.266  -3.318  4.972   1.00 0.42 ? 41 ALA A CA   1 
ATOM 618  C C    . ALA A 1 41 ? -5.758  -3.303  4.709   1.00 0.40 ? 41 ALA A C    1 
ATOM 619  O O    . ALA A 1 41 ? -5.273  -3.940  3.797   1.00 0.58 ? 41 ALA A O    1 
ATOM 620  C CB   . ALA A 1 41 ? -7.782  -4.751  4.852   1.00 0.49 ? 41 ALA A CB   1 
ATOM 621  H H    . ALA A 1 41 ? -7.752  -2.512  3.029   1.00 0.36 ? 41 ALA A H    1 
ATOM 622  H HA   . ALA A 1 41 ? -7.460  -2.952  5.968   1.00 0.47 ? 41 ALA A HA   1 
ATOM 623  H HB1  . ALA A 1 41 ? -8.497  -4.809  4.044   1.00 1.22 ? 41 ALA A HB1  1 
ATOM 624  H HB2  . ALA A 1 41 ? -6.956  -5.416  4.648   1.00 1.10 ? 41 ALA A HB2  1 
ATOM 625  H HB3  . ALA A 1 41 ? -8.259  -5.041  5.776   1.00 1.05 ? 41 ALA A HB3  1 
ATOM 626  N N    . VAL A 1 42 ? -5.010  -2.595  5.513   1.00 0.39 ? 42 VAL A N    1 
ATOM 627  C CA   . VAL A 1 42 ? -3.532  -2.557  5.316   1.00 0.37 ? 42 VAL A CA   1 
ATOM 628  C C    . VAL A 1 42 ? -2.836  -3.096  6.566   1.00 0.43 ? 42 VAL A C    1 
ATOM 629  O O    . VAL A 1 42 ? -2.242  -2.358  7.326   1.00 0.57 ? 42 VAL A O    1 
ATOM 630  C CB   . VAL A 1 42 ? -3.081  -1.116  5.069   1.00 0.40 ? 42 VAL A CB   1 
ATOM 631  C CG1  . VAL A 1 42 ? -1.585  -1.093  4.751   1.00 1.01 ? 42 VAL A CG1  1 
ATOM 632  C CG2  . VAL A 1 42 ? -3.853  -0.540  3.886   1.00 0.72 ? 42 VAL A CG2  1 
ATOM 633  H H    . VAL A 1 42 ? -5.418  -2.100  6.253   1.00 0.55 ? 42 VAL A H    1 
ATOM 634  H HA   . VAL A 1 42 ? -3.268  -3.167  4.465   1.00 0.33 ? 42 VAL A HA   1 
ATOM 635  H HB   . VAL A 1 42 ? -3.271  -0.522  5.950   1.00 0.77 ? 42 VAL A HB   1 
ATOM 636  H HG11 . VAL A 1 42 ? -1.076  -1.828  5.355   1.00 1.65 ? 42 VAL A HG11 1 
ATOM 637  H HG12 . VAL A 1 42 ? -1.436  -1.322  3.705   1.00 1.42 ? 42 VAL A HG12 1 
ATOM 638  H HG13 . VAL A 1 42 ? -1.187  -0.112  4.964   1.00 1.58 ? 42 VAL A HG13 1 
ATOM 639  H HG21 . VAL A 1 42 ? -4.711  -1.162  3.677   1.00 1.48 ? 42 VAL A HG21 1 
ATOM 640  H HG22 . VAL A 1 42 ? -4.183  0.460   4.124   1.00 1.21 ? 42 VAL A HG22 1 
ATOM 641  H HG23 . VAL A 1 42 ? -3.212  -0.508  3.016   1.00 1.33 ? 42 VAL A HG23 1 
ATOM 642  N N    . GLN A 1 43 ? -2.906  -4.380  6.787   1.00 0.49 ? 43 GLN A N    1 
ATOM 643  C CA   . GLN A 1 43 ? -2.249  -4.965  7.988   1.00 0.58 ? 43 GLN A CA   1 
ATOM 644  C C    . GLN A 1 43 ? -0.731  -4.938  7.806   1.00 0.50 ? 43 GLN A C    1 
ATOM 645  O O    . GLN A 1 43 ? -0.229  -4.889  6.701   1.00 0.64 ? 43 GLN A O    1 
ATOM 646  C CB   . GLN A 1 43 ? -2.713  -6.412  8.163   1.00 0.69 ? 43 GLN A CB   1 
ATOM 647  C CG   . GLN A 1 43 ? -3.953  -6.447  9.059   1.00 1.26 ? 43 GLN A CG   1 
ATOM 648  C CD   . GLN A 1 43 ? -4.679  -7.780  8.874   1.00 1.66 ? 43 GLN A CD   1 
ATOM 649  O OE1  . GLN A 1 43 ? -5.552  -7.899  8.037   1.00 2.16 ? 43 GLN A OE1  1 
ATOM 650  N NE2  . GLN A 1 43 ? -4.353  -8.797  9.625   1.00 2.29 ? 43 GLN A NE2  1 
ATOM 651  H H    . GLN A 1 43 ? -3.391  -4.958  6.162   1.00 0.58 ? 43 GLN A H    1 
ATOM 652  H HA   . GLN A 1 43 ? -2.520  -4.393  8.863   1.00 0.68 ? 43 GLN A HA   1 
ATOM 653  H HB2  . GLN A 1 43 ? -2.954  -6.831  7.196   1.00 0.89 ? 43 GLN A HB2  1 
ATOM 654  H HB3  . GLN A 1 43 ? -1.924  -6.990  8.620   1.00 0.95 ? 43 GLN A HB3  1 
ATOM 655  H HG2  . GLN A 1 43 ? -3.653  -6.339  10.092  1.00 1.70 ? 43 GLN A HG2  1 
ATOM 656  H HG3  . GLN A 1 43 ? -4.614  -5.639  8.790   1.00 1.73 ? 43 GLN A HG3  1 
ATOM 657  H HE21 . GLN A 1 43 ? -3.649  -8.702  10.300  1.00 2.67 ? 43 GLN A HE21 1 
ATOM 658  H HE22 . GLN A 1 43 ? -4.813  -9.656  9.514   1.00 2.73 ? 43 GLN A HE22 1 
ATOM 659  N N    . ILE A 1 44 ? 0.005   -4.974  8.883   1.00 0.44 ? 44 ILE A N    1 
ATOM 660  C CA   . ILE A 1 44 ? 1.490   -4.955  8.771   1.00 0.40 ? 44 ILE A CA   1 
ATOM 661  C C    . ILE A 1 44 ? 2.034   -6.354  9.069   1.00 0.46 ? 44 ILE A C    1 
ATOM 662  O O    . ILE A 1 44 ? 1.320   -7.221  9.531   1.00 0.53 ? 44 ILE A O    1 
ATOM 663  C CB   . ILE A 1 44 ? 2.065   -3.955  9.777   1.00 0.52 ? 44 ILE A CB   1 
ATOM 664  C CG1  . ILE A 1 44 ? 1.448   -2.576  9.534   1.00 0.64 ? 44 ILE A CG1  1 
ATOM 665  C CG2  . ILE A 1 44 ? 3.583   -3.870  9.601   1.00 0.61 ? 44 ILE A CG2  1 
ATOM 666  C CD1  . ILE A 1 44 ? 0.164   -2.440  10.354  1.00 0.41 ? 44 ILE A CD1  1 
ATOM 667  H H    . ILE A 1 44 ? -0.420  -5.017  9.765   1.00 0.54 ? 44 ILE A H    1 
ATOM 668  H HA   . ILE A 1 44 ? 1.771   -4.664  7.771   1.00 0.42 ? 44 ILE A HA   1 
ATOM 669  H HB   . ILE A 1 44 ? 1.837   -4.283  10.780  1.00 0.66 ? 44 ILE A HB   1 
ATOM 670  H HG12 . ILE A 1 44 ? 2.149   -1.810  9.833   1.00 1.03 ? 44 ILE A HG12 1 
ATOM 671  H HG13 . ILE A 1 44 ? 1.216   -2.464  8.486   1.00 1.01 ? 44 ILE A HG13 1 
ATOM 672  H HG21 . ILE A 1 44 ? 3.816   -3.722  8.556   1.00 1.23 ? 44 ILE A HG21 1 
ATOM 673  H HG22 . ILE A 1 44 ? 3.965   -3.040  10.177  1.00 1.24 ? 44 ILE A HG22 1 
ATOM 674  H HG23 . ILE A 1 44 ? 4.037   -4.786  9.946   1.00 1.11 ? 44 ILE A HG23 1 
ATOM 675  H HD11 . ILE A 1 44 ? 0.379   -2.628  11.395  1.00 1.14 ? 44 ILE A HD11 1 
ATOM 676  H HD12 . ILE A 1 44 ? -0.232  -1.442  10.242  1.00 1.14 ? 44 ILE A HD12 1 
ATOM 677  H HD13 . ILE A 1 44 ? -0.564  -3.158  10.003  1.00 1.08 ? 44 ILE A HD13 1 
ATOM 678  N N    . ASN A 1 45 ? 3.291   -6.584  8.804   1.00 0.72 ? 45 ASN A N    1 
ATOM 679  C CA   . ASN A 1 45 ? 3.871   -7.931  9.070   1.00 0.88 ? 45 ASN A CA   1 
ATOM 680  C C    . ASN A 1 45 ? 5.155   -7.788  9.890   1.00 0.73 ? 45 ASN A C    1 
ATOM 681  O O    . ASN A 1 45 ? 5.914   -6.854  9.719   1.00 0.80 ? 45 ASN A O    1 
ATOM 682  C CB   . ASN A 1 45 ? 4.190   -8.617  7.741   1.00 1.37 ? 45 ASN A CB   1 
ATOM 683  C CG   . ASN A 1 45 ? 3.430   -9.942  7.654   1.00 2.06 ? 45 ASN A CG   1 
ATOM 684  O OD1  . ASN A 1 45 ? 2.530   -10.087 6.850   1.00 2.48 ? 45 ASN A OD1  1 
ATOM 685  N ND2  . ASN A 1 45 ? 3.754   -10.920 8.453   1.00 2.79 ? 45 ASN A ND2  1 
ATOM 686  H H    . ASN A 1 45 ? 3.852   -5.875  8.428   1.00 0.91 ? 45 ASN A H    1 
ATOM 687  H HA   . ASN A 1 45 ? 3.158   -8.527  9.620   1.00 1.29 ? 45 ASN A HA   1 
ATOM 688  H HB2  . ASN A 1 45 ? 3.893   -7.975  6.924   1.00 1.52 ? 45 ASN A HB2  1 
ATOM 689  H HB3  . ASN A 1 45 ? 5.250   -8.807  7.681   1.00 1.55 ? 45 ASN A HB3  1 
ATOM 690  H HD21 . ASN A 1 45 ? 4.480   -10.803 9.101   1.00 3.09 ? 45 ASN A HD21 1 
ATOM 691  H HD22 . ASN A 1 45 ? 3.274   -11.772 8.405   1.00 3.31 ? 45 ASN A HD22 1 
ATOM 692  N N    . GLN A 1 46 ? 5.405   -8.710  10.781  1.00 1.08 ? 46 GLN A N    1 
ATOM 693  C CA   . GLN A 1 46 ? 6.639   -8.631  11.614  1.00 1.62 ? 46 GLN A CA   1 
ATOM 694  C C    . GLN A 1 46 ? 7.789   -9.335  10.890  1.00 1.81 ? 46 GLN A C    1 
ATOM 695  O O    . GLN A 1 46 ? 7.840   -9.373  9.676   1.00 2.10 ? 46 GLN A O    1 
ATOM 696  C CB   . GLN A 1 46 ? 6.394   -9.317  12.961  1.00 2.43 ? 46 GLN A CB   1 
ATOM 697  C CG   . GLN A 1 46 ? 4.979   -9.002  13.455  1.00 3.22 ? 46 GLN A CG   1 
ATOM 698  C CD   . GLN A 1 46 ? 4.203   -10.306 13.643  1.00 4.12 ? 46 GLN A CD   1 
ATOM 699  O OE1  . GLN A 1 46 ? 3.061   -10.411 13.240  1.00 4.59 ? 46 GLN A OE1  1 
ATOM 700  N NE2  . GLN A 1 46 ? 4.776   -11.312 14.244  1.00 4.73 ? 46 GLN A NE2  1 
ATOM 701  H H    . GLN A 1 46 ? 4.780   -9.456  10.902  1.00 1.18 ? 46 GLN A H    1 
ATOM 702  H HA   . GLN A 1 46 ? 6.897   -7.595  11.778  1.00 2.20 ? 46 GLN A HA   1 
ATOM 703  H HB2  . GLN A 1 46 ? 6.505   -10.385 12.845  1.00 2.71 ? 46 GLN A HB2  1 
ATOM 704  H HB3  . GLN A 1 46 ? 7.113   -8.958  13.683  1.00 2.93 ? 46 GLN A HB3  1 
ATOM 705  H HG2  . GLN A 1 46 ? 5.037   -8.477  14.397  1.00 3.43 ? 46 GLN A HG2  1 
ATOM 706  H HG3  . GLN A 1 46 ? 4.472   -8.385  12.729  1.00 3.48 ? 46 GLN A HG3  1 
ATOM 707  H HE21 . GLN A 1 46 ? 5.697   -11.228 14.568  1.00 4.69 ? 46 GLN A HE21 1 
ATOM 708  H HE22 . GLN A 1 46 ? 4.287   -12.152 14.369  1.00 5.40 ? 46 GLN A HE22 1 
ATOM 709  N N    . ASP A 1 47 ? 8.712   -9.894  11.625  1.00 2.45 ? 47 ASP A N    1 
ATOM 710  C CA   . ASP A 1 47 ? 9.856   -10.597 10.978  1.00 3.25 ? 47 ASP A CA   1 
ATOM 711  C C    . ASP A 1 47 ? 10.653  -9.594  10.131  1.00 2.95 ? 47 ASP A C    1 
ATOM 712  O O    . ASP A 1 47 ? 11.078  -8.566  10.621  1.00 3.04 ? 47 ASP A O    1 
ATOM 713  C CB   . ASP A 1 47 ? 9.317   -11.728 10.098  1.00 4.19 ? 47 ASP A CB   1 
ATOM 714  C CG   . ASP A 1 47 ? 8.591   -12.753 10.970  1.00 4.67 ? 47 ASP A CG   1 
ATOM 715  O OD1  . ASP A 1 47 ? 9.036   -12.974 12.084  1.00 5.06 ? 47 ASP A OD1  1 
ATOM 716  O OD2  . ASP A 1 47 ? 7.602   -13.300 10.509  1.00 5.00 ? 47 ASP A OD2  1 
ATOM 717  H H    . ASP A 1 47 ? 8.651   -9.853  12.602  1.00 2.70 ? 47 ASP A H    1 
ATOM 718  H HA   . ASP A 1 47 ? 10.498  -11.010 11.741  1.00 3.68 ? 47 ASP A HA   1 
ATOM 719  H HB2  . ASP A 1 47 ? 8.630   -11.322 9.370   1.00 4.61 ? 47 ASP A HB2  1 
ATOM 720  H HB3  . ASP A 1 47 ? 10.138  -12.209 9.589   1.00 4.49 ? 47 ASP A HB3  1 
ATOM 721  N N    . LYS A 1 48 ? 10.862  -9.870  8.868   1.00 3.04 ? 48 LYS A N    1 
ATOM 722  C CA   . LYS A 1 48 ? 11.631  -8.917  8.017   1.00 2.85 ? 48 LYS A CA   1 
ATOM 723  C C    . LYS A 1 48 ? 11.022  -7.519  8.139   1.00 1.81 ? 48 LYS A C    1 
ATOM 724  O O    . LYS A 1 48 ? 11.658  -6.529  7.836   1.00 2.15 ? 48 LYS A O    1 
ATOM 725  C CB   . LYS A 1 48 ? 11.569  -9.373  6.558   1.00 3.57 ? 48 LYS A CB   1 
ATOM 726  C CG   . LYS A 1 48 ? 12.940  -9.902  6.131   1.00 4.31 ? 48 LYS A CG   1 
ATOM 727  C CD   . LYS A 1 48 ? 13.858  -8.726  5.789   1.00 4.96 ? 48 LYS A CD   1 
ATOM 728  C CE   . LYS A 1 48 ? 14.680  -8.345  7.022   1.00 5.76 ? 48 LYS A CE   1 
ATOM 729  N NZ   . LYS A 1 48 ? 16.058  -7.965  6.602   1.00 6.12 ? 48 LYS A NZ   1 
ATOM 730  H H    . LYS A 1 48 ? 10.517  -10.698 8.479   1.00 3.47 ? 48 LYS A H    1 
ATOM 731  H HA   . LYS A 1 48 ? 12.660  -8.892  8.344   1.00 3.31 ? 48 LYS A HA   1 
ATOM 732  H HB2  . LYS A 1 48 ? 10.832  -10.156 6.456   1.00 4.00 ? 48 LYS A HB2  1 
ATOM 733  H HB3  . LYS A 1 48 ? 11.297  -8.537  5.932   1.00 3.60 ? 48 LYS A HB3  1 
ATOM 734  H HG2  . LYS A 1 48 ? 13.372  -10.474 6.939   1.00 4.59 ? 48 LYS A HG2  1 
ATOM 735  H HG3  . LYS A 1 48 ? 12.827  -10.531 5.262   1.00 4.55 ? 48 LYS A HG3  1 
ATOM 736  H HD2  . LYS A 1 48 ? 14.522  -9.010  4.986   1.00 5.13 ? 48 LYS A HD2  1 
ATOM 737  H HD3  . LYS A 1 48 ? 13.261  -7.881  5.481   1.00 5.07 ? 48 LYS A HD3  1 
ATOM 738  H HE2  . LYS A 1 48 ? 14.213  -7.508  7.522   1.00 6.17 ? 48 LYS A HE2  1 
ATOM 739  H HE3  . LYS A 1 48 ? 14.728  -9.186  7.697   1.00 5.98 ? 48 LYS A HE3  1 
ATOM 740  H HZ1  . LYS A 1 48 ? 16.365  -8.580  5.822   1.00 6.31 ? 48 LYS A HZ1  1 
ATOM 741  H HZ2  . LYS A 1 48 ? 16.064  -6.975  6.281   1.00 6.21 ? 48 LYS A HZ2  1 
ATOM 742  H HZ3  . LYS A 1 48 ? 16.708  -8.073  7.407   1.00 6.38 ? 48 LYS A HZ3  1 
ATOM 743  N N    . ASN A 1 49 ? 9.795   -7.432  8.578   1.00 1.11 ? 49 ASN A N    1 
ATOM 744  C CA   . ASN A 1 49 ? 9.133   -6.103  8.722   1.00 1.14 ? 49 ASN A CA   1 
ATOM 745  C C    . ASN A 1 49 ? 8.617   -5.638  7.360   1.00 0.89 ? 49 ASN A C    1 
ATOM 746  O O    . ASN A 1 49 ? 9.345   -5.081  6.562   1.00 1.04 ? 49 ASN A O    1 
ATOM 747  C CB   . ASN A 1 49 ? 10.131  -5.080  9.271   1.00 2.12 ? 49 ASN A CB   1 
ATOM 748  C CG   . ASN A 1 49 ? 10.979  -5.729  10.366  1.00 2.82 ? 49 ASN A CG   1 
ATOM 749  O OD1  . ASN A 1 49 ? 10.454  -6.319  11.288  1.00 3.09 ? 49 ASN A OD1  1 
ATOM 750  N ND2  . ASN A 1 49 ? 12.280  -5.644  10.302  1.00 3.68 ? 49 ASN A ND2  1 
ATOM 751  H H    . ASN A 1 49 ? 9.301   -8.247  8.811   1.00 1.48 ? 49 ASN A H    1 
ATOM 752  H HA   . ASN A 1 49 ? 8.301   -6.193  9.406   1.00 1.84 ? 49 ASN A HA   1 
ATOM 753  H HB2  . ASN A 1 49 ? 10.771  -4.737  8.472   1.00 2.40 ? 49 ASN A HB2  1 
ATOM 754  H HB3  . ASN A 1 49 ? 9.592   -4.241  9.686   1.00 2.77 ? 49 ASN A HB3  1 
ATOM 755  H HD21 . ASN A 1 49 ? 12.704  -5.167  9.558   1.00 3.95 ? 49 ASN A HD21 1 
ATOM 756  H HD22 . ASN A 1 49 ? 12.833  -6.055  10.999  1.00 4.30 ? 49 ASN A HD22 1 
ATOM 757  N N    . PHE A 1 50 ? 7.359   -5.856  7.095   1.00 0.58 ? 50 PHE A N    1 
ATOM 758  C CA   . PHE A 1 50 ? 6.776   -5.422  5.793   1.00 0.44 ? 50 PHE A CA   1 
ATOM 759  C C    . PHE A 1 50 ? 5.279   -5.176  5.980   1.00 0.34 ? 50 PHE A C    1 
ATOM 760  O O    . PHE A 1 50 ? 4.714   -5.510  7.003   1.00 0.40 ? 50 PHE A O    1 
ATOM 761  C CB   . PHE A 1 50 ? 6.999   -6.505  4.732   1.00 0.55 ? 50 PHE A CB   1 
ATOM 762  C CG   . PHE A 1 50 ? 6.793   -7.872  5.342   1.00 0.67 ? 50 PHE A CG   1 
ATOM 763  C CD1  . PHE A 1 50 ? 7.741   -8.391  6.232   1.00 1.47 ? 50 PHE A CD1  1 
ATOM 764  C CD2  . PHE A 1 50 ? 5.657   -8.621  5.012   1.00 1.39 ? 50 PHE A CD2  1 
ATOM 765  C CE1  . PHE A 1 50 ? 7.553   -9.661  6.791   1.00 1.64 ? 50 PHE A CE1  1 
ATOM 766  C CE2  . PHE A 1 50 ? 5.470   -9.891  5.572   1.00 1.57 ? 50 PHE A CE2  1 
ATOM 767  C CZ   . PHE A 1 50 ? 6.418   -10.411 6.462   1.00 1.22 ? 50 PHE A CZ   1 
ATOM 768  H H    . PHE A 1 50 ? 6.791   -6.299  7.761   1.00 0.56 ? 50 PHE A H    1 
ATOM 769  H HA   . PHE A 1 50 ? 7.251   -4.505  5.475   1.00 0.48 ? 50 PHE A HA   1 
ATOM 770  H HB2  . PHE A 1 50 ? 6.298   -6.365  3.923   1.00 0.54 ? 50 PHE A HB2  1 
ATOM 771  H HB3  . PHE A 1 50 ? 8.006   -6.432  4.351   1.00 0.79 ? 50 PHE A HB3  1 
ATOM 772  H HD1  . PHE A 1 50 ? 8.617   -7.814  6.486   1.00 2.28 ? 50 PHE A HD1  1 
ATOM 773  H HD2  . PHE A 1 50 ? 4.927   -8.220  4.326   1.00 2.18 ? 50 PHE A HD2  1 
ATOM 774  H HE1  . PHE A 1 50 ? 8.284   -10.062 7.478   1.00 2.46 ? 50 PHE A HE1  1 
ATOM 775  H HE2  . PHE A 1 50 ? 4.593   -10.468 5.317   1.00 2.39 ? 50 PHE A HE2  1 
ATOM 776  H HZ   . PHE A 1 50 ? 6.272   -11.390 6.893   1.00 1.47 ? 50 PHE A HZ   1 
ATOM 777  N N    . ALA A 1 51 ? 4.629   -4.580  5.018   1.00 0.25 ? 51 ALA A N    1 
ATOM 778  C CA   . ALA A 1 51 ? 3.174   -4.307  5.181   1.00 0.22 ? 51 ALA A CA   1 
ATOM 779  C C    . ALA A 1 51 ? 2.421   -4.582  3.878   1.00 0.19 ? 51 ALA A C    1 
ATOM 780  O O    . ALA A 1 51 ? 3.004   -4.739  2.825   1.00 0.28 ? 51 ALA A O    1 
ATOM 781  C CB   . ALA A 1 51 ? 2.988   -2.841  5.566   1.00 0.25 ? 51 ALA A CB   1 
ATOM 782  H H    . ALA A 1 51 ? 5.097   -4.301  4.203   1.00 0.26 ? 51 ALA A H    1 
ATOM 783  H HA   . ALA A 1 51 ? 2.777   -4.934  5.966   1.00 0.26 ? 51 ALA A HA   1 
ATOM 784  H HB1  . ALA A 1 51 ? 3.632   -2.227  4.953   1.00 1.04 ? 51 ALA A HB1  1 
ATOM 785  H HB2  . ALA A 1 51 ? 1.960   -2.556  5.407   1.00 1.01 ? 51 ALA A HB2  1 
ATOM 786  H HB3  . ALA A 1 51 ? 3.245   -2.707  6.605   1.00 0.99 ? 51 ALA A HB3  1 
ATOM 787  N N    . PHE A 1 52 ? 1.117   -4.620  3.952   1.00 0.19 ? 52 PHE A N    1 
ATOM 788  C CA   . PHE A 1 52 ? 0.290   -4.862  2.736   1.00 0.18 ? 52 PHE A CA   1 
ATOM 789  C C    . PHE A 1 52 ? -0.859  -3.853  2.731   1.00 0.19 ? 52 PHE A C    1 
ATOM 790  O O    . PHE A 1 52 ? -1.319  -3.437  3.773   1.00 0.23 ? 52 PHE A O    1 
ATOM 791  C CB   . PHE A 1 52 ? -0.285  -6.279  2.777   1.00 0.20 ? 52 PHE A CB   1 
ATOM 792  C CG   . PHE A 1 52 ? 0.619   -7.222  2.023   1.00 0.24 ? 52 PHE A CG   1 
ATOM 793  C CD1  . PHE A 1 52 ? 0.529   -7.316  0.630   1.00 1.21 ? 52 PHE A CD1  1 
ATOM 794  C CD2  . PHE A 1 52 ? 1.544   -8.011  2.719   1.00 1.27 ? 52 PHE A CD2  1 
ATOM 795  C CE1  . PHE A 1 52 ? 1.364   -8.196  -0.069  1.00 1.23 ? 52 PHE A CE1  1 
ATOM 796  C CE2  . PHE A 1 52 ? 2.379   -8.891  2.021   1.00 1.32 ? 52 PHE A CE2  1 
ATOM 797  C CZ   . PHE A 1 52 ? 2.288   -8.984  0.627   1.00 0.48 ? 52 PHE A CZ   1 
ATOM 798  H H    . PHE A 1 52 ? 0.676   -4.477  4.816   1.00 0.27 ? 52 PHE A H    1 
ATOM 799  H HA   . PHE A 1 52 ? 0.894   -4.735  1.849   1.00 0.17 ? 52 PHE A HA   1 
ATOM 800  H HB2  . PHE A 1 52 ? -0.367  -6.603  3.804   1.00 0.24 ? 52 PHE A HB2  1 
ATOM 801  H HB3  . PHE A 1 52 ? -1.264  -6.281  2.321   1.00 0.23 ? 52 PHE A HB3  1 
ATOM 802  H HD1  . PHE A 1 52 ? -0.184  -6.708  0.093   1.00 2.13 ? 52 PHE A HD1  1 
ATOM 803  H HD2  . PHE A 1 52 ? 1.614   -7.939  3.795   1.00 2.17 ? 52 PHE A HD2  1 
ATOM 804  H HE1  . PHE A 1 52 ? 1.294   -8.268  -1.144  1.00 2.14 ? 52 PHE A HE1  1 
ATOM 805  H HE2  . PHE A 1 52 ? 3.093   -9.499  2.558   1.00 2.24 ? 52 PHE A HE2  1 
ATOM 806  H HZ   . PHE A 1 52 ? 2.932   -9.663  0.088   1.00 0.58 ? 52 PHE A HZ   1 
ATOM 807  N N    . LEU A 1 53 ? -1.332  -3.454  1.583   1.00 0.20 ? 53 LEU A N    1 
ATOM 808  C CA   . LEU A 1 53 ? -2.454  -2.470  1.557   1.00 0.22 ? 53 LEU A CA   1 
ATOM 809  C C    . LEU A 1 53 ? -3.617  -3.071  0.769   1.00 0.25 ? 53 LEU A C    1 
ATOM 810  O O    . LEU A 1 53 ? -3.508  -3.352  -0.408  1.00 0.29 ? 53 LEU A O    1 
ATOM 811  C CB   . LEU A 1 53 ? -1.994  -1.163  0.899   1.00 0.26 ? 53 LEU A CB   1 
ATOM 812  C CG   . LEU A 1 53 ? -0.551  -0.854  1.309   1.00 0.35 ? 53 LEU A CG   1 
ATOM 813  C CD1  . LEU A 1 53 ? 0.283   -0.559  0.060   1.00 0.65 ? 53 LEU A CD1  1 
ATOM 814  C CD2  . LEU A 1 53 ? -0.535  0.368   2.227   1.00 0.74 ? 53 LEU A CD2  1 
ATOM 815  H H    . LEU A 1 53 ? -0.956  -3.798  0.746   1.00 0.20 ? 53 LEU A H    1 
ATOM 816  H HA   . LEU A 1 53 ? -2.779  -2.265  2.567   1.00 0.25 ? 53 LEU A HA   1 
ATOM 817  H HB2  . LEU A 1 53 ? -2.062  -1.248  -0.175  1.00 0.27 ? 53 LEU A HB2  1 
ATOM 818  H HB3  . LEU A 1 53 ? -2.631  -0.359  1.235   1.00 0.27 ? 53 LEU A HB3  1 
ATOM 819  H HG   . LEU A 1 53 ? -0.129  -1.699  1.829   1.00 0.87 ? 53 LEU A HG   1 
ATOM 820  H HD11 . LEU A 1 53 ? 0.255   -1.413  -0.601  1.00 1.15 ? 53 LEU A HD11 1 
ATOM 821  H HD12 . LEU A 1 53 ? -0.122  0.303   -0.447  1.00 1.35 ? 53 LEU A HD12 1 
ATOM 822  H HD13 . LEU A 1 53 ? 1.304   -0.361  0.349   1.00 1.29 ? 53 LEU A HD13 1 
ATOM 823  H HD21 . LEU A 1 53 ? -1.519  0.814   2.250   1.00 1.43 ? 53 LEU A HD21 1 
ATOM 824  H HD22 . LEU A 1 53 ? -0.251  0.067   3.223   1.00 1.26 ? 53 LEU A HD22 1 
ATOM 825  H HD23 . LEU A 1 53 ? 0.176   1.085   1.852   1.00 1.33 ? 53 LEU A HD23 1 
ATOM 826  N N    . GLU A 1 54 ? -4.724  -3.289  1.422   1.00 0.29 ? 54 GLU A N    1 
ATOM 827  C CA   . GLU A 1 54 ? -5.898  -3.893  0.737   1.00 0.36 ? 54 GLU A CA   1 
ATOM 828  C C    . GLU A 1 54 ? -6.858  -2.803  0.267   1.00 0.35 ? 54 GLU A C    1 
ATOM 829  O O    . GLU A 1 54 ? -7.357  -2.018  1.051   1.00 0.36 ? 54 GLU A O    1 
ATOM 830  C CB   . GLU A 1 54 ? -6.617  -4.811  1.720   1.00 0.43 ? 54 GLU A CB   1 
ATOM 831  C CG   . GLU A 1 54 ? -7.546  -5.759  0.961   1.00 0.51 ? 54 GLU A CG   1 
ATOM 832  C CD   . GLU A 1 54 ? -8.097  -6.812  1.922   1.00 1.56 ? 54 GLU A CD   1 
ATOM 833  O OE1  . GLU A 1 54 ? -7.843  -6.692  3.109   1.00 2.24 ? 54 GLU A OE1  1 
ATOM 834  O OE2  . GLU A 1 54 ? -8.764  -7.721  1.456   1.00 2.39 ? 54 GLU A OE2  1 
ATOM 835  H H    . GLU A 1 54 ? -4.780  -3.069  2.372   1.00 0.31 ? 54 GLU A H    1 
ATOM 836  H HA   . GLU A 1 54 ? -5.563  -4.472  -0.109  1.00 0.40 ? 54 GLU A HA   1 
ATOM 837  H HB2  . GLU A 1 54 ? -5.884  -5.381  2.267   1.00 0.43 ? 54 GLU A HB2  1 
ATOM 838  H HB3  . GLU A 1 54 ? -7.198  -4.215  2.408   1.00 0.43 ? 54 GLU A HB3  1 
ATOM 839  H HG2  . GLU A 1 54 ? -8.364  -5.196  0.534   1.00 1.15 ? 54 GLU A HG2  1 
ATOM 840  H HG3  . GLU A 1 54 ? -6.995  -6.248  0.172   1.00 1.03 ? 54 GLU A HG3  1 
ATOM 841  N N    . PHE A 1 55 ? -7.133  -2.754  -1.006  1.00 0.37 ? 55 PHE A N    1 
ATOM 842  C CA   . PHE A 1 55 ? -8.073  -1.722  -1.524  1.00 0.39 ? 55 PHE A CA   1 
ATOM 843  C C    . PHE A 1 55 ? -9.386  -2.390  -1.916  1.00 0.45 ? 55 PHE A C    1 
ATOM 844  O O    . PHE A 1 55 ? -9.423  -3.271  -2.752  1.00 0.55 ? 55 PHE A O    1 
ATOM 845  C CB   . PHE A 1 55 ? -7.474  -1.039  -2.750  1.00 0.43 ? 55 PHE A CB   1 
ATOM 846  C CG   . PHE A 1 55 ? -5.999  -0.822  -2.525  1.00 0.36 ? 55 PHE A CG   1 
ATOM 847  C CD1  . PHE A 1 55 ? -5.542  -0.488  -1.250  1.00 1.23 ? 55 PHE A CD1  1 
ATOM 848  C CD2  . PHE A 1 55 ? -5.091  -0.955  -3.583  1.00 1.23 ? 55 PHE A CD2  1 
ATOM 849  C CE1  . PHE A 1 55 ? -4.178  -0.289  -1.024  1.00 1.21 ? 55 PHE A CE1  1 
ATOM 850  C CE2  . PHE A 1 55 ? -3.723  -0.754  -3.357  1.00 1.24 ? 55 PHE A CE2  1 
ATOM 851  C CZ   . PHE A 1 55 ? -3.267  -0.421  -2.075  1.00 0.29 ? 55 PHE A CZ   1 
ATOM 852  H H    . PHE A 1 55 ? -6.725  -3.399  -1.618  1.00 0.39 ? 55 PHE A H    1 
ATOM 853  H HA   . PHE A 1 55 ? -8.259  -0.987  -0.756  1.00 0.36 ? 55 PHE A HA   1 
ATOM 854  H HB2  . PHE A 1 55 ? -7.625  -1.659  -3.620  1.00 0.50 ? 55 PHE A HB2  1 
ATOM 855  H HB3  . PHE A 1 55 ? -7.960  -0.088  -2.896  1.00 0.47 ? 55 PHE A HB3  1 
ATOM 856  H HD1  . PHE A 1 55 ? -6.242  -0.385  -0.436  1.00 2.14 ? 55 PHE A HD1  1 
ATOM 857  H HD2  . PHE A 1 55 ? -5.444  -1.211  -4.572  1.00 2.13 ? 55 PHE A HD2  1 
ATOM 858  H HE1  . PHE A 1 55 ? -3.831  -0.031  -0.040  1.00 2.11 ? 55 PHE A HE1  1 
ATOM 859  H HE2  . PHE A 1 55 ? -3.020  -0.856  -4.171  1.00 2.14 ? 55 PHE A HE2  1 
ATOM 860  H HZ   . PHE A 1 55 ? -2.213  -0.267  -1.894  1.00 0.30 ? 55 PHE A HZ   1 
ATOM 861  N N    . ARG A 1 56 ? -10.466 -1.976  -1.321  1.00 0.44 ? 56 ARG A N    1 
ATOM 862  C CA   . ARG A 1 56 ? -11.779 -2.584  -1.659  1.00 0.51 ? 56 ARG A CA   1 
ATOM 863  C C    . ARG A 1 56 ? -12.424 -1.798  -2.802  1.00 0.59 ? 56 ARG A C    1 
ATOM 864  O O    . ARG A 1 56 ? -13.504 -2.124  -3.254  1.00 0.81 ? 56 ARG A O    1 
ATOM 865  C CB   . ARG A 1 56 ? -12.690 -2.539  -0.430  1.00 0.53 ? 56 ARG A CB   1 
ATOM 866  C CG   . ARG A 1 56 ? -13.274 -3.929  -0.175  1.00 1.30 ? 56 ARG A CG   1 
ATOM 867  C CD   . ARG A 1 56 ? -14.721 -3.795  0.302   1.00 1.95 ? 56 ARG A CD   1 
ATOM 868  N NE   . ARG A 1 56 ? -15.521 -4.941  -0.211  1.00 2.55 ? 56 ARG A NE   1 
ATOM 869  C CZ   . ARG A 1 56 ? -16.797 -4.794  -0.439  1.00 3.12 ? 56 ARG A CZ   1 
ATOM 870  N NH1  . ARG A 1 56 ? -17.216 -3.801  -1.175  1.00 3.71 ? 56 ARG A NH1  1 
ATOM 871  N NH2  . ARG A 1 56 ? -17.652 -5.638  0.068   1.00 3.62 ? 56 ARG A NH2  1 
ATOM 872  H H    . ARG A 1 56 ? -10.412 -1.263  -0.652  1.00 0.42 ? 56 ARG A H    1 
ATOM 873  H HA   . ARG A 1 56 ? -11.634 -3.610  -1.963  1.00 0.64 ? 56 ARG A HA   1 
ATOM 874  H HB2  . ARG A 1 56 ? -12.118 -2.225  0.430   1.00 0.96 ? 56 ARG A HB2  1 
ATOM 875  H HB3  . ARG A 1 56 ? -13.494 -1.840  -0.604  1.00 0.89 ? 56 ARG A HB3  1 
ATOM 876  H HG2  . ARG A 1 56 ? -13.248 -4.505  -1.090  1.00 1.87 ? 56 ARG A HG2  1 
ATOM 877  H HG3  . ARG A 1 56 ? -12.692 -4.431  0.583   1.00 1.94 ? 56 ARG A HG3  1 
ATOM 878  H HD2  . ARG A 1 56 ? -14.746 -3.794  1.382   1.00 2.46 ? 56 ARG A HD2  1 
ATOM 879  H HD3  . ARG A 1 56 ? -15.138 -2.870  -0.069  1.00 2.37 ? 56 ARG A HD3  1 
ATOM 880  H HE   . ARG A 1 56 ? -15.089 -5.805  -0.379  1.00 2.92 ? 56 ARG A HE   1 
ATOM 881  H HH11 . ARG A 1 56 ? -16.560 -3.154  -1.562  1.00 3.83 ? 56 ARG A HH11 1 
ATOM 882  H HH12 . ARG A 1 56 ? -18.194 -3.687  -1.349  1.00 4.33 ? 56 ARG A HH12 1 
ATOM 883  H HH21 . ARG A 1 56 ? -17.330 -6.398  0.632   1.00 3.66 ? 56 ARG A HH21 1 
ATOM 884  H HH22 . ARG A 1 56 ? -18.630 -5.524  -0.107  1.00 4.27 ? 56 ARG A HH22 1 
ATOM 885  N N    . SER A 1 57 ? -11.779 -0.762  -3.271  1.00 0.56 ? 57 SER A N    1 
ATOM 886  C CA   . SER A 1 57 ? -12.379 0.033   -4.381  1.00 0.76 ? 57 SER A CA   1 
ATOM 887  C C    . SER A 1 57 ? -11.306 0.872   -5.083  1.00 0.74 ? 57 SER A C    1 
ATOM 888  O O    . SER A 1 57 ? -11.368 1.089   -6.277  1.00 1.11 ? 57 SER A O    1 
ATOM 889  C CB   . SER A 1 57 ? -13.455 0.958   -3.814  1.00 1.00 ? 57 SER A CB   1 
ATOM 890  O OG   . SER A 1 57 ? -14.470 1.151   -4.790  1.00 1.69 ? 57 SER A OG   1 
ATOM 891  H H    . SER A 1 57 ? -10.908 -0.510  -2.896  1.00 0.52 ? 57 SER A H    1 
ATOM 892  H HA   . SER A 1 57 ? -12.830 -0.639  -5.096  1.00 0.92 ? 57 SER A HA   1 
ATOM 893  H HB2  . SER A 1 57 ? -13.889 0.514   -2.934  1.00 1.26 ? 57 SER A HB2  1 
ATOM 894  H HB3  . SER A 1 57 ? -13.009 1.909   -3.551  1.00 1.64 ? 57 SER A HB3  1 
ATOM 895  H HG   . SER A 1 57 ? -15.206 0.575   -4.570  1.00 2.10 ? 57 SER A HG   1 
ATOM 896  N N    . VAL A 1 58 ? -10.337 1.363   -4.356  1.00 0.68 ? 58 VAL A N    1 
ATOM 897  C CA   . VAL A 1 58 ? -9.282  2.204   -4.998  1.00 0.65 ? 58 VAL A CA   1 
ATOM 898  C C    . VAL A 1 58 ? -8.853  1.575   -6.328  1.00 0.83 ? 58 VAL A C    1 
ATOM 899  O O    . VAL A 1 58 ? -8.448  0.432   -6.390  1.00 1.69 ? 58 VAL A O    1 
ATOM 900  C CB   . VAL A 1 58 ? -8.072  2.338   -4.061  1.00 0.57 ? 58 VAL A CB   1 
ATOM 901  C CG1  . VAL A 1 58 ? -6.987  1.332   -4.450  1.00 1.07 ? 58 VAL A CG1  1 
ATOM 902  C CG2  . VAL A 1 58 ? -7.504  3.756   -4.176  1.00 1.22 ? 58 VAL A CG2  1 
ATOM 903  H H    . VAL A 1 58 ? -10.308 1.191   -3.392  1.00 0.93 ? 58 VAL A H    1 
ATOM 904  H HA   . VAL A 1 58 ? -9.690  3.186   -5.191  1.00 0.76 ? 58 VAL A HA   1 
ATOM 905  H HB   . VAL A 1 58 ? -8.380  2.156   -3.041  1.00 0.66 ? 58 VAL A HB   1 
ATOM 906  H HG11 . VAL A 1 58 ? -7.431  0.363   -4.612  1.00 1.60 ? 58 VAL A HG11 1 
ATOM 907  H HG12 . VAL A 1 58 ? -6.499  1.661   -5.353  1.00 1.42 ? 58 VAL A HG12 1 
ATOM 908  H HG13 . VAL A 1 58 ? -6.260  1.265   -3.654  1.00 1.71 ? 58 VAL A HG13 1 
ATOM 909  H HG21 . VAL A 1 58 ? -8.316  4.460   -4.284  1.00 1.71 ? 58 VAL A HG21 1 
ATOM 910  H HG22 . VAL A 1 58 ? -6.940  3.990   -3.287  1.00 1.62 ? 58 VAL A HG22 1 
ATOM 911  H HG23 . VAL A 1 58 ? -6.858  3.816   -5.040  1.00 1.86 ? 58 VAL A HG23 1 
ATOM 912  N N    . ASP A 1 59 ? -8.943  2.319   -7.397  1.00 1.05 ? 59 ASP A N    1 
ATOM 913  C CA   . ASP A 1 59 ? -8.539  1.775   -8.724  1.00 1.13 ? 59 ASP A CA   1 
ATOM 914  C C    . ASP A 1 59 ? -7.105  2.209   -9.016  1.00 0.78 ? 59 ASP A C    1 
ATOM 915  O O    . ASP A 1 59 ? -6.776  2.622   -10.111 1.00 1.12 ? 59 ASP A O    1 
ATOM 916  C CB   . ASP A 1 59 ? -9.470  2.322   -9.808  1.00 1.71 ? 59 ASP A CB   1 
ATOM 917  C CG   . ASP A 1 59 ? -10.348 1.191   -10.347 1.00 2.35 ? 59 ASP A CG   1 
ATOM 918  O OD1  . ASP A 1 59 ? -11.158 0.683   -9.589  1.00 2.71 ? 59 ASP A OD1  1 
ATOM 919  O OD2  . ASP A 1 59 ? -10.195 0.852   -11.509 1.00 3.05 ? 59 ASP A OD2  1 
ATOM 920  H H    . ASP A 1 59 ? -9.274  3.239   -7.326  1.00 1.73 ? 59 ASP A H    1 
ATOM 921  H HA   . ASP A 1 59 ? -8.596  0.697   -8.706  1.00 1.37 ? 59 ASP A HA   1 
ATOM 922  H HB2  . ASP A 1 59 ? -10.097 3.096   -9.388  1.00 2.08 ? 59 ASP A HB2  1 
ATOM 923  H HB3  . ASP A 1 59 ? -8.883  2.734   -10.614 1.00 1.90 ? 59 ASP A HB3  1 
ATOM 924  N N    . GLU A 1 60 ? -6.251  2.124   -8.036  1.00 0.60 ? 60 GLU A N    1 
ATOM 925  C CA   . GLU A 1 60 ? -4.835  2.537   -8.234  1.00 0.96 ? 60 GLU A CA   1 
ATOM 926  C C    . GLU A 1 60 ? -3.908  1.368   -7.889  1.00 0.67 ? 60 GLU A C    1 
ATOM 927  O O    . GLU A 1 60 ? -2.701  1.481   -7.953  1.00 0.62 ? 60 GLU A O    1 
ATOM 928  C CB   . GLU A 1 60 ? -4.525  3.716   -7.310  1.00 1.56 ? 60 GLU A CB   1 
ATOM 929  C CG   . GLU A 1 60 ? -3.313  4.476   -7.848  1.00 2.18 ? 60 GLU A CG   1 
ATOM 930  C CD   . GLU A 1 60 ? -3.475  5.970   -7.559  1.00 3.03 ? 60 GLU A CD   1 
ATOM 931  O OE1  . GLU A 1 60 ? -3.791  6.304   -6.429  1.00 3.60 ? 60 GLU A OE1  1 
ATOM 932  O OE2  . GLU A 1 60 ? -3.279  6.754   -8.472  1.00 3.59 ? 60 GLU A OE2  1 
ATOM 933  H H    . GLU A 1 60 ? -6.543  1.793   -7.164  1.00 0.71 ? 60 GLU A H    1 
ATOM 934  H HA   . GLU A 1 60 ? -4.683  2.832   -9.262  1.00 1.39 ? 60 GLU A HA   1 
ATOM 935  H HB2  . GLU A 1 60 ? -5.379  4.375   -7.266  1.00 1.79 ? 60 GLU A HB2  1 
ATOM 936  H HB3  . GLU A 1 60 ? -4.305  3.346   -6.320  1.00 1.57 ? 60 GLU A HB3  1 
ATOM 937  H HG2  . GLU A 1 60 ? -2.417  4.109   -7.370  1.00 2.35 ? 60 GLU A HG2  1 
ATOM 938  H HG3  . GLU A 1 60 ? -3.242  4.324   -8.913  1.00 2.46 ? 60 GLU A HG3  1 
ATOM 939  N N    . THR A 1 61 ? -4.465  0.246   -7.518  1.00 0.64 ? 61 THR A N    1 
ATOM 940  C CA   . THR A 1 61 ? -3.618  -0.927  -7.162  1.00 0.55 ? 61 THR A CA   1 
ATOM 941  C C    . THR A 1 61 ? -2.479  -1.075  -8.174  1.00 0.51 ? 61 THR A C    1 
ATOM 942  O O    . THR A 1 61 ? -1.438  -1.624  -7.874  1.00 0.54 ? 61 THR A O    1 
ATOM 943  C CB   . THR A 1 61 ? -4.477  -2.196  -7.175  1.00 0.77 ? 61 THR A CB   1 
ATOM 944  O OG1  . THR A 1 61 ? -3.637  -3.335  -7.046  1.00 0.92 ? 61 THR A OG1  1 
ATOM 945  C CG2  . THR A 1 61 ? -5.250  -2.277  -8.493  1.00 0.98 ? 61 THR A CG2  1 
ATOM 946  H H    . THR A 1 61 ? -5.440  0.176   -7.469  1.00 0.80 ? 61 THR A H    1 
ATOM 947  H HA   . THR A 1 61 ? -3.205  -0.786  -6.174  1.00 0.47 ? 61 THR A HA   1 
ATOM 948  H HB   . THR A 1 61 ? -5.175  -2.167  -6.353  1.00 0.84 ? 61 THR A HB   1 
ATOM 949  H HG1  . THR A 1 61 ? -2.986  -3.147  -6.365  1.00 0.87 ? 61 THR A HG1  1 
ATOM 950  H HG21 . THR A 1 61 ? -5.820  -1.369  -8.631  1.00 1.57 ? 61 THR A HG21 1 
ATOM 951  H HG22 . THR A 1 61 ? -4.556  -2.394  -9.311  1.00 1.32 ? 61 THR A HG22 1 
ATOM 952  H HG23 . THR A 1 61 ? -5.921  -3.123  -8.465  1.00 1.41 ? 61 THR A HG23 1 
ATOM 953  N N    . THR A 1 62 ? -2.668  -0.597  -9.375  1.00 0.54 ? 62 THR A N    1 
ATOM 954  C CA   . THR A 1 62 ? -1.597  -0.721  -10.402 1.00 0.55 ? 62 THR A CA   1 
ATOM 955  C C    . THR A 1 62 ? -0.624  0.455   -10.293 1.00 0.47 ? 62 THR A C    1 
ATOM 956  O O    . THR A 1 62 ? 0.577   0.287   -10.367 1.00 0.49 ? 62 THR A O    1 
ATOM 957  C CB   . THR A 1 62 ? -2.228  -0.731  -11.797 1.00 0.66 ? 62 THR A CB   1 
ATOM 958  O OG1  . THR A 1 62 ? -1.304  -1.273  -12.729 1.00 0.72 ? 62 THR A OG1  1 
ATOM 959  C CG2  . THR A 1 62 ? -2.589  0.699   -12.205 1.00 0.65 ? 62 THR A CG2  1 
ATOM 960  H H    . THR A 1 62 ? -3.517  -0.164  -9.602  1.00 0.62 ? 62 THR A H    1 
ATOM 961  H HA   . THR A 1 62 ? -1.060  -1.642  -10.248 1.00 0.60 ? 62 THR A HA   1 
ATOM 962  H HB   . THR A 1 62 ? -3.123  -1.333  -11.783 1.00 0.74 ? 62 THR A HB   1 
ATOM 963  H HG1  . THR A 1 62 ? -0.505  -0.741  -12.697 1.00 0.72 ? 62 THR A HG1  1 
ATOM 964  H HG21 . THR A 1 62 ? -3.286  1.112   -11.491 1.00 1.12 ? 62 THR A HG21 1 
ATOM 965  H HG22 . THR A 1 62 ? -1.696  1.303   -12.227 1.00 1.13 ? 62 THR A HG22 1 
ATOM 966  H HG23 . THR A 1 62 ? -3.042  0.689   -13.185 1.00 1.21 ? 62 THR A HG23 1 
ATOM 967  N N    . GLN A 1 63 ? -1.131  1.644   -10.127 1.00 0.48 ? 63 GLN A N    1 
ATOM 968  C CA   . GLN A 1 63 ? -0.228  2.828   -10.024 1.00 0.53 ? 63 GLN A CA   1 
ATOM 969  C C    . GLN A 1 63 ? 0.222   3.010   -8.576  1.00 0.44 ? 63 GLN A C    1 
ATOM 970  O O    . GLN A 1 63 ? 1.176   3.707   -8.300  1.00 0.40 ? 63 GLN A O    1 
ATOM 971  C CB   . GLN A 1 63 ? -0.966  4.085   -10.487 1.00 0.72 ? 63 GLN A CB   1 
ATOM 972  C CG   . GLN A 1 63 ? -1.832  3.754   -11.704 1.00 0.83 ? 63 GLN A CG   1 
ATOM 973  C CD   . GLN A 1 63 ? -2.671  4.978   -12.079 1.00 0.91 ? 63 GLN A CD   1 
ATOM 974  O OE1  . GLN A 1 63 ? -3.557  5.369   -11.345 1.00 1.39 ? 63 GLN A OE1  1 
ATOM 975  N NE2  . GLN A 1 63 ? -2.428  5.602   -13.199 1.00 1.49 ? 63 GLN A NE2  1 
ATOM 976  H H    . GLN A 1 63 ? -2.101  1.758   -10.075 1.00 0.53 ? 63 GLN A H    1 
ATOM 977  H HA   . GLN A 1 63 ? 0.639   2.673   -10.647 1.00 0.56 ? 63 GLN A HA   1 
ATOM 978  H HB2  . GLN A 1 63 ? -1.591  4.451   -9.687  1.00 0.74 ? 63 GLN A HB2  1 
ATOM 979  H HB3  . GLN A 1 63 ? -0.248  4.844   -10.757 1.00 0.80 ? 63 GLN A HB3  1 
ATOM 980  H HG2  . GLN A 1 63 ? -1.197  3.482   -12.535 1.00 0.94 ? 63 GLN A HG2  1 
ATOM 981  H HG3  . GLN A 1 63 ? -2.488  2.930   -11.467 1.00 0.86 ? 63 GLN A HG3  1 
ATOM 982  H HE21 . GLN A 1 63 ? -1.714  5.286   -13.791 1.00 2.15 ? 63 GLN A HE21 1 
ATOM 983  H HE22 . GLN A 1 63 ? -2.960  6.386   -13.447 1.00 1.56 ? 63 GLN A HE22 1 
ATOM 984  N N    . ALA A 1 64 ? -0.449  2.389   -7.644  1.00 0.47 ? 64 ALA A N    1 
ATOM 985  C CA   . ALA A 1 64 ? -0.035  2.538   -6.221  1.00 0.42 ? 64 ALA A CA   1 
ATOM 986  C C    . ALA A 1 64 ? 1.469   2.296   -6.121  1.00 0.38 ? 64 ALA A C    1 
ATOM 987  O O    . ALA A 1 64 ? 2.146   2.870   -5.293  1.00 0.36 ? 64 ALA A O    1 
ATOM 988  C CB   . ALA A 1 64 ? -0.784  1.523   -5.357  1.00 0.52 ? 64 ALA A CB   1 
ATOM 989  H H    . ALA A 1 64 ? -1.215  1.827   -7.879  1.00 0.54 ? 64 ALA A H    1 
ATOM 990  H HA   . ALA A 1 64 ? -0.257  3.539   -5.882  1.00 0.39 ? 64 ALA A HA   1 
ATOM 991  H HB1  . ALA A 1 64 ? -1.142  0.715   -5.979  1.00 1.21 ? 64 ALA A HB1  1 
ATOM 992  H HB2  . ALA A 1 64 ? -0.117  1.128   -4.605  1.00 1.15 ? 64 ALA A HB2  1 
ATOM 993  H HB3  . ALA A 1 64 ? -1.622  2.006   -4.878  1.00 1.09 ? 64 ALA A HB3  1 
ATOM 994  N N    . MET A 1 65 ? 2.002   1.463   -6.972  1.00 0.41 ? 65 MET A N    1 
ATOM 995  C CA   . MET A 1 65 ? 3.466   1.210   -6.934  1.00 0.41 ? 65 MET A CA   1 
ATOM 996  C C    . MET A 1 65 ? 4.186   2.545   -7.110  1.00 0.34 ? 65 MET A C    1 
ATOM 997  O O    . MET A 1 65 ? 5.344   2.694   -6.775  1.00 0.35 ? 65 MET A O    1 
ATOM 998  C CB   . MET A 1 65 ? 3.853   0.262   -8.071  1.00 0.49 ? 65 MET A CB   1 
ATOM 999  C CG   . MET A 1 65 ? 3.157   -1.085  -7.871  1.00 0.61 ? 65 MET A CG   1 
ATOM 1000 S SD   . MET A 1 65 ? 3.224   -2.032  -9.413  1.00 1.32 ? 65 MET A SD   1 
ATOM 1001 C CE   . MET A 1 65 ? 5.026   -2.150  -9.525  1.00 2.13 ? 65 MET A CE   1 
ATOM 1002 H H    . MET A 1 65 ? 1.442   1.021   -7.645  1.00 0.44 ? 65 MET A H    1 
ATOM 1003 H HA   . MET A 1 65 ? 3.735   0.773   -5.984  1.00 0.42 ? 65 MET A HA   1 
ATOM 1004 H HB2  . MET A 1 65 ? 3.548   0.690   -9.015  1.00 0.57 ? 65 MET A HB2  1 
ATOM 1005 H HB3  . MET A 1 65 ? 4.923   0.117   -8.071  1.00 0.55 ? 65 MET A HB3  1 
ATOM 1006 H HG2  . MET A 1 65 ? 3.657   -1.635  -7.089  1.00 1.15 ? 65 MET A HG2  1 
ATOM 1007 H HG3  . MET A 1 65 ? 2.127   -0.920  -7.595  1.00 1.05 ? 65 MET A HG3  1 
ATOM 1008 H HE1  . MET A 1 65 ? 5.476   -1.588  -8.722  1.00 2.67 ? 65 MET A HE1  1 
ATOM 1009 H HE2  . MET A 1 65 ? 5.324   -3.186  -9.447  1.00 2.52 ? 65 MET A HE2  1 
ATOM 1010 H HE3  . MET A 1 65 ? 5.354   -1.745  -10.473 1.00 2.61 ? 65 MET A HE3  1 
ATOM 1011 N N    . ALA A 1 66 ? 3.493   3.521   -7.634  1.00 0.32 ? 66 ALA A N    1 
ATOM 1012 C CA   . ALA A 1 66 ? 4.110   4.857   -7.835  1.00 0.30 ? 66 ALA A CA   1 
ATOM 1013 C C    . ALA A 1 66 ? 4.627   5.380   -6.495  1.00 0.27 ? 66 ALA A C    1 
ATOM 1014 O O    . ALA A 1 66 ? 5.623   6.074   -6.434  1.00 0.29 ? 66 ALA A O    1 
ATOM 1015 C CB   . ALA A 1 66 ? 3.061   5.820   -8.396  1.00 0.33 ? 66 ALA A CB   1 
ATOM 1016 H H    . ALA A 1 66 ? 2.559   3.373   -7.891  1.00 0.33 ? 66 ALA A H    1 
ATOM 1017 H HA   . ALA A 1 66 ? 4.932   4.774   -8.531  1.00 0.34 ? 66 ALA A HA   1 
ATOM 1018 H HB1  . ALA A 1 66 ? 2.141   5.713   -7.840  1.00 1.01 ? 66 ALA A HB1  1 
ATOM 1019 H HB2  . ALA A 1 66 ? 3.419   6.834   -8.309  1.00 1.09 ? 66 ALA A HB2  1 
ATOM 1020 H HB3  . ALA A 1 66 ? 2.881   5.590   -9.436  1.00 1.02 ? 66 ALA A HB3  1 
ATOM 1021 N N    . PHE A 1 67 ? 3.972   5.044   -5.414  1.00 0.25 ? 67 PHE A N    1 
ATOM 1022 C CA   . PHE A 1 67 ? 4.455   5.520   -4.087  1.00 0.24 ? 67 PHE A CA   1 
ATOM 1023 C C    . PHE A 1 67 ? 5.596   4.614   -3.621  1.00 0.22 ? 67 PHE A C    1 
ATOM 1024 O O    . PHE A 1 67 ? 6.106   4.761   -2.529  1.00 0.23 ? 67 PHE A O    1 
ATOM 1025 C CB   . PHE A 1 67 ? 3.323   5.477   -3.055  1.00 0.26 ? 67 PHE A CB   1 
ATOM 1026 C CG   . PHE A 1 67 ? 2.081   6.120   -3.625  1.00 0.27 ? 67 PHE A CG   1 
ATOM 1027 C CD1  . PHE A 1 67 ? 2.081   7.484   -3.941  1.00 1.13 ? 67 PHE A CD1  1 
ATOM 1028 C CD2  . PHE A 1 67 ? 0.926   5.355   -3.828  1.00 1.30 ? 67 PHE A CD2  1 
ATOM 1029 C CE1  . PHE A 1 67 ? 0.926   8.083   -4.459  1.00 1.13 ? 67 PHE A CE1  1 
ATOM 1030 C CE2  . PHE A 1 67 ? -0.228  5.954   -4.348  1.00 1.32 ? 67 PHE A CE2  1 
ATOM 1031 C CZ   . PHE A 1 67 ? -0.228  7.318   -4.663  1.00 0.36 ? 67 PHE A CZ   1 
ATOM 1032 H H    . PHE A 1 67 ? 3.175   4.471   -5.474  1.00 0.25 ? 67 PHE A H    1 
ATOM 1033 H HA   . PHE A 1 67 ? 4.817   6.534   -4.181  1.00 0.26 ? 67 PHE A HA   1 
ATOM 1034 H HB2  . PHE A 1 67 ? 3.112   4.452   -2.793  1.00 0.28 ? 67 PHE A HB2  1 
ATOM 1035 H HB3  . PHE A 1 67 ? 3.628   6.015   -2.170  1.00 0.28 ? 67 PHE A HB3  1 
ATOM 1036 H HD1  . PHE A 1 67 ? 2.971   8.074   -3.785  1.00 2.04 ? 67 PHE A HD1  1 
ATOM 1037 H HD2  . PHE A 1 67 ? 0.925   4.303   -3.585  1.00 2.20 ? 67 PHE A HD2  1 
ATOM 1038 H HE1  . PHE A 1 67 ? 0.927   9.135   -4.702  1.00 2.02 ? 67 PHE A HE1  1 
ATOM 1039 H HE2  . PHE A 1 67 ? -1.119  5.363   -4.505  1.00 2.23 ? 67 PHE A HE2  1 
ATOM 1040 H HZ   . PHE A 1 67 ? -1.120  7.780   -5.060  1.00 0.41 ? 67 PHE A HZ   1 
ATOM 1041 N N    . ASP A 1 68 ? 5.998   3.678   -4.447  1.00 0.22 ? 68 ASP A N    1 
ATOM 1042 C CA   . ASP A 1 68 ? 7.105   2.760   -4.064  1.00 0.22 ? 68 ASP A CA   1 
ATOM 1043 C C    . ASP A 1 68 ? 8.186   3.547   -3.325  1.00 0.21 ? 68 ASP A C    1 
ATOM 1044 O O    . ASP A 1 68 ? 8.970   4.259   -3.919  1.00 0.26 ? 68 ASP A O    1 
ATOM 1045 C CB   . ASP A 1 68 ? 7.690   2.141   -5.329  1.00 0.23 ? 68 ASP A CB   1 
ATOM 1046 C CG   . ASP A 1 68 ? 8.963   1.367   -4.982  1.00 0.25 ? 68 ASP A CG   1 
ATOM 1047 O OD1  . ASP A 1 68 ? 9.055   0.889   -3.862  1.00 1.04 ? 68 ASP A OD1  1 
ATOM 1048 O OD2  . ASP A 1 68 ? 9.824   1.264   -5.841  1.00 1.12 ? 68 ASP A OD2  1 
ATOM 1049 H H    . ASP A 1 68 ? 5.570   3.579   -5.322  1.00 0.23 ? 68 ASP A H    1 
ATOM 1050 H HA   . ASP A 1 68 ? 6.724   1.980   -3.424  1.00 0.23 ? 68 ASP A HA   1 
ATOM 1051 H HB2  . ASP A 1 68 ? 6.964   1.470   -5.764  1.00 0.25 ? 68 ASP A HB2  1 
ATOM 1052 H HB3  . ASP A 1 68 ? 7.925   2.922   -6.035  1.00 0.23 ? 68 ASP A HB3  1 
ATOM 1053 N N    . GLY A 1 69 ? 8.222   3.431   -2.027  1.00 0.19 ? 69 GLY A N    1 
ATOM 1054 C CA   . GLY A 1 69 ? 9.237   4.180   -1.238  1.00 0.19 ? 69 GLY A CA   1 
ATOM 1055 C C    . GLY A 1 69 ? 8.564   5.382   -0.583  1.00 0.19 ? 69 GLY A C    1 
ATOM 1056 O O    . GLY A 1 69 ? 8.327   5.398   0.606   1.00 0.17 ? 69 GLY A O    1 
ATOM 1057 H H    . GLY A 1 69 ? 7.572   2.858   -1.569  1.00 0.20 ? 69 GLY A H    1 
ATOM 1058 H HA2  . GLY A 1 69 ? 9.647   3.535   -0.477  1.00 0.19 ? 69 GLY A HA2  1 
ATOM 1059 H HA3  . GLY A 1 69 ? 10.024  4.521   -1.888  1.00 0.21 ? 69 GLY A HA3  1 
ATOM 1060 N N    . ILE A 1 70 ? 8.246   6.383   -1.363  1.00 0.21 ? 70 ILE A N    1 
ATOM 1061 C CA   . ILE A 1 70 ? 7.574   7.594   -0.807  1.00 0.22 ? 70 ILE A CA   1 
ATOM 1062 C C    . ILE A 1 70 ? 8.188   7.924   0.569   1.00 0.21 ? 70 ILE A C    1 
ATOM 1063 O O    . ILE A 1 70 ? 9.395   7.955   0.707   1.00 0.22 ? 70 ILE A O    1 
ATOM 1064 C CB   . ILE A 1 70 ? 6.059   7.320   -0.745  1.00 0.23 ? 70 ILE A CB   1 
ATOM 1065 C CG1  . ILE A 1 70 ? 5.286   8.628   -0.519  1.00 0.25 ? 70 ILE A CG1  1 
ATOM 1066 C CG2  . ILE A 1 70 ? 5.727   6.305   0.353   1.00 0.21 ? 70 ILE A CG2  1 
ATOM 1067 C CD1  . ILE A 1 70 ? 3.797   8.314   -0.355  1.00 0.26 ? 70 ILE A CD1  1 
ATOM 1068 H H    . ILE A 1 70 ? 8.443   6.331   -2.320  1.00 0.23 ? 70 ILE A H    1 
ATOM 1069 H HA   . ILE A 1 70 ? 7.753   8.425   -1.475  1.00 0.25 ? 70 ILE A HA   1 
ATOM 1070 H HB   . ILE A 1 70 ? 5.755   6.900   -1.694  1.00 0.24 ? 70 ILE A HB   1 
ATOM 1071 H HG12 . ILE A 1 70 ? 5.649   9.128   0.364   1.00 0.24 ? 70 ILE A HG12 1 
ATOM 1072 H HG13 . ILE A 1 70 ? 5.419   9.272   -1.374  1.00 0.27 ? 70 ILE A HG13 1 
ATOM 1073 H HG21 . ILE A 1 70 ? 6.517   6.288   1.083   1.00 1.01 ? 70 ILE A HG21 1 
ATOM 1074 H HG22 . ILE A 1 70 ? 4.800   6.581   0.832   1.00 1.05 ? 70 ILE A HG22 1 
ATOM 1075 H HG23 . ILE A 1 70 ? 5.624   5.324   -0.086  1.00 1.03 ? 70 ILE A HG23 1 
ATOM 1076 H HD11 . ILE A 1 70 ? 3.597   7.317   -0.721  1.00 0.95 ? 70 ILE A HD11 1 
ATOM 1077 H HD12 . ILE A 1 70 ? 3.529   8.374   0.689   1.00 0.97 ? 70 ILE A HD12 1 
ATOM 1078 H HD13 . ILE A 1 70 ? 3.215   9.028   -0.919  1.00 0.92 ? 70 ILE A HD13 1 
ATOM 1079 N N    . ILE A 1 71 ? 7.407   8.168   1.589   1.00 0.21 ? 71 ILE A N    1 
ATOM 1080 C CA   . ILE A 1 71 ? 8.012   8.482   2.914   1.00 0.22 ? 71 ILE A CA   1 
ATOM 1081 C C    . ILE A 1 71 ? 7.054   8.062   4.029   1.00 0.21 ? 71 ILE A C    1 
ATOM 1082 O O    . ILE A 1 71 ? 5.974   8.599   4.169   1.00 0.28 ? 71 ILE A O    1 
ATOM 1083 C CB   . ILE A 1 71 ? 8.282   9.983   3.013   1.00 0.26 ? 71 ILE A CB   1 
ATOM 1084 C CG1  . ILE A 1 71 ? 9.523   10.330  2.186   1.00 0.29 ? 71 ILE A CG1  1 
ATOM 1085 C CG2  . ILE A 1 71 ? 8.523   10.361  4.474   1.00 0.30 ? 71 ILE A CG2  1 
ATOM 1086 C CD1  . ILE A 1 71 ? 10.723  9.542   2.713   1.00 0.30 ? 71 ILE A CD1  1 
ATOM 1087 H H    . ILE A 1 71 ? 6.441   8.141   1.491   1.00 0.22 ? 71 ILE A H    1 
ATOM 1088 H HA   . ILE A 1 71 ? 8.943   7.943   3.020   1.00 0.21 ? 71 ILE A HA   1 
ATOM 1089 H HB   . ILE A 1 71 ? 7.429   10.528  2.634   1.00 0.27 ? 71 ILE A HB   1 
ATOM 1090 H HG12 . ILE A 1 71 ? 9.348   10.073  1.151   1.00 0.28 ? 71 ILE A HG12 1 
ATOM 1091 H HG13 . ILE A 1 71 ? 9.725   11.387  2.265   1.00 0.33 ? 71 ILE A HG13 1 
ATOM 1092 H HG21 . ILE A 1 71 ? 8.985   9.532   4.990   1.00 1.02 ? 71 ILE A HG21 1 
ATOM 1093 H HG22 . ILE A 1 71 ? 9.175   11.221  4.521   1.00 1.13 ? 71 ILE A HG22 1 
ATOM 1094 H HG23 . ILE A 1 71 ? 7.580   10.597  4.945   1.00 1.02 ? 71 ILE A HG23 1 
ATOM 1095 H HD11 . ILE A 1 71 ? 10.565  9.300   3.753   1.00 1.05 ? 71 ILE A HD11 1 
ATOM 1096 H HD12 . ILE A 1 71 ? 10.834  8.630   2.144   1.00 1.12 ? 71 ILE A HD12 1 
ATOM 1097 H HD13 . ILE A 1 71 ? 11.618  10.139  2.614   1.00 0.99 ? 71 ILE A HD13 1 
ATOM 1098 N N    . PHE A 1 72 ? 7.443   7.104   4.824   1.00 0.24 ? 72 PHE A N    1 
ATOM 1099 C CA   . PHE A 1 72 ? 6.557   6.649   5.930   1.00 0.25 ? 72 PHE A CA   1 
ATOM 1100 C C    . PHE A 1 72 ? 7.292   6.783   7.265   1.00 0.26 ? 72 PHE A C    1 
ATOM 1101 O O    . PHE A 1 72 ? 8.409   6.330   7.417   1.00 0.33 ? 72 PHE A O    1 
ATOM 1102 C CB   . PHE A 1 72 ? 6.176   5.186   5.703   1.00 0.26 ? 72 PHE A CB   1 
ATOM 1103 C CG   . PHE A 1 72 ? 5.112   4.786   6.694   1.00 0.26 ? 72 PHE A CG   1 
ATOM 1104 C CD1  . PHE A 1 72 ? 3.865   5.421   6.674   1.00 1.23 ? 72 PHE A CD1  1 
ATOM 1105 C CD2  . PHE A 1 72 ? 5.372   3.781   7.633   1.00 1.23 ? 72 PHE A CD2  1 
ATOM 1106 C CE1  . PHE A 1 72 ? 2.877   5.052   7.593   1.00 1.23 ? 72 PHE A CE1  1 
ATOM 1107 C CE2  . PHE A 1 72 ? 4.384   3.411   8.552   1.00 1.25 ? 72 PHE A CE2  1 
ATOM 1108 C CZ   . PHE A 1 72 ? 3.137   4.046   8.532   1.00 0.34 ? 72 PHE A CZ   1 
ATOM 1109 H H    . PHE A 1 72 ? 8.319   6.684   4.694   1.00 0.31 ? 72 PHE A H    1 
ATOM 1110 H HA   . PHE A 1 72 ? 5.664   7.253   5.947   1.00 0.27 ? 72 PHE A HA   1 
ATOM 1111 H HB2  . PHE A 1 72 ? 5.797   5.067   4.698   1.00 0.30 ? 72 PHE A HB2  1 
ATOM 1112 H HB3  . PHE A 1 72 ? 7.047   4.562   5.836   1.00 0.28 ? 72 PHE A HB3  1 
ATOM 1113 H HD1  . PHE A 1 72 ? 3.665   6.197   5.948   1.00 2.14 ? 72 PHE A HD1  1 
ATOM 1114 H HD2  . PHE A 1 72 ? 6.335   3.292   7.648   1.00 2.14 ? 72 PHE A HD2  1 
ATOM 1115 H HE1  . PHE A 1 72 ? 1.914   5.541   7.578   1.00 2.14 ? 72 PHE A HE1  1 
ATOM 1116 H HE2  . PHE A 1 72 ? 4.584   2.636   9.277   1.00 2.16 ? 72 PHE A HE2  1 
ATOM 1117 H HZ   . PHE A 1 72 ? 2.374   3.761   9.241   1.00 0.39 ? 72 PHE A HZ   1 
ATOM 1118 N N    . GLN A 1 73 ? 6.675   7.402   8.234   1.00 0.34 ? 73 GLN A N    1 
ATOM 1119 C CA   . GLN A 1 73 ? 7.338   7.563   9.559   1.00 0.36 ? 73 GLN A CA   1 
ATOM 1120 C C    . GLN A 1 73 ? 8.785   8.016   9.352   1.00 0.36 ? 73 GLN A C    1 
ATOM 1121 O O    . GLN A 1 73 ? 9.686   7.583   10.044  1.00 0.42 ? 73 GLN A O    1 
ATOM 1122 C CB   . GLN A 1 73 ? 7.326   6.225   10.302  1.00 0.35 ? 73 GLN A CB   1 
ATOM 1123 C CG   . GLN A 1 73 ? 7.534   6.468   11.798  1.00 0.38 ? 73 GLN A CG   1 
ATOM 1124 C CD   . GLN A 1 73 ? 7.356   5.152   12.557  1.00 0.58 ? 73 GLN A CD   1 
ATOM 1125 O OE1  . GLN A 1 73 ? 8.114   4.849   13.457  1.00 1.29 ? 73 GLN A OE1  1 
ATOM 1126 N NE2  . GLN A 1 73 ? 6.378   4.350   12.230  1.00 0.56 ? 73 GLN A NE2  1 
ATOM 1127 H H    . GLN A 1 73 ? 5.774   7.760   8.091   1.00 0.44 ? 73 GLN A H    1 
ATOM 1128 H HA   . GLN A 1 73 ? 6.810   8.303   10.140  1.00 0.41 ? 73 GLN A HA   1 
ATOM 1129 H HB2  . GLN A 1 73 ? 6.376   5.736   10.144  1.00 0.37 ? 73 GLN A HB2  1 
ATOM 1130 H HB3  . GLN A 1 73 ? 8.120   5.598   9.926   1.00 0.34 ? 73 GLN A HB3  1 
ATOM 1131 H HG2  . GLN A 1 73 ? 8.531   6.849   11.965  1.00 0.42 ? 73 GLN A HG2  1 
ATOM 1132 H HG3  . GLN A 1 73 ? 6.809   7.186   12.150  1.00 0.49 ? 73 GLN A HG3  1 
ATOM 1133 H HE21 . GLN A 1 73 ? 5.767   4.595   11.505  1.00 1.03 ? 73 GLN A HE21 1 
ATOM 1134 H HE22 . GLN A 1 73 ? 6.256   3.505   12.711  1.00 0.61 ? 73 GLN A HE22 1 
ATOM 1135 N N    . GLY A 1 74 ? 9.016   8.884   8.405   1.00 0.38 ? 74 GLY A N    1 
ATOM 1136 C CA   . GLY A 1 74 ? 10.406  9.361   8.156   1.00 0.40 ? 74 GLY A CA   1 
ATOM 1137 C C    . GLY A 1 74 ? 11.305  8.166   7.834   1.00 0.35 ? 74 GLY A C    1 
ATOM 1138 O O    . GLY A 1 74 ? 12.261  7.889   8.532   1.00 0.43 ? 74 GLY A O    1 
ATOM 1139 H H    . GLY A 1 74 ? 8.277   9.220   7.858   1.00 0.43 ? 74 GLY A H    1 
ATOM 1140 H HA2  . GLY A 1 74 ? 10.407  10.049  7.323   1.00 0.43 ? 74 GLY A HA2  1 
ATOM 1141 H HA3  . GLY A 1 74 ? 10.779  9.860   9.037   1.00 0.44 ? 74 GLY A HA3  1 
ATOM 1142 N N    . GLN A 1 75 ? 11.005  7.453   6.784   1.00 0.29 ? 75 GLN A N    1 
ATOM 1143 C CA   . GLN A 1 75 ? 11.843  6.275   6.420   1.00 0.27 ? 75 GLN A CA   1 
ATOM 1144 C C    . GLN A 1 75 ? 11.460  5.785   5.022   1.00 0.24 ? 75 GLN A C    1 
ATOM 1145 O O    . GLN A 1 75 ? 10.305  5.546   4.732   1.00 0.27 ? 75 GLN A O    1 
ATOM 1146 C CB   . GLN A 1 75 ? 11.611  5.154   7.434   1.00 0.26 ? 75 GLN A CB   1 
ATOM 1147 C CG   . GLN A 1 75 ? 12.459  3.938   7.055   1.00 0.32 ? 75 GLN A CG   1 
ATOM 1148 C CD   . GLN A 1 75 ? 13.890  4.137   7.557   1.00 0.79 ? 75 GLN A CD   1 
ATOM 1149 O OE1  . GLN A 1 75 ? 14.608  4.985   7.064   1.00 1.61 ? 75 GLN A OE1  1 
ATOM 1150 N NE2  . GLN A 1 75 ? 14.339  3.385   8.524   1.00 1.28 ? 75 GLN A NE2  1 
ATOM 1151 H H    . GLN A 1 75 ? 10.229  7.691   6.234   1.00 0.31 ? 75 GLN A H    1 
ATOM 1152 H HA   . GLN A 1 75 ? 12.885  6.559   6.429   1.00 0.32 ? 75 GLN A HA   1 
ATOM 1153 H HB2  . GLN A 1 75 ? 11.891  5.497   8.420   1.00 0.31 ? 75 GLN A HB2  1 
ATOM 1154 H HB3  . GLN A 1 75 ? 10.567  4.876   7.432   1.00 0.27 ? 75 GLN A HB3  1 
ATOM 1155 H HG2  . GLN A 1 75 ? 12.038  3.051   7.506   1.00 0.58 ? 75 GLN A HG2  1 
ATOM 1156 H HG3  . GLN A 1 75 ? 12.469  3.827   5.981   1.00 0.50 ? 75 GLN A HG3  1 
ATOM 1157 H HE21 . GLN A 1 75 ? 13.761  2.700   8.921   1.00 1.84 ? 75 GLN A HE21 1 
ATOM 1158 H HE22 . GLN A 1 75 ? 15.254  3.504   8.853   1.00 1.56 ? 75 GLN A HE22 1 
ATOM 1159 N N    . SER A 1 76 ? 12.421  5.635   4.154   1.00 0.24 ? 76 SER A N    1 
ATOM 1160 C CA   . SER A 1 76 ? 12.115  5.161   2.776   1.00 0.24 ? 76 SER A CA   1 
ATOM 1161 C C    . SER A 1 76 ? 11.268  3.889   2.843   1.00 0.21 ? 76 SER A C    1 
ATOM 1162 O O    . SER A 1 76 ? 11.219  3.216   3.853   1.00 0.25 ? 76 SER A O    1 
ATOM 1163 C CB   . SER A 1 76 ? 13.405  4.868   2.042   1.00 0.27 ? 76 SER A CB   1 
ATOM 1164 O OG   . SER A 1 76 ? 13.166  4.889   0.641   1.00 0.32 ? 76 SER A OG   1 
ATOM 1165 H H    . SER A 1 76 ? 13.346  5.835   4.408   1.00 0.26 ? 76 SER A H    1 
ATOM 1166 H HA   . SER A 1 76 ? 11.584  5.912   2.246   1.00 0.26 ? 76 SER A HA   1 
ATOM 1167 H HB2  . SER A 1 76 ? 14.148  5.605   2.293   1.00 0.37 ? 76 SER A HB2  1 
ATOM 1168 H HB3  . SER A 1 76 ? 13.744  3.904   2.339   1.00 0.30 ? 76 SER A HB3  1 
ATOM 1169 H HG   . SER A 1 76 ? 13.957  4.568   0.201   1.00 1.00 ? 76 SER A HG   1 
ATOM 1170 N N    . LEU A 1 77 ? 10.600  3.556   1.773   1.00 0.18 ? 77 LEU A N    1 
ATOM 1171 C CA   . LEU A 1 77 ? 9.754   2.330   1.771   1.00 0.17 ? 77 LEU A CA   1 
ATOM 1172 C C    . LEU A 1 77 ? 10.086  1.483   0.540   1.00 0.18 ? 77 LEU A C    1 
ATOM 1173 O O    . LEU A 1 77 ? 11.022  1.762   -0.182  1.00 0.22 ? 77 LEU A O    1 
ATOM 1174 C CB   . LEU A 1 77 ? 8.281   2.731   1.730   1.00 0.19 ? 77 LEU A CB   1 
ATOM 1175 C CG   . LEU A 1 77 ? 8.044   3.885   2.701   1.00 0.21 ? 77 LEU A CG   1 
ATOM 1176 C CD1  . LEU A 1 77 ? 6.635   4.441   2.497   1.00 0.22 ? 77 LEU A CD1  1 
ATOM 1177 C CD2  . LEU A 1 77 ? 8.189   3.376   4.136   1.00 0.25 ? 77 LEU A CD2  1 
ATOM 1178 H H    . LEU A 1 77 ? 10.653  4.115   0.971   1.00 0.19 ? 77 LEU A H    1 
ATOM 1179 H HA   . LEU A 1 77 ? 9.945   1.758   2.666   1.00 0.19 ? 77 LEU A HA   1 
ATOM 1180 H HB2  . LEU A 1 77 ? 8.020   3.041   0.728   1.00 0.19 ? 77 LEU A HB2  1 
ATOM 1181 H HB3  . LEU A 1 77 ? 7.669   1.891   2.019   1.00 0.21 ? 77 LEU A HB3  1 
ATOM 1182 H HG   . LEU A 1 77 ? 8.770   4.664   2.519   1.00 0.22 ? 77 LEU A HG   1 
ATOM 1183 H HD11 . LEU A 1 77 ? 6.356   4.337   1.458   1.00 1.05 ? 77 LEU A HD11 1 
ATOM 1184 H HD12 . LEU A 1 77 ? 5.939   3.893   3.114   1.00 1.00 ? 77 LEU A HD12 1 
ATOM 1185 H HD13 . LEU A 1 77 ? 6.618   5.485   2.772   1.00 1.03 ? 77 LEU A HD13 1 
ATOM 1186 H HD21 . LEU A 1 77 ? 8.748   2.451   4.134   1.00 0.91 ? 77 LEU A HD21 1 
ATOM 1187 H HD22 . LEU A 1 77 ? 8.712   4.112   4.728   1.00 1.00 ? 77 LEU A HD22 1 
ATOM 1188 H HD23 . LEU A 1 77 ? 7.210   3.203   4.557   1.00 1.01 ? 77 LEU A HD23 1 
ATOM 1189 N N    . LYS A 1 78 ? 9.324   0.452   0.291   1.00 0.17 ? 78 LYS A N    1 
ATOM 1190 C CA   . LYS A 1 78 ? 9.599   -0.406  -0.896  1.00 0.18 ? 78 LYS A CA   1 
ATOM 1191 C C    . LYS A 1 78 ? 8.343   -1.205  -1.252  1.00 0.18 ? 78 LYS A C    1 
ATOM 1192 O O    . LYS A 1 78 ? 8.086   -2.253  -0.696  1.00 0.19 ? 78 LYS A O    1 
ATOM 1193 C CB   . LYS A 1 78 ? 10.740  -1.372  -0.574  1.00 0.22 ? 78 LYS A CB   1 
ATOM 1194 C CG   . LYS A 1 78 ? 10.758  -2.502  -1.606  1.00 0.26 ? 78 LYS A CG   1 
ATOM 1195 C CD   . LYS A 1 78 ? 12.199  -2.776  -2.037  1.00 0.62 ? 78 LYS A CD   1 
ATOM 1196 C CE   . LYS A 1 78 ? 12.381  -2.368  -3.500  1.00 1.40 ? 78 LYS A CE   1 
ATOM 1197 N NZ   . LYS A 1 78 ? 13.804  -2.567  -3.897  1.00 1.88 ? 78 LYS A NZ   1 
ATOM 1198 H H    . LYS A 1 78 ? 8.572   0.243   0.884   1.00 0.19 ? 78 LYS A H    1 
ATOM 1199 H HA   . LYS A 1 78 ? 9.878   0.217   -1.732  1.00 0.19 ? 78 LYS A HA   1 
ATOM 1200 H HB2  . LYS A 1 78 ? 11.680  -0.841  -0.603  1.00 0.24 ? 78 LYS A HB2  1 
ATOM 1201 H HB3  . LYS A 1 78 ? 10.591  -1.790  0.411   1.00 0.23 ? 78 LYS A HB3  1 
ATOM 1202 H HG2  . LYS A 1 78 ? 10.335  -3.394  -1.170  1.00 0.37 ? 78 LYS A HG2  1 
ATOM 1203 H HG3  . LYS A 1 78 ? 10.176  -2.211  -2.467  1.00 0.47 ? 78 LYS A HG3  1 
ATOM 1204 H HD2  . LYS A 1 78 ? 12.875  -2.206  -1.416  1.00 1.21 ? 78 LYS A HD2  1 
ATOM 1205 H HD3  . LYS A 1 78 ? 12.413  -3.829  -1.930  1.00 1.32 ? 78 LYS A HD3  1 
ATOM 1206 H HE2  . LYS A 1 78 ? 11.744  -2.976  -4.125  1.00 2.07 ? 78 LYS A HE2  1 
ATOM 1207 H HE3  . LYS A 1 78 ? 12.116  -1.329  -3.620  1.00 1.99 ? 78 LYS A HE3  1 
ATOM 1208 H HZ1  . LYS A 1 78 ? 14.289  -3.136  -3.175  1.00 2.31 ? 78 LYS A HZ1  1 
ATOM 1209 H HZ2  . LYS A 1 78 ? 13.844  -3.062  -4.810  1.00 2.11 ? 78 LYS A HZ2  1 
ATOM 1210 H HZ3  . LYS A 1 78 ? 14.272  -1.641  -3.982  1.00 2.40 ? 78 LYS A HZ3  1 
ATOM 1211 N N    . ILE A 1 79 ? 7.560   -0.722  -2.177  1.00 0.20 ? 79 ILE A N    1 
ATOM 1212 C CA   . ILE A 1 79 ? 6.325   -1.460  -2.561  1.00 0.22 ? 79 ILE A CA   1 
ATOM 1213 C C    . ILE A 1 79 ? 6.688   -2.604  -3.511  1.00 0.25 ? 79 ILE A C    1 
ATOM 1214 O O    . ILE A 1 79 ? 7.639   -2.521  -4.262  1.00 0.32 ? 79 ILE A O    1 
ATOM 1215 C CB   . ILE A 1 79 ? 5.358   -0.505  -3.255  1.00 0.27 ? 79 ILE A CB   1 
ATOM 1216 C CG1  . ILE A 1 79 ? 4.825   0.499   -2.232  1.00 0.30 ? 79 ILE A CG1  1 
ATOM 1217 C CG2  . ILE A 1 79 ? 4.191   -1.303  -3.838  1.00 0.28 ? 79 ILE A CG2  1 
ATOM 1218 C CD1  . ILE A 1 79 ? 3.383   0.858   -2.579  1.00 0.81 ? 79 ILE A CD1  1 
ATOM 1219 H H    . ILE A 1 79 ? 7.783   0.125   -2.618  1.00 0.22 ? 79 ILE A H    1 
ATOM 1220 H HA   . ILE A 1 79 ? 5.854   -1.859  -1.676  1.00 0.21 ? 79 ILE A HA   1 
ATOM 1221 H HB   . ILE A 1 79 ? 5.871   0.019   -4.048  1.00 0.31 ? 79 ILE A HB   1 
ATOM 1222 H HG12 . ILE A 1 79 ? 4.861   0.060   -1.245  1.00 0.78 ? 79 ILE A HG12 1 
ATOM 1223 H HG13 . ILE A 1 79 ? 5.431   1.391   -2.251  1.00 0.85 ? 79 ILE A HG13 1 
ATOM 1224 H HG21 . ILE A 1 79 ? 4.574   -2.115  -4.437  1.00 1.09 ? 79 ILE A HG21 1 
ATOM 1225 H HG22 . ILE A 1 79 ? 3.592   -1.702  -3.032  1.00 0.95 ? 79 ILE A HG22 1 
ATOM 1226 H HG23 . ILE A 1 79 ? 3.583   -0.656  -4.452  1.00 1.04 ? 79 ILE A HG23 1 
ATOM 1227 H HD11 . ILE A 1 79 ? 3.280   0.927   -3.652  1.00 1.49 ? 79 ILE A HD11 1 
ATOM 1228 H HD12 . ILE A 1 79 ? 2.723   0.092   -2.203  1.00 1.35 ? 79 ILE A HD12 1 
ATOM 1229 H HD13 . ILE A 1 79 ? 3.131   1.807   -2.130  1.00 1.38 ? 79 ILE A HD13 1 
ATOM 1230 N N    . ARG A 1 80 ? 5.941   -3.676  -3.481  1.00 0.31 ? 80 ARG A N    1 
ATOM 1231 C CA   . ARG A 1 80 ? 6.250   -4.823  -4.383  1.00 0.36 ? 80 ARG A CA   1 
ATOM 1232 C C    . ARG A 1 80 ? 4.982   -5.253  -5.124  1.00 0.44 ? 80 ARG A C    1 
ATOM 1233 O O    . ARG A 1 80 ? 3.931   -4.660  -4.975  1.00 0.69 ? 80 ARG A O    1 
ATOM 1234 C CB   . ARG A 1 80 ? 6.773   -5.999  -3.554  1.00 0.36 ? 80 ARG A CB   1 
ATOM 1235 C CG   . ARG A 1 80 ? 8.192   -5.697  -3.072  1.00 0.51 ? 80 ARG A CG   1 
ATOM 1236 C CD   . ARG A 1 80 ? 9.131   -6.820  -3.517  1.00 1.13 ? 80 ARG A CD   1 
ATOM 1237 N NE   . ARG A 1 80 ? 10.367  -6.231  -4.103  1.00 1.46 ? 80 ARG A NE   1 
ATOM 1238 C CZ   . ARG A 1 80 ? 11.297  -7.009  -4.587  1.00 1.78 ? 80 ARG A CZ   1 
ATOM 1239 N NH1  . ARG A 1 80 ? 11.019  -8.247  -4.891  1.00 2.43 ? 80 ARG A NH1  1 
ATOM 1240 N NH2  . ARG A 1 80 ? 12.505  -6.549  -4.765  1.00 2.24 ? 80 ARG A NH2  1 
ATOM 1241 H H    . ARG A 1 80 ? 5.179   -3.726  -2.868  1.00 0.37 ? 80 ARG A H    1 
ATOM 1242 H HA   . ARG A 1 80 ? 7.002   -4.525  -5.099  1.00 0.47 ? 80 ARG A HA   1 
ATOM 1243 H HB2  . ARG A 1 80 ? 6.126   -6.154  -2.701  1.00 0.38 ? 80 ARG A HB2  1 
ATOM 1244 H HB3  . ARG A 1 80 ? 6.783   -6.891  -4.163  1.00 0.44 ? 80 ARG A HB3  1 
ATOM 1245 H HG2  . ARG A 1 80 ? 8.524   -4.759  -3.493  1.00 0.89 ? 80 ARG A HG2  1 
ATOM 1246 H HG3  . ARG A 1 80 ? 8.200   -5.631  -1.995  1.00 0.69 ? 80 ARG A HG3  1 
ATOM 1247 H HD2  . ARG A 1 80 ? 9.392   -7.430  -2.665  1.00 1.83 ? 80 ARG A HD2  1 
ATOM 1248 H HD3  . ARG A 1 80 ? 8.636   -7.430  -4.259  1.00 1.78 ? 80 ARG A HD3  1 
ATOM 1249 H HE   . ARG A 1 80 ? 10.483  -5.257  -4.126  1.00 2.10 ? 80 ARG A HE   1 
ATOM 1250 H HH11 . ARG A 1 80 ? 10.093  -8.600  -4.753  1.00 2.85 ? 80 ARG A HH11 1 
ATOM 1251 H HH12 . ARG A 1 80 ? 11.731  -8.843  -5.260  1.00 2.86 ? 80 ARG A HH12 1 
ATOM 1252 H HH21 . ARG A 1 80 ? 12.719  -5.601  -4.532  1.00 2.49 ? 80 ARG A HH21 1 
ATOM 1253 H HH22 . ARG A 1 80 ? 13.218  -7.146  -5.135  1.00 2.78 ? 80 ARG A HH22 1 
ATOM 1254 N N    . ARG A 1 81 ? 5.074   -6.282  -5.922  1.00 0.60 ? 81 ARG A N    1 
ATOM 1255 C CA   . ARG A 1 81 ? 3.878   -6.756  -6.673  1.00 0.78 ? 81 ARG A CA   1 
ATOM 1256 C C    . ARG A 1 81 ? 3.534   -8.183  -6.232  1.00 0.92 ? 81 ARG A C    1 
ATOM 1257 O O    . ARG A 1 81 ? 4.090   -9.136  -6.739  1.00 1.27 ? 81 ARG A O    1 
ATOM 1258 C CB   . ARG A 1 81 ? 4.184   -6.748  -8.172  1.00 0.99 ? 81 ARG A CB   1 
ATOM 1259 C CG   . ARG A 1 81 ? 4.195   -5.306  -8.685  1.00 1.80 ? 81 ARG A CG   1 
ATOM 1260 C CD   . ARG A 1 81 ? 3.679   -5.272  -10.124 1.00 2.17 ? 81 ARG A CD   1 
ATOM 1261 N NE   . ARG A 1 81 ? 4.823   -5.068  -11.057 1.00 2.94 ? 81 ARG A NE   1 
ATOM 1262 C CZ   . ARG A 1 81 ? 4.787   -5.581  -12.257 1.00 3.52 ? 81 ARG A CZ   1 
ATOM 1263 N NH1  . ARG A 1 81 ? 3.827   -5.254  -13.078 1.00 4.02 ? 81 ARG A NH1  1 
ATOM 1264 N NH2  . ARG A 1 81 ? 5.711   -6.421  -12.634 1.00 4.07 ? 81 ARG A NH2  1 
ATOM 1265 H H    . ARG A 1 81 ? 5.931   -6.745  -6.025  1.00 0.79 ? 81 ARG A H    1 
ATOM 1266 H HA   . ARG A 1 81 ? 3.043   -6.102  -6.473  1.00 0.80 ? 81 ARG A HA   1 
ATOM 1267 H HB2  . ARG A 1 81 ? 5.151   -7.199  -8.344  1.00 1.43 ? 81 ARG A HB2  1 
ATOM 1268 H HB3  . ARG A 1 81 ? 3.426   -7.309  -8.698  1.00 1.48 ? 81 ARG A HB3  1 
ATOM 1269 H HG2  . ARG A 1 81 ? 3.558   -4.698  -8.058  1.00 2.36 ? 81 ARG A HG2  1 
ATOM 1270 H HG3  . ARG A 1 81 ? 5.203   -4.921  -8.656  1.00 2.38 ? 81 ARG A HG3  1 
ATOM 1271 H HD2  . ARG A 1 81 ? 3.191   -6.208  -10.354 1.00 2.30 ? 81 ARG A HD2  1 
ATOM 1272 H HD3  . ARG A 1 81 ? 2.974   -4.462  -10.236 1.00 2.54 ? 81 ARG A HD3  1 
ATOM 1273 H HE   . ARG A 1 81 ? 5.602   -4.547  -10.770 1.00 3.37 ? 81 ARG A HE   1 
ATOM 1274 H HH11 . ARG A 1 81 ? 3.118   -4.610  -12.788 1.00 4.07 ? 81 ARG A HH11 1 
ATOM 1275 H HH12 . ARG A 1 81 ? 3.799   -5.647  -13.996 1.00 4.60 ? 81 ARG A HH12 1 
ATOM 1276 H HH21 . ARG A 1 81 ? 6.446   -6.673  -12.005 1.00 4.14 ? 81 ARG A HH21 1 
ATOM 1277 H HH22 . ARG A 1 81 ? 5.682   -6.815  -13.553 1.00 4.68 ? 81 ARG A HH22 1 
ATOM 1278 N N    . PRO A 1 82 ? 2.626   -8.282  -5.297  1.00 0.86 ? 82 PRO A N    1 
ATOM 1279 C CA   . PRO A 1 82 ? 2.181   -9.579  -4.757  1.00 1.04 ? 82 PRO A CA   1 
ATOM 1280 C C    . PRO A 1 82 ? 1.220   -10.265 -5.732  1.00 1.15 ? 82 PRO A C    1 
ATOM 1281 O O    . PRO A 1 82 ? 0.152   -10.708 -5.358  1.00 1.59 ? 82 PRO A O    1 
ATOM 1282 C CB   . PRO A 1 82 ? 1.465   -9.198  -3.458  1.00 1.17 ? 82 PRO A CB   1 
ATOM 1283 C CG   . PRO A 1 82 ? 1.047   -7.716  -3.610  1.00 1.23 ? 82 PRO A CG   1 
ATOM 1284 C CD   . PRO A 1 82 ? 1.960   -7.112  -4.693  1.00 0.96 ? 82 PRO A CD   1 
ATOM 1285 H HA   . PRO A 1 82 ? 3.025   -10.212 -4.540  1.00 1.31 ? 82 PRO A HA   1 
ATOM 1286 H HB2  . PRO A 1 82 ? 0.591   -9.822  -3.320  1.00 1.22 ? 82 PRO A HB2  1 
ATOM 1287 H HB3  . PRO A 1 82 ? 2.134   -9.304  -2.620  1.00 1.46 ? 82 PRO A HB3  1 
ATOM 1288 H HG2  . PRO A 1 82 ? 0.013   -7.654  -3.916  1.00 1.35 ? 82 PRO A HG2  1 
ATOM 1289 H HG3  . PRO A 1 82 ? 1.192   -7.193  -2.677  1.00 1.56 ? 82 PRO A HG3  1 
ATOM 1290 H HD2  . PRO A 1 82 ? 1.371   -6.585  -5.432  1.00 1.04 ? 82 PRO A HD2  1 
ATOM 1291 H HD3  . PRO A 1 82 ? 2.691   -6.454  -4.250  1.00 1.10 ? 82 PRO A HD3  1 
ATOM 1292 N N    . HIS A 1 83 ? 1.592   -10.360 -6.979  1.00 1.66 ? 83 HIS A N    1 
ATOM 1293 C CA   . HIS A 1 83 ? 0.700   -11.019 -7.976  1.00 1.99 ? 83 HIS A CA   1 
ATOM 1294 C C    . HIS A 1 83 ? 1.494   -12.062 -8.767  1.00 2.30 ? 83 HIS A C    1 
ATOM 1295 O O    . HIS A 1 83 ? 0.964   -13.079 -9.169  1.00 2.92 ? 83 HIS A O    1 
ATOM 1296 C CB   . HIS A 1 83 ? 0.141   -9.968  -8.937  1.00 2.79 ? 83 HIS A CB   1 
ATOM 1297 C CG   . HIS A 1 83 ? -1.054  -10.534 -9.656  1.00 3.43 ? 83 HIS A CG   1 
ATOM 1298 N ND1  . HIS A 1 83 ? -2.351  -10.157 -9.345  1.00 4.23 ? 83 HIS A ND1  1 
ATOM 1299 C CD2  . HIS A 1 83 ? -1.162  -11.452 -10.671 1.00 4.02 ? 83 HIS A CD2  1 
ATOM 1300 C CE1  . HIS A 1 83 ? -3.178  -10.839 -10.159 1.00 5.06 ? 83 HIS A CE1  1 
ATOM 1301 N NE2  . HIS A 1 83 ? -2.504  -11.642 -10.988 1.00 5.01 ? 83 HIS A NE2  1 
ATOM 1302 H H    . HIS A 1 83 ? 2.457   -9.997  -7.260  1.00 2.18 ? 83 HIS A H    1 
ATOM 1303 H HA   . HIS A 1 83 ? -0.116  -11.505 -7.460  1.00 2.15 ? 83 HIS A HA   1 
ATOM 1304 H HB2  . HIS A 1 83 ? -0.155  -9.093  -8.379  1.00 3.18 ? 83 HIS A HB2  1 
ATOM 1305 H HB3  . HIS A 1 83 ? 0.900   -9.699  -9.656  1.00 3.17 ? 83 HIS A HB3  1 
ATOM 1306 H HD1  . HIS A 1 83 ? -2.617  -9.512  -8.658  1.00 4.46 ? 83 HIS A HD1  1 
ATOM 1307 H HD2  . HIS A 1 83 ? -0.334  -11.950 -11.152 1.00 4.07 ? 83 HIS A HD2  1 
ATOM 1308 H HE1  . HIS A 1 83 ? -4.254  -10.748 -10.145 1.00 5.91 ? 83 HIS A HE1  1 
ATOM 1309 N N    . ASP A 1 84 ? 2.758   -11.815 -8.993  1.00 2.60 ? 84 ASP A N    1 
ATOM 1310 C CA   . ASP A 1 84 ? 3.592   -12.787 -9.761  1.00 3.38 ? 84 ASP A CA   1 
ATOM 1311 C C    . ASP A 1 84 ? 2.786   -13.344 -10.936 1.00 3.48 ? 84 ASP A C    1 
ATOM 1312 O O    . ASP A 1 84 ? 2.621   -14.539 -11.077 1.00 3.87 ? 84 ASP A O    1 
ATOM 1313 C CB   . ASP A 1 84 ? 4.023   -13.935 -8.843  1.00 4.26 ? 84 ASP A CB   1 
ATOM 1314 C CG   . ASP A 1 84 ? 2.824   -14.423 -8.028  1.00 4.98 ? 84 ASP A CG   1 
ATOM 1315 O OD1  . ASP A 1 84 ? 1.996   -15.121 -8.589  1.00 5.32 ? 84 ASP A OD1  1 
ATOM 1316 O OD2  . ASP A 1 84 ? 2.754   -14.090 -6.856  1.00 5.55 ? 84 ASP A OD2  1 
ATOM 1317 H H    . ASP A 1 84 ? 3.161   -10.987 -8.660  1.00 2.72 ? 84 ASP A H    1 
ATOM 1318 H HA   . ASP A 1 84 ? 4.470   -12.283 -10.138 1.00 3.80 ? 84 ASP A HA   1 
ATOM 1319 H HB2  . ASP A 1 84 ? 4.405   -14.749 -9.442  1.00 4.23 ? 84 ASP A HB2  1 
ATOM 1320 H HB3  . ASP A 1 84 ? 4.795   -13.590 -8.172  1.00 4.88 ? 84 ASP A HB3  1 
ATOM 1321 N N    . TYR A 1 85 ? 2.281   -12.485 -11.779 1.00 3.70 ? 85 TYR A N    1 
ATOM 1322 C CA   . TYR A 1 85 ? 1.485   -12.963 -12.943 1.00 4.28 ? 85 TYR A CA   1 
ATOM 1323 C C    . TYR A 1 85 ? 2.428   -13.468 -14.037 1.00 4.05 ? 85 TYR A C    1 
ATOM 1324 O O    . TYR A 1 85 ? 3.593   -13.127 -14.071 1.00 4.46 ? 85 TYR A O    1 
ATOM 1325 C CB   . TYR A 1 85 ? 0.642   -11.809 -13.491 1.00 5.06 ? 85 TYR A CB   1 
ATOM 1326 C CG   . TYR A 1 85 ? 1.438   -11.052 -14.527 1.00 5.68 ? 85 TYR A CG   1 
ATOM 1327 C CD1  . TYR A 1 85 ? 2.731   -10.603 -14.227 1.00 6.37 ? 85 TYR A CD1  1 
ATOM 1328 C CD2  . TYR A 1 85 ? 0.884   -10.796 -15.786 1.00 5.97 ? 85 TYR A CD2  1 
ATOM 1329 C CE1  . TYR A 1 85 ? 3.468   -9.900  -15.187 1.00 7.21 ? 85 TYR A CE1  1 
ATOM 1330 C CE2  . TYR A 1 85 ? 1.621   -10.094 -16.747 1.00 6.86 ? 85 TYR A CE2  1 
ATOM 1331 C CZ   . TYR A 1 85 ? 2.913   -9.646  -16.447 1.00 7.41 ? 85 TYR A CZ   1 
ATOM 1332 O OH   . TYR A 1 85 ? 3.640   -8.954  -17.394 1.00 8.43 ? 85 TYR A OH   1 
ATOM 1333 H H    . TYR A 1 85 ? 2.426   -11.524 -11.645 1.00 3.85 ? 85 TYR A H    1 
ATOM 1334 H HA   . TYR A 1 85 ? 0.834   -13.765 -12.630 1.00 4.73 ? 85 TYR A HA   1 
ATOM 1335 H HB2  . TYR A 1 85 ? -0.256  -12.202 -13.944 1.00 5.57 ? 85 TYR A HB2  1 
ATOM 1336 H HB3  . TYR A 1 85 ? 0.376   -11.142 -12.684 1.00 5.07 ? 85 TYR A HB3  1 
ATOM 1337 H HD1  . TYR A 1 85 ? 3.159   -10.799 -13.254 1.00 6.49 ? 85 TYR A HD1  1 
ATOM 1338 H HD2  . TYR A 1 85 ? -0.112  -11.142 -16.017 1.00 5.78 ? 85 TYR A HD2  1 
ATOM 1339 H HE1  . TYR A 1 85 ? 4.464   -9.555  -14.956 1.00 7.89 ? 85 TYR A HE1  1 
ATOM 1340 H HE2  . TYR A 1 85 ? 1.193   -9.897  -17.719 1.00 7.31 ? 85 TYR A HE2  1 
ATOM 1341 H HH   . TYR A 1 85 ? 3.551   -9.414  -18.232 1.00 8.68 ? 85 TYR A HH   1 
ATOM 1342 N N    . GLN A 1 86 ? 1.932   -14.279 -14.931 1.00 3.85 ? 86 GLN A N    1 
ATOM 1343 C CA   . GLN A 1 86 ? 2.800   -14.805 -16.021 1.00 3.98 ? 86 GLN A CA   1 
ATOM 1344 C C    . GLN A 1 86 ? 4.134   -15.272 -15.433 1.00 3.87 ? 86 GLN A C    1 
ATOM 1345 O O    . GLN A 1 86 ? 5.063   -14.498 -15.315 1.00 4.09 ? 86 GLN A O    1 
ATOM 1346 C CB   . GLN A 1 86 ? 3.053   -13.699 -17.047 1.00 4.62 ? 86 GLN A CB   1 
ATOM 1347 C CG   . GLN A 1 86 ? 1.802   -13.502 -17.907 1.00 5.20 ? 86 GLN A CG   1 
ATOM 1348 C CD   . GLN A 1 86 ? 2.048   -12.385 -18.923 1.00 5.98 ? 86 GLN A CD   1 
ATOM 1349 O OE1  . GLN A 1 86 ? 2.843   -11.498 -18.686 1.00 6.28 ? 86 GLN A OE1  1 
ATOM 1350 N NE2  . GLN A 1 86 ? 1.394   -12.392 -20.051 1.00 6.65 ? 86 GLN A NE2  1 
ATOM 1351 H H    . GLN A 1 86 ? 0.989   -14.542 -14.886 1.00 3.94 ? 86 GLN A H    1 
ATOM 1352 H HA   . GLN A 1 86 ? 2.307   -15.636 -16.504 1.00 4.20 ? 86 GLN A HA   1 
ATOM 1353 H HB2  . GLN A 1 86 ? 3.287   -12.777 -16.533 1.00 4.88 ? 86 GLN A HB2  1 
ATOM 1354 H HB3  . GLN A 1 86 ? 3.881   -13.977 -17.681 1.00 4.86 ? 86 GLN A HB3  1 
ATOM 1355 H HG2  . GLN A 1 86 ? 1.576   -14.421 -18.427 1.00 5.35 ? 86 GLN A HG2  1 
ATOM 1356 H HG3  . GLN A 1 86 ? 0.970   -13.233 -17.273 1.00 5.32 ? 86 GLN A HG3  1 
ATOM 1357 H HE21 . GLN A 1 86 ? 0.752   -13.108 -20.242 1.00 6.66 ? 86 GLN A HE21 1 
ATOM 1358 H HE22 . GLN A 1 86 ? 1.545   -11.681 -20.709 1.00 7.31 ? 86 GLN A HE22 1 
ATOM 1359 N N    . PRO A 1 87 ? 4.182   -16.529 -15.082 1.00 4.02 ? 87 PRO A N    1 
ATOM 1360 C CA   . PRO A 1 87 ? 5.383   -17.149 -14.499 1.00 4.36 ? 87 PRO A CA   1 
ATOM 1361 C C    . PRO A 1 87 ? 6.415   -17.448 -15.591 1.00 4.54 ? 87 PRO A C    1 
ATOM 1362 O O    . PRO A 1 87 ? 6.372   -18.479 -16.232 1.00 4.82 ? 87 PRO A O    1 
ATOM 1363 C CB   . PRO A 1 87 ? 4.852   -18.444 -13.878 1.00 5.00 ? 87 PRO A CB   1 
ATOM 1364 C CG   . PRO A 1 87 ? 3.529   -18.769 -14.612 1.00 5.09 ? 87 PRO A CG   1 
ATOM 1365 C CD   . PRO A 1 87 ? 3.038   -17.449 -15.237 1.00 4.42 ? 87 PRO A CD   1 
ATOM 1366 H HA   . PRO A 1 87 ? 5.807   -16.519 -13.734 1.00 4.49 ? 87 PRO A HA   1 
ATOM 1367 H HB2  . PRO A 1 87 ? 5.567   -19.244 -14.022 1.00 5.42 ? 87 PRO A HB2  1 
ATOM 1368 H HB3  . PRO A 1 87 ? 4.659   -18.302 -12.827 1.00 5.31 ? 87 PRO A HB3  1 
ATOM 1369 H HG2  . PRO A 1 87 ? 3.706   -19.504 -15.384 1.00 5.47 ? 87 PRO A HG2  1 
ATOM 1370 H HG3  . PRO A 1 87 ? 2.796   -19.135 -13.910 1.00 5.57 ? 87 PRO A HG3  1 
ATOM 1371 H HD2  . PRO A 1 87 ? 2.802   -17.591 -16.282 1.00 4.59 ? 87 PRO A HD2  1 
ATOM 1372 H HD3  . PRO A 1 87 ? 2.181   -17.071 -14.700 1.00 4.51 ? 87 PRO A HD3  1 
ATOM 1373 N N    . LEU A 1 88 ? 7.340   -16.551 -15.806 1.00 4.81 ? 88 LEU A N    1 
ATOM 1374 C CA   . LEU A 1 88 ? 8.375   -16.776 -16.856 1.00 5.34 ? 88 LEU A CA   1 
ATOM 1375 C C    . LEU A 1 88 ? 8.863   -18.228 -16.796 1.00 5.74 ? 88 LEU A C    1 
ATOM 1376 O O    . LEU A 1 88 ? 9.649   -18.579 -15.937 1.00 6.03 ? 88 LEU A O    1 
ATOM 1377 C CB   . LEU A 1 88 ? 9.557   -15.837 -16.608 1.00 6.00 ? 88 LEU A CB   1 
ATOM 1378 C CG   . LEU A 1 88 ? 10.505  -15.881 -17.807 1.00 6.63 ? 88 LEU A CG   1 
ATOM 1379 C CD1  . LEU A 1 88 ? 10.531  -14.514 -18.490 1.00 7.02 ? 88 LEU A CD1  1 
ATOM 1380 C CD2  . LEU A 1 88 ? 11.915  -16.239 -17.329 1.00 7.39 ? 88 LEU A CD2  1 
ATOM 1381 H H    . LEU A 1 88 ? 7.353   -15.728 -15.275 1.00 4.93 ? 88 LEU A H    1 
ATOM 1382 H HA   . LEU A 1 88 ? 7.953   -16.570 -17.826 1.00 5.38 ? 88 LEU A HA   1 
ATOM 1383 H HB2  . LEU A 1 88 ? 9.194   -14.829 -16.473 1.00 6.00 ? 88 LEU A HB2  1 
ATOM 1384 H HB3  . LEU A 1 88 ? 10.087  -16.150 -15.721 1.00 6.41 ? 88 LEU A HB3  1 
ATOM 1385 H HG   . LEU A 1 88 ? 10.161  -16.628 -18.509 1.00 6.65 ? 88 LEU A HG   1 
ATOM 1386 H HD11 . LEU A 1 88 ? 10.569  -13.738 -17.739 1.00 7.38 ? 88 LEU A HD11 1 
ATOM 1387 H HD12 . LEU A 1 88 ? 11.404  -14.444 -19.123 1.00 7.17 ? 88 LEU A HD12 1 
ATOM 1388 H HD13 . LEU A 1 88 ? 9.641   -14.393 -19.090 1.00 7.13 ? 88 LEU A HD13 1 
ATOM 1389 H HD21 . LEU A 1 88 ? 12.144  -15.677 -16.435 1.00 7.62 ? 88 LEU A HD21 1 
ATOM 1390 H HD22 . LEU A 1 88 ? 11.965  -17.296 -17.113 1.00 7.65 ? 88 LEU A HD22 1 
ATOM 1391 H HD23 . LEU A 1 88 ? 12.629  -15.995 -18.101 1.00 7.74 ? 88 LEU A HD23 1 
ATOM 1392 N N    . PRO A 1 89 ? 8.384   -19.031 -17.713 1.00 6.11 ? 89 PRO A N    1 
ATOM 1393 C CA   . PRO A 1 89 ? 8.757   -20.455 -17.793 1.00 6.84 ? 89 PRO A CA   1 
ATOM 1394 C C    . PRO A 1 89 ? 10.135  -20.610 -18.441 1.00 7.28 ? 89 PRO A C    1 
ATOM 1395 O O    . PRO A 1 89 ? 10.703  -19.664 -18.948 1.00 7.61 ? 89 PRO A O    1 
ATOM 1396 C CB   . PRO A 1 89 ? 7.665   -21.062 -18.679 1.00 7.35 ? 89 PRO A CB   1 
ATOM 1397 C CG   . PRO A 1 89 ? 7.077   -19.895 -19.507 1.00 7.06 ? 89 PRO A CG   1 
ATOM 1398 C CD   . PRO A 1 89 ? 7.430   -18.598 -18.754 1.00 6.23 ? 89 PRO A CD   1 
ATOM 1399 H HA   . PRO A 1 89 ? 8.736   -20.912 -16.817 1.00 7.02 ? 89 PRO A HA   1 
ATOM 1400 H HB2  . PRO A 1 89 ? 8.095   -21.808 -19.335 1.00 7.94 ? 89 PRO A HB2  1 
ATOM 1401 H HB3  . PRO A 1 89 ? 6.893   -21.501 -18.069 1.00 7.59 ? 89 PRO A HB3  1 
ATOM 1402 H HG2  . PRO A 1 89 ? 7.517   -19.884 -20.495 1.00 7.42 ? 89 PRO A HG2  1 
ATOM 1403 H HG3  . PRO A 1 89 ? 6.005   -19.994 -19.579 1.00 7.37 ? 89 PRO A HG3  1 
ATOM 1404 H HD2  . PRO A 1 89 ? 7.894   -17.888 -19.425 1.00 6.24 ? 89 PRO A HD2  1 
ATOM 1405 H HD3  . PRO A 1 89 ? 6.550   -18.172 -18.299 1.00 6.10 ? 89 PRO A HD3  1 
ATOM 1406 N N    . GLY A 1 90 ? 10.678  -21.798 -18.428 1.00 7.61 ? 90 GLY A N    1 
ATOM 1407 C CA   . GLY A 1 90 ? 12.019  -22.011 -19.044 1.00 8.37 ? 90 GLY A CA   1 
ATOM 1408 C C    . GLY A 1 90 ? 12.851  -22.936 -18.153 1.00 8.94 ? 90 GLY A C    1 
ATOM 1409 O O    . GLY A 1 90 ? 14.056  -22.759 -18.112 1.00 9.30 ? 90 GLY A O    1 
ATOM 1410 O OXT  . GLY A 1 90 ? 12.266  -23.806 -17.527 1.00 9.21 ? 90 GLY A OXT  1 
ATOM 1411 H H    . GLY A 1 90 ? 10.203  -22.549 -18.014 1.00 7.56 ? 90 GLY A H    1 
ATOM 1412 H HA2  . GLY A 1 90 ? 11.898  -22.460 -20.020 1.00 8.69 ? 90 GLY A HA2  1 
ATOM 1413 H HA3  . GLY A 1 90 ? 12.525  -21.063 -19.143 1.00 8.48 ? 90 GLY A HA3  1 
# 
